data_3OCF
#
_entry.id   3OCF
#
_cell.length_a   86.230
_cell.length_b   86.460
_cell.length_c   105.160
_cell.angle_alpha   90.000
_cell.angle_beta   91.910
_cell.angle_gamma   90.000
#
_symmetry.space_group_name_H-M   'P 1 21 1'
#
loop_
_entity.id
_entity.type
_entity.pdbx_description
1 polymer 'Fumarate lyase:Delta crystallin'
2 non-polymer 'CHLORIDE ION'
3 non-polymer 1,2-ETHANEDIOL
4 water water
#
_entity_poly.entity_id   1
_entity_poly.type   'polypeptide(L)'
_entity_poly.pdbx_seq_one_letter_code
;MAHHHHHHMGTLEAQTQGPGSMTRREQDSLGERDIPMDAYFGIQTLRAVENFSLSDVALNHIPALVRALAMVKKAAATAN
YKLRQLPEPKYAAIVAACDDIIDGLLMEQFVVDVFQGGAGTSSNMNANEVIANRALEHLGRPRGDYQTIHPNDDVNMSQS
TNDVYPTAVRLALLLSQNQVQTALHRLIAAFEAKGREFATVIKIGRTQLQDAVPITLGQEFEAFAATLREDTARLEEVAA
LFREVNLGGTAIGTRINASHAYAEQAIVELSQISGIELKATGNLVEASWDTGAFVTFSGILRRIAVKLSKIANDLRLLSS
GPRSGLGEIRLPAVQPGSSIMPGKVNPVIPESVNQVCYQVIGNDLTVTMAAESGQLQLNAFEPLIVYNILSSMRLLGRAM
TNLAERCVDGIEANVERCRAGAEESISLATALVPVVGYARAAEIAKQALASGQTVMEVAISKGLDASALTIMLDPLRM
;
_entity_poly.pdbx_strand_id   A,B,C,D
#
loop_
_chem_comp.id
_chem_comp.type
_chem_comp.name
_chem_comp.formula
CL non-polymer 'CHLORIDE ION' 'Cl -1'
EDO non-polymer 1,2-ETHANEDIOL 'C2 H6 O2'
#
# COMPACT_ATOMS: atom_id res chain seq x y z
N THR A 23 14.42 45.45 7.00
CA THR A 23 14.49 44.37 8.03
C THR A 23 14.60 44.88 9.47
N ARG A 24 14.25 44.03 10.42
CA ARG A 24 14.45 44.24 11.83
C ARG A 24 15.23 43.06 12.40
N ARG A 25 15.99 43.27 13.48
CA ARG A 25 16.77 42.19 14.06
C ARG A 25 16.05 41.56 15.25
N GLU A 26 15.86 40.24 15.20
CA GLU A 26 15.35 39.52 16.36
C GLU A 26 16.39 38.56 16.93
N GLN A 27 16.10 38.04 18.11
CA GLN A 27 16.95 37.12 18.82
C GLN A 27 16.12 35.96 19.41
N ASP A 28 16.65 34.74 19.30
CA ASP A 28 16.12 33.63 20.09
C ASP A 28 17.30 32.94 20.81
N SER A 29 17.09 31.81 21.45
CA SER A 29 18.14 31.13 22.23
C SER A 29 19.32 30.60 21.39
N LEU A 30 19.20 30.64 20.06
CA LEU A 30 20.31 30.24 19.17
C LEU A 30 21.12 31.40 18.61
N GLY A 31 20.56 32.60 18.66
CA GLY A 31 21.22 33.76 18.08
C GLY A 31 20.24 34.67 17.38
N GLU A 32 20.75 35.45 16.41
CA GLU A 32 20.05 36.56 15.78
C GLU A 32 19.81 36.35 14.29
N ARG A 33 18.67 36.84 13.81
CA ARG A 33 18.39 36.95 12.39
C ARG A 33 17.73 38.30 12.08
N ASP A 34 17.90 38.74 10.83
CA ASP A 34 17.17 39.86 10.25
C ASP A 34 15.90 39.33 9.60
N ILE A 35 14.79 40.03 9.82
CA ILE A 35 13.47 39.62 9.35
C ILE A 35 12.94 40.74 8.49
N PRO A 36 12.39 40.44 7.29
CA PRO A 36 11.79 41.53 6.49
C PRO A 36 10.84 42.33 7.36
N MET A 37 10.90 43.65 7.25
CA MET A 37 10.23 44.54 8.19
C MET A 37 8.71 44.40 8.15
N ASP A 38 8.18 43.95 7.01
CA ASP A 38 6.73 43.78 6.82
C ASP A 38 6.23 42.38 7.23
N ALA A 39 7.13 41.50 7.68
CA ALA A 39 6.72 40.14 8.06
C ALA A 39 6.05 40.20 9.42
N TYR A 40 4.95 39.45 9.59
CA TYR A 40 4.35 39.27 10.93
C TYR A 40 4.96 38.09 11.68
N PHE A 41 5.50 37.14 10.93
CA PHE A 41 6.21 36.03 11.58
C PHE A 41 7.54 36.54 12.15
N GLY A 42 8.16 35.75 13.03
CA GLY A 42 9.45 36.13 13.62
C GLY A 42 10.63 35.22 13.27
N ILE A 43 11.66 35.28 14.12
CA ILE A 43 12.91 34.55 13.93
C ILE A 43 12.72 33.03 13.90
N GLN A 44 11.89 32.51 14.81
CA GLN A 44 11.66 31.06 14.85
C GLN A 44 11.02 30.51 13.58
N THR A 45 10.07 31.25 13.01
CA THR A 45 9.49 30.89 11.73
C THR A 45 10.51 30.99 10.58
N LEU A 46 11.36 32.01 10.62
CA LEU A 46 12.37 32.18 9.59
C LEU A 46 13.32 30.98 9.60
N ARG A 47 13.69 30.52 10.79
CA ARG A 47 14.55 29.34 10.91
C ARG A 47 13.84 28.10 10.33
N ALA A 48 12.57 27.98 10.66
CA ALA A 48 11.73 26.90 10.11
C ALA A 48 11.66 26.89 8.57
N VAL A 49 11.46 28.06 7.97
CA VAL A 49 11.51 28.15 6.48
C VAL A 49 12.85 27.64 5.92
N GLU A 50 13.95 27.97 6.59
CA GLU A 50 15.29 27.48 6.21
C GLU A 50 15.49 25.98 6.48
N ASN A 51 14.93 25.50 7.58
CA ASN A 51 15.15 24.14 8.00
C ASN A 51 14.37 23.15 7.20
N PHE A 52 13.19 23.57 6.74
CA PHE A 52 12.25 22.61 6.17
C PHE A 52 11.69 22.99 4.81
N SER A 53 12.44 23.70 3.98
CA SER A 53 11.95 23.99 2.63
C SER A 53 12.08 22.69 1.86
N LEU A 54 10.93 22.08 1.57
CA LEU A 54 10.91 20.73 1.05
C LEU A 54 9.96 20.54 -0.10
N SER A 55 8.78 21.15 -0.02
CA SER A 55 7.64 20.82 -0.87
C SER A 55 7.08 22.00 -1.65
N ASP A 56 7.50 23.20 -1.28
CA ASP A 56 6.87 24.47 -1.67
C ASP A 56 5.37 24.51 -1.26
N VAL A 57 4.95 23.67 -0.31
CA VAL A 57 3.58 23.75 0.19
C VAL A 57 3.65 24.25 1.65
N ALA A 58 3.14 25.45 1.87
CA ALA A 58 3.15 26.06 3.19
C ALA A 58 1.82 25.83 3.92
N LEU A 59 1.86 26.06 5.23
CA LEU A 59 0.72 25.96 6.13
C LEU A 59 -0.48 26.71 5.59
N ASN A 60 -0.28 27.80 4.86
CA ASN A 60 -1.44 28.49 4.27
C ASN A 60 -2.22 27.71 3.21
N HIS A 61 -1.69 26.55 2.77
CA HIS A 61 -2.40 25.67 1.86
CA HIS A 61 -2.40 25.64 1.86
C HIS A 61 -3.35 24.73 2.62
N ILE A 62 -3.24 24.73 3.94
CA ILE A 62 -4.19 24.04 4.77
C ILE A 62 -4.70 25.09 5.78
N PRO A 63 -5.49 26.08 5.30
CA PRO A 63 -5.95 27.16 6.20
C PRO A 63 -6.81 26.70 7.38
N ALA A 64 -7.45 25.53 7.32
CA ALA A 64 -8.22 25.07 8.49
C ALA A 64 -7.35 24.89 9.73
N LEU A 65 -6.11 24.46 9.56
CA LEU A 65 -5.16 24.27 10.68
C LEU A 65 -4.70 25.64 11.20
N VAL A 66 -4.52 26.60 10.30
CA VAL A 66 -4.21 27.98 10.68
C VAL A 66 -5.35 28.54 11.57
N ARG A 67 -6.59 28.40 11.09
CA ARG A 67 -7.71 28.89 11.86
C ARG A 67 -7.87 28.14 13.20
N ALA A 68 -7.72 26.82 13.19
CA ALA A 68 -7.73 26.04 14.44
C ALA A 68 -6.71 26.55 15.46
N LEU A 69 -5.48 26.77 15.00
CA LEU A 69 -4.40 27.20 15.86
C LEU A 69 -4.75 28.56 16.49
N ALA A 70 -5.23 29.49 15.66
CA ALA A 70 -5.69 30.80 16.12
C ALA A 70 -6.81 30.70 17.17
N MET A 71 -7.74 29.77 16.97
CA MET A 71 -8.80 29.48 17.93
C MET A 71 -8.22 28.92 19.21
N VAL A 72 -7.31 27.95 19.13
CA VAL A 72 -6.67 27.43 20.35
C VAL A 72 -5.97 28.54 21.12
N LYS A 73 -5.24 29.42 20.41
CA LYS A 73 -4.55 30.54 21.04
C LYS A 73 -5.51 31.53 21.70
N LYS A 74 -6.65 31.77 21.05
CA LYS A 74 -7.70 32.62 21.62
C LYS A 74 -8.24 31.99 22.90
N ALA A 75 -8.53 30.69 22.85
CA ALA A 75 -9.00 29.94 24.00
C ALA A 75 -8.03 29.98 25.18
N ALA A 76 -6.75 29.81 24.89
CA ALA A 76 -5.74 29.85 25.93
C ALA A 76 -5.61 31.25 26.54
N ALA A 77 -5.53 32.29 25.70
CA ALA A 77 -5.40 33.65 26.25
C ALA A 77 -6.58 33.99 27.21
N THR A 78 -7.80 33.55 26.84
CA THR A 78 -9.04 33.84 27.55
C THR A 78 -9.07 33.12 28.90
N ALA A 79 -8.75 31.83 28.90
CA ALA A 79 -8.60 31.10 30.16
C ALA A 79 -7.49 31.70 31.04
N ASN A 80 -6.32 31.97 30.45
CA ASN A 80 -5.23 32.64 31.19
C ASN A 80 -5.69 33.96 31.83
N TYR A 81 -6.48 34.73 31.09
CA TYR A 81 -6.98 36.03 31.55
C TYR A 81 -7.95 35.86 32.71
N LYS A 82 -8.96 35.02 32.51
CA LYS A 82 -9.98 34.73 33.53
C LYS A 82 -9.39 34.10 34.78
N LEU A 83 -8.23 33.47 34.66
CA LEU A 83 -7.55 32.89 35.82
C LEU A 83 -6.49 33.84 36.38
N ARG A 84 -6.49 35.08 35.89
CA ARG A 84 -5.61 36.18 36.35
C ARG A 84 -4.12 35.92 36.18
N GLN A 85 -3.76 35.13 35.17
CA GLN A 85 -2.36 34.86 34.86
C GLN A 85 -1.88 35.71 33.67
N LEU A 86 -2.80 36.29 32.93
CA LEU A 86 -2.43 37.09 31.76
C LEU A 86 -3.05 38.47 31.91
N PRO A 87 -2.22 39.51 31.92
CA PRO A 87 -2.73 40.85 32.15
C PRO A 87 -3.77 41.29 31.08
N GLU A 88 -4.76 42.05 31.50
CA GLU A 88 -5.84 42.54 30.63
C GLU A 88 -5.41 43.10 29.26
N PRO A 89 -4.43 43.99 29.20
CA PRO A 89 -4.17 44.55 27.87
C PRO A 89 -3.56 43.54 26.92
N LYS A 90 -2.76 42.61 27.45
CA LYS A 90 -2.17 41.54 26.63
C LYS A 90 -3.26 40.58 26.14
N TYR A 91 -4.14 40.17 27.05
CA TYR A 91 -5.30 39.38 26.64
C TYR A 91 -6.09 40.08 25.53
N ALA A 92 -6.45 41.34 25.73
CA ALA A 92 -7.35 41.98 24.75
C ALA A 92 -6.69 42.02 23.36
N ALA A 93 -5.39 42.32 23.34
CA ALA A 93 -4.65 42.49 22.07
C ALA A 93 -4.46 41.15 21.37
N ILE A 94 -4.16 40.12 22.14
CA ILE A 94 -3.97 38.76 21.62
C ILE A 94 -5.24 38.23 21.00
N VAL A 95 -6.35 38.43 21.73
CA VAL A 95 -7.66 38.02 21.26
C VAL A 95 -8.06 38.75 19.95
N ALA A 96 -7.88 40.06 19.90
CA ALA A 96 -8.13 40.82 18.70
C ALA A 96 -7.32 40.23 17.52
N ALA A 97 -6.04 39.95 17.75
CA ALA A 97 -5.17 39.37 16.73
C ALA A 97 -5.64 37.98 16.23
N CYS A 98 -5.95 37.08 17.16
CA CYS A 98 -6.54 35.77 16.83
C CYS A 98 -7.84 35.92 16.03
N ASP A 99 -8.69 36.90 16.40
CA ASP A 99 -9.94 37.12 15.68
C ASP A 99 -9.64 37.46 14.21
N ASP A 100 -8.65 38.31 13.96
CA ASP A 100 -8.29 38.65 12.60
C ASP A 100 -7.96 37.40 11.76
N ILE A 101 -7.16 36.50 12.34
CA ILE A 101 -6.77 35.25 11.67
C ILE A 101 -7.98 34.29 11.48
N ILE A 102 -8.78 34.12 12.52
CA ILE A 102 -10.03 33.36 12.39
C ILE A 102 -10.92 33.93 11.25
N ASP A 103 -10.86 35.25 11.06
CA ASP A 103 -11.66 35.92 10.02
C ASP A 103 -11.01 35.90 8.63
N GLY A 104 -9.76 35.44 8.54
CA GLY A 104 -9.17 35.11 7.24
C GLY A 104 -8.06 36.02 6.82
N LEU A 105 -7.66 36.90 7.72
CA LEU A 105 -6.52 37.78 7.50
C LEU A 105 -5.22 37.10 7.87
N LEU A 106 -4.15 37.58 7.24
CA LEU A 106 -2.77 37.14 7.53
C LEU A 106 -2.45 35.71 7.12
N MET A 107 -3.22 35.10 6.22
CA MET A 107 -2.94 33.73 5.77
C MET A 107 -1.56 33.62 5.18
N GLU A 108 -1.15 34.65 4.44
CA GLU A 108 0.12 34.66 3.77
C GLU A 108 1.29 34.69 4.74
N GLN A 109 1.03 34.94 6.03
CA GLN A 109 2.12 35.00 7.01
C GLN A 109 2.44 33.59 7.56
N PHE A 110 1.61 32.62 7.17
CA PHE A 110 1.79 31.25 7.65
C PHE A 110 2.61 30.50 6.64
N VAL A 111 3.93 30.51 6.88
CA VAL A 111 4.88 30.18 5.80
C VAL A 111 5.63 28.87 5.95
N VAL A 112 5.42 28.17 7.05
CA VAL A 112 6.24 27.00 7.36
C VAL A 112 5.75 25.86 6.47
N ASP A 113 6.68 25.11 5.90
CA ASP A 113 6.37 23.93 5.07
C ASP A 113 5.50 22.88 5.82
N VAL A 114 4.53 22.29 5.13
CA VAL A 114 3.73 21.20 5.70
C VAL A 114 4.55 19.97 6.13
N PHE A 115 5.73 19.78 5.53
CA PHE A 115 6.60 18.63 5.86
C PHE A 115 7.60 18.90 6.96
N GLN A 116 7.38 19.99 7.68
CA GLN A 116 8.20 20.42 8.82
C GLN A 116 8.45 19.29 9.81
N GLY A 117 9.70 19.19 10.26
CA GLY A 117 10.02 18.35 11.42
C GLY A 117 9.58 19.08 12.68
N GLY A 118 9.79 18.49 13.86
CA GLY A 118 9.51 19.25 15.10
C GLY A 118 8.16 18.91 15.69
N ALA A 119 7.45 18.00 15.02
CA ALA A 119 6.15 17.49 15.52
C ALA A 119 5.09 18.55 15.70
N GLY A 120 5.23 19.69 15.05
CA GLY A 120 4.25 20.72 15.24
C GLY A 120 4.77 22.03 15.79
N THR A 121 5.97 21.98 16.39
CA THR A 121 6.59 23.13 17.02
C THR A 121 6.58 24.39 16.13
N SER A 122 6.90 24.20 14.87
CA SER A 122 7.08 25.32 13.96
C SER A 122 5.74 25.90 13.55
N SER A 123 4.70 25.07 13.55
CA SER A 123 3.34 25.58 13.38
C SER A 123 2.89 26.36 14.63
N ASN A 124 3.20 25.84 15.80
CA ASN A 124 2.86 26.52 17.03
C ASN A 124 3.54 27.89 17.07
N MET A 125 4.85 27.90 16.78
CA MET A 125 5.67 29.10 16.80
C MET A 125 5.32 30.09 15.69
N ASN A 126 4.97 29.57 14.52
CA ASN A 126 4.43 30.43 13.44
C ASN A 126 3.19 31.21 13.92
N ALA A 127 2.26 30.53 14.61
CA ALA A 127 1.09 31.20 15.17
C ALA A 127 1.46 32.20 16.26
N ASN A 128 2.34 31.80 17.19
CA ASN A 128 2.70 32.60 18.35
C ASN A 128 3.33 33.91 17.91
N GLU A 129 4.21 33.80 16.92
CA GLU A 129 4.91 34.97 16.38
C GLU A 129 4.01 35.92 15.63
N VAL A 130 3.21 35.38 14.71
CA VAL A 130 2.25 36.19 13.93
C VAL A 130 1.22 36.87 14.86
N ILE A 131 0.73 36.13 15.86
CA ILE A 131 -0.28 36.67 16.78
C ILE A 131 0.33 37.77 17.66
N ALA A 132 1.53 37.51 18.18
CA ALA A 132 2.22 38.52 18.96
C ALA A 132 2.39 39.81 18.15
N ASN A 133 2.89 39.71 16.93
CA ASN A 133 3.07 40.93 16.12
C ASN A 133 1.76 41.66 15.76
N ARG A 134 0.73 40.92 15.43
CA ARG A 134 -0.57 41.51 15.10
C ARG A 134 -1.22 42.13 16.36
N ALA A 135 -1.01 41.48 17.51
CA ALA A 135 -1.42 42.01 18.80
C ALA A 135 -0.69 43.34 19.07
N LEU A 136 0.61 43.37 18.76
CA LEU A 136 1.38 44.61 18.84
C LEU A 136 0.77 45.70 17.96
N GLU A 137 0.34 45.35 16.76
CA GLU A 137 -0.28 46.34 15.90
C GLU A 137 -1.58 46.92 16.53
N HIS A 138 -2.43 46.04 17.06
CA HIS A 138 -3.58 46.51 17.84
C HIS A 138 -3.21 47.43 19.01
N LEU A 139 -2.02 47.25 19.61
CA LEU A 139 -1.56 48.15 20.69
C LEU A 139 -0.81 49.43 20.21
N GLY A 140 -0.79 49.65 18.90
CA GLY A 140 -0.02 50.73 18.30
C GLY A 140 1.48 50.60 18.52
N ARG A 141 1.98 49.36 18.58
CA ARG A 141 3.40 49.13 18.83
C ARG A 141 4.14 48.55 17.59
N PRO A 142 5.47 48.74 17.50
CA PRO A 142 6.12 48.15 16.34
C PRO A 142 6.24 46.62 16.46
N ARG A 143 6.34 45.95 15.31
CA ARG A 143 6.66 44.52 15.27
C ARG A 143 7.98 44.28 15.99
N GLY A 144 8.10 43.16 16.71
CA GLY A 144 9.36 42.82 17.35
C GLY A 144 9.47 43.35 18.75
N ASP A 145 8.47 44.11 19.17
CA ASP A 145 8.47 44.63 20.53
C ASP A 145 7.96 43.56 21.47
N TYR A 146 8.78 42.55 21.74
CA TYR A 146 8.31 41.32 22.39
C TYR A 146 8.32 41.47 23.89
N GLN A 147 8.91 42.56 24.35
CA GLN A 147 8.84 42.87 25.75
C GLN A 147 7.42 43.39 26.08
N THR A 148 6.71 43.95 25.10
CA THR A 148 5.28 44.27 25.28
C THR A 148 4.38 43.04 25.10
N ILE A 149 4.51 42.35 23.96
CA ILE A 149 3.79 41.06 23.71
C ILE A 149 4.78 39.98 23.24
N HIS A 150 5.06 39.00 24.09
CA HIS A 150 6.07 37.96 23.83
C HIS A 150 5.46 36.66 23.21
N PRO A 151 6.01 36.18 22.07
CA PRO A 151 5.44 35.00 21.39
C PRO A 151 5.42 33.80 22.31
N ASN A 152 6.47 33.63 23.12
CA ASN A 152 6.49 32.49 24.04
C ASN A 152 5.85 32.77 25.41
N ASP A 153 6.32 33.81 26.12
CA ASP A 153 5.82 34.06 27.51
C ASP A 153 4.34 34.45 27.58
N ASP A 154 3.88 35.18 26.58
CA ASP A 154 2.50 35.66 26.57
C ASP A 154 1.62 34.82 25.65
N VAL A 155 1.90 34.83 24.34
CA VAL A 155 1.04 34.07 23.38
C VAL A 155 0.98 32.55 23.66
N ASN A 156 2.08 31.97 24.13
CA ASN A 156 2.19 30.53 24.42
C ASN A 156 2.09 30.26 25.93
N MET A 157 1.58 31.23 26.71
CA MET A 157 1.40 31.06 28.17
C MET A 157 0.52 29.88 28.52
N SER A 158 1.02 29.07 29.47
CA SER A 158 0.38 27.83 29.93
C SER A 158 0.22 26.76 28.83
N GLN A 159 0.98 26.87 27.74
CA GLN A 159 0.82 25.97 26.60
C GLN A 159 2.13 25.26 26.28
N SER A 160 2.05 24.11 25.61
CA SER A 160 3.24 23.52 24.99
C SER A 160 2.81 22.99 23.65
N THR A 161 3.76 22.71 22.76
CA THR A 161 3.43 22.18 21.44
C THR A 161 2.58 20.91 21.52
N ASN A 162 2.96 20.04 22.45
CA ASN A 162 2.39 18.73 22.57
C ASN A 162 0.98 18.64 23.11
N ASP A 163 0.41 19.75 23.61
CA ASP A 163 -1.06 19.78 23.81
C ASP A 163 -1.80 20.71 22.81
N VAL A 164 -1.17 21.83 22.46
CA VAL A 164 -1.75 22.79 21.55
C VAL A 164 -1.89 22.23 20.13
N TYR A 165 -0.76 21.75 19.58
CA TYR A 165 -0.74 21.19 18.22
C TYR A 165 -1.72 20.03 17.98
N PRO A 166 -1.68 18.98 18.83
CA PRO A 166 -2.62 17.90 18.49
C PRO A 166 -4.07 18.35 18.70
N THR A 167 -4.30 19.35 19.55
CA THR A 167 -5.68 19.83 19.72
C THR A 167 -6.11 20.59 18.45
N ALA A 168 -5.24 21.47 17.96
CA ALA A 168 -5.51 22.22 16.74
C ALA A 168 -5.70 21.29 15.52
N VAL A 169 -4.90 20.24 15.45
CA VAL A 169 -5.08 19.22 14.41
C VAL A 169 -6.49 18.57 14.43
N ARG A 170 -6.90 18.10 15.60
CA ARG A 170 -8.26 17.58 15.77
C ARG A 170 -9.35 18.62 15.44
N LEU A 171 -9.15 19.87 15.87
CA LEU A 171 -10.12 20.92 15.58
C LEU A 171 -10.21 21.24 14.06
N ALA A 172 -9.05 21.35 13.40
CA ALA A 172 -8.98 21.54 11.95
C ALA A 172 -9.79 20.47 11.22
N LEU A 173 -9.63 19.21 11.63
CA LEU A 173 -10.38 18.13 10.95
C LEU A 173 -11.87 18.26 11.24
N LEU A 174 -12.21 18.63 12.46
CA LEU A 174 -13.62 18.88 12.78
C LEU A 174 -14.22 20.05 11.97
N LEU A 175 -13.48 21.15 11.84
CA LEU A 175 -13.95 22.30 11.08
C LEU A 175 -14.12 22.02 9.57
N SER A 176 -13.49 20.96 9.11
CA SER A 176 -13.51 20.60 7.70
C SER A 176 -14.54 19.51 7.34
N GLN A 177 -15.27 19.00 8.35
CA GLN A 177 -16.25 17.92 8.15
C GLN A 177 -17.40 18.34 7.23
N ASN A 178 -17.99 19.49 7.53
CA ASN A 178 -19.12 20.00 6.78
C ASN A 178 -18.94 20.01 5.28
N GLN A 179 -17.78 20.46 4.81
CA GLN A 179 -17.53 20.52 3.37
C GLN A 179 -17.60 19.12 2.74
N VAL A 180 -17.12 18.08 3.42
CA VAL A 180 -17.17 16.71 2.88
C VAL A 180 -18.59 16.11 2.94
N GLN A 181 -19.27 16.28 4.08
CA GLN A 181 -20.68 15.93 4.22
C GLN A 181 -21.57 16.60 3.14
N THR A 182 -21.43 17.90 2.94
CA THR A 182 -22.17 18.63 1.91
C THR A 182 -21.96 18.01 0.51
N ALA A 183 -20.70 17.76 0.13
CA ALA A 183 -20.35 17.10 -1.15
C ALA A 183 -20.94 15.68 -1.27
N LEU A 184 -20.78 14.89 -0.23
CA LEU A 184 -21.37 13.57 -0.22
C LEU A 184 -22.88 13.59 -0.41
N HIS A 185 -23.58 14.48 0.30
CA HIS A 185 -25.05 14.60 0.19
C HIS A 185 -25.48 15.07 -1.18
N ARG A 186 -24.74 15.99 -1.75
CA ARG A 186 -24.95 16.45 -3.11
C ARG A 186 -24.84 15.29 -4.13
N LEU A 187 -23.81 14.46 -3.99
CA LEU A 187 -23.65 13.39 -4.96
C LEU A 187 -24.71 12.29 -4.77
N ILE A 188 -25.03 11.98 -3.51
CA ILE A 188 -26.10 11.03 -3.25
C ILE A 188 -27.40 11.50 -3.88
N ALA A 189 -27.70 12.79 -3.77
CA ALA A 189 -28.94 13.36 -4.32
C ALA A 189 -28.96 13.34 -5.83
N ALA A 190 -27.81 13.58 -6.44
CA ALA A 190 -27.68 13.48 -7.89
C ALA A 190 -27.99 12.03 -8.38
N PHE A 191 -27.38 11.03 -7.72
CA PHE A 191 -27.62 9.60 -8.10
C PHE A 191 -29.06 9.14 -7.84
N GLU A 192 -29.66 9.59 -6.74
CA GLU A 192 -31.05 9.25 -6.41
C GLU A 192 -32.04 9.71 -7.49
N ALA A 193 -31.85 10.93 -7.99
CA ALA A 193 -32.70 11.57 -8.98
C ALA A 193 -32.62 10.81 -10.31
N LYS A 194 -31.41 10.42 -10.67
CA LYS A 194 -31.21 9.59 -11.85
C LYS A 194 -31.78 8.17 -11.68
N GLY A 195 -31.70 7.63 -10.48
CA GLY A 195 -32.37 6.32 -10.21
C GLY A 195 -33.87 6.44 -10.44
N ARG A 196 -34.46 7.57 -10.07
CA ARG A 196 -35.91 7.79 -10.29
C ARG A 196 -36.17 7.95 -11.79
N GLU A 197 -35.36 8.80 -12.45
CA GLU A 197 -35.51 9.05 -13.88
C GLU A 197 -35.42 7.79 -14.70
N PHE A 198 -34.51 6.87 -14.31
CA PHE A 198 -34.25 5.70 -15.12
C PHE A 198 -34.99 4.42 -14.66
N ALA A 199 -35.96 4.60 -13.75
CA ALA A 199 -36.72 3.46 -13.19
C ALA A 199 -37.29 2.52 -14.25
N THR A 200 -37.72 3.06 -15.39
CA THR A 200 -38.37 2.24 -16.43
C THR A 200 -37.43 1.88 -17.60
N VAL A 201 -36.15 2.23 -17.48
CA VAL A 201 -35.14 1.86 -18.48
C VAL A 201 -34.58 0.45 -18.18
N ILE A 202 -35.15 -0.56 -18.81
CA ILE A 202 -34.54 -1.86 -18.73
C ILE A 202 -33.28 -1.94 -19.55
N LYS A 203 -32.34 -2.75 -19.04
CA LYS A 203 -31.06 -3.02 -19.65
C LYS A 203 -30.55 -4.38 -19.14
N ILE A 204 -29.47 -4.87 -19.73
CA ILE A 204 -28.86 -6.13 -19.35
C ILE A 204 -27.88 -5.99 -18.15
N GLY A 205 -28.17 -6.71 -17.07
CA GLY A 205 -27.19 -6.88 -15.98
C GLY A 205 -25.90 -7.51 -16.50
N ARG A 206 -24.75 -7.13 -15.93
CA ARG A 206 -23.47 -7.79 -16.28
C ARG A 206 -22.68 -8.28 -15.03
N THR A 207 -22.38 -9.58 -14.99
CA THR A 207 -21.65 -10.10 -13.86
C THR A 207 -20.39 -10.71 -14.42
N GLN A 208 -19.23 -10.36 -13.86
CA GLN A 208 -17.90 -10.77 -14.42
C GLN A 208 -17.72 -10.35 -15.88
N LEU A 209 -18.43 -9.27 -16.23
CA LEU A 209 -18.51 -8.71 -17.60
C LEU A 209 -19.27 -9.54 -18.60
N GLN A 210 -19.93 -10.62 -18.13
CA GLN A 210 -20.81 -11.42 -19.01
C GLN A 210 -22.27 -10.99 -18.90
N ASP A 211 -22.96 -10.96 -20.04
CA ASP A 211 -24.40 -10.68 -20.07
C ASP A 211 -25.11 -11.61 -19.09
N ALA A 212 -25.87 -11.03 -18.17
CA ALA A 212 -26.52 -11.81 -17.10
C ALA A 212 -28.02 -11.72 -17.27
N VAL A 213 -28.72 -11.14 -16.31
CA VAL A 213 -30.19 -10.99 -16.45
C VAL A 213 -30.58 -9.51 -16.42
N PRO A 214 -31.70 -9.17 -17.07
CA PRO A 214 -32.10 -7.78 -17.16
C PRO A 214 -32.36 -7.19 -15.79
N ILE A 215 -31.99 -5.92 -15.62
CA ILE A 215 -32.29 -5.10 -14.45
C ILE A 215 -32.82 -3.75 -15.01
N THR A 216 -32.98 -2.73 -14.19
CA THR A 216 -33.18 -1.37 -14.73
C THR A 216 -31.98 -0.46 -14.48
N LEU A 217 -31.81 0.53 -15.37
CA LEU A 217 -30.74 1.50 -15.24
C LEU A 217 -30.99 2.33 -13.99
N GLY A 218 -32.27 2.58 -13.69
CA GLY A 218 -32.69 3.25 -12.48
C GLY A 218 -32.20 2.52 -11.25
N GLN A 219 -32.34 1.18 -11.19
CA GLN A 219 -31.85 0.41 -10.03
C GLN A 219 -30.35 0.55 -9.86
N GLU A 220 -29.65 0.58 -10.99
CA GLU A 220 -28.22 0.70 -11.00
C GLU A 220 -27.73 2.04 -10.39
N PHE A 221 -28.40 3.12 -10.73
CA PHE A 221 -28.09 4.45 -10.17
C PHE A 221 -28.53 4.60 -8.73
N GLU A 222 -29.63 3.97 -8.34
CA GLU A 222 -30.04 3.99 -6.94
C GLU A 222 -29.00 3.21 -6.08
N ALA A 223 -28.38 2.18 -6.64
CA ALA A 223 -27.31 1.45 -5.92
C ALA A 223 -26.06 2.32 -5.67
N PHE A 224 -25.70 3.19 -6.62
CA PHE A 224 -24.64 4.18 -6.43
C PHE A 224 -24.96 5.09 -5.23
N ALA A 225 -26.18 5.60 -5.19
CA ALA A 225 -26.63 6.41 -4.04
C ALA A 225 -26.60 5.58 -2.75
N ALA A 226 -27.23 4.41 -2.76
CA ALA A 226 -27.35 3.63 -1.52
C ALA A 226 -25.99 3.31 -0.87
N THR A 227 -24.99 2.96 -1.66
CA THR A 227 -23.68 2.64 -1.06
C THR A 227 -23.02 3.88 -0.42
N LEU A 228 -23.18 5.04 -1.04
CA LEU A 228 -22.61 6.26 -0.50
C LEU A 228 -23.37 6.75 0.75
N ARG A 229 -24.68 6.48 0.83
CA ARG A 229 -25.51 6.81 2.03
C ARG A 229 -25.02 6.16 3.32
N GLU A 230 -24.50 4.94 3.24
CA GLU A 230 -23.87 4.28 4.39
C GLU A 230 -22.65 5.03 4.91
N ASP A 231 -22.05 5.87 4.08
CA ASP A 231 -20.87 6.57 4.52
C ASP A 231 -21.13 7.86 5.29
N THR A 232 -22.26 8.53 5.04
CA THR A 232 -22.59 9.80 5.68
C THR A 232 -22.59 9.68 7.21
N ALA A 233 -23.27 8.66 7.73
CA ALA A 233 -23.43 8.53 9.19
C ALA A 233 -22.13 8.10 9.83
N ARG A 234 -21.47 7.14 9.21
CA ARG A 234 -20.22 6.61 9.73
C ARG A 234 -19.11 7.68 9.73
N LEU A 235 -19.06 8.52 8.70
CA LEU A 235 -18.11 9.62 8.64
C LEU A 235 -18.21 10.52 9.88
N GLU A 236 -19.44 10.90 10.21
CA GLU A 236 -19.75 11.72 11.38
C GLU A 236 -19.37 11.04 12.70
N GLU A 237 -19.71 9.75 12.82
CA GLU A 237 -19.42 9.04 14.07
C GLU A 237 -17.91 8.90 14.21
N VAL A 238 -17.18 8.72 13.10
CA VAL A 238 -15.71 8.64 13.21
C VAL A 238 -15.09 10.00 13.49
N ALA A 239 -15.62 11.06 12.85
CA ALA A 239 -15.15 12.41 13.13
C ALA A 239 -15.40 12.83 14.59
N ALA A 240 -16.45 12.30 15.19
CA ALA A 240 -16.77 12.55 16.61
C ALA A 240 -15.60 12.19 17.54
N LEU A 241 -14.82 11.17 17.17
CA LEU A 241 -13.58 10.82 17.89
C LEU A 241 -12.57 11.97 18.07
N PHE A 242 -12.48 12.90 17.12
CA PHE A 242 -11.58 14.06 17.28
C PHE A 242 -11.97 15.04 18.41
N ARG A 243 -13.21 14.95 18.89
CA ARG A 243 -13.75 15.88 19.91
C ARG A 243 -13.05 15.79 21.27
N GLU A 244 -12.40 14.65 21.49
CA GLU A 244 -11.64 14.41 22.70
C GLU A 244 -10.24 15.01 22.58
N VAL A 245 -9.95 16.09 23.30
CA VAL A 245 -8.64 16.75 23.14
C VAL A 245 -7.76 16.80 24.41
N ASN A 246 -6.43 16.94 24.23
CA ASN A 246 -5.49 16.89 25.35
C ASN A 246 -5.06 18.30 25.79
N LEU A 247 -5.79 19.31 25.33
CA LEU A 247 -5.47 20.72 25.60
C LEU A 247 -5.23 20.96 27.10
N GLY A 248 -4.09 21.57 27.44
CA GLY A 248 -3.66 21.79 28.84
C GLY A 248 -2.85 20.70 29.56
N GLY A 249 -2.72 19.51 28.95
CA GLY A 249 -2.16 18.34 29.65
C GLY A 249 -0.69 18.03 29.45
N ALA A 261 -7.98 22.91 35.81
CA ALA A 261 -8.61 24.21 36.10
C ALA A 261 -8.45 25.11 34.88
N TYR A 262 -7.22 25.52 34.59
CA TYR A 262 -6.85 26.08 33.29
C TYR A 262 -7.34 25.19 32.12
N ALA A 263 -7.04 23.90 32.18
CA ALA A 263 -7.31 23.00 31.07
C ALA A 263 -8.80 22.89 30.77
N GLU A 264 -9.62 22.68 31.81
CA GLU A 264 -11.05 22.61 31.62
C GLU A 264 -11.59 23.91 31.05
N GLN A 265 -11.13 25.02 31.62
CA GLN A 265 -11.58 26.34 31.17
C GLN A 265 -11.22 26.62 29.69
N ALA A 266 -9.99 26.29 29.30
CA ALA A 266 -9.54 26.43 27.90
C ALA A 266 -10.42 25.65 26.94
N ILE A 267 -10.84 24.45 27.35
CA ILE A 267 -11.70 23.63 26.48
C ILE A 267 -13.11 24.17 26.37
N VAL A 268 -13.68 24.62 27.49
CA VAL A 268 -14.98 25.35 27.46
C VAL A 268 -14.89 26.55 26.48
N GLU A 269 -13.83 27.35 26.57
CA GLU A 269 -13.64 28.50 25.66
C GLU A 269 -13.51 28.08 24.21
N LEU A 270 -12.69 27.04 24.00
CA LEU A 270 -12.40 26.59 22.65
C LEU A 270 -13.65 26.04 21.99
N SER A 271 -14.45 25.28 22.73
CA SER A 271 -15.78 24.88 22.24
C SER A 271 -16.66 26.05 21.79
N GLN A 272 -16.71 27.10 22.61
CA GLN A 272 -17.49 28.29 22.29
C GLN A 272 -16.95 29.00 21.05
N ILE A 273 -15.65 29.27 21.05
CA ILE A 273 -14.95 29.96 19.94
C ILE A 273 -15.09 29.25 18.60
N SER A 274 -14.95 27.93 18.60
CA SER A 274 -15.01 27.15 17.36
C SER A 274 -16.42 26.69 16.98
N GLY A 275 -17.32 26.69 17.96
CA GLY A 275 -18.69 26.26 17.75
C GLY A 275 -18.82 24.76 17.68
N ILE A 276 -17.78 24.06 18.12
CA ILE A 276 -17.76 22.59 18.14
C ILE A 276 -17.55 22.13 19.59
N GLU A 277 -18.45 21.30 20.09
CA GLU A 277 -18.36 20.84 21.49
C GLU A 277 -17.22 19.84 21.69
N LEU A 278 -16.25 20.22 22.51
CA LEU A 278 -15.09 19.38 22.79
C LEU A 278 -15.10 18.86 24.22
N LYS A 279 -14.26 17.89 24.49
CA LYS A 279 -14.14 17.36 25.85
C LYS A 279 -12.69 16.96 26.06
N ALA A 280 -12.27 17.00 27.32
CA ALA A 280 -10.94 16.57 27.75
C ALA A 280 -10.81 15.05 27.62
N THR A 281 -9.67 14.58 27.11
CA THR A 281 -9.38 13.15 27.13
C THR A 281 -9.16 12.68 28.57
N GLY A 282 -9.54 11.42 28.82
CA GLY A 282 -9.43 10.81 30.16
C GLY A 282 -8.01 10.41 30.52
N ASN A 283 -7.30 9.81 29.55
CA ASN A 283 -5.94 9.34 29.79
C ASN A 283 -4.87 10.12 28.98
N LEU A 284 -4.08 10.92 29.68
CA LEU A 284 -3.09 11.82 29.07
C LEU A 284 -1.82 11.10 28.57
N VAL A 285 -1.41 10.07 29.31
CA VAL A 285 -0.30 9.18 28.88
C VAL A 285 -0.66 8.36 27.61
N GLU A 286 -1.89 7.87 27.46
CA GLU A 286 -2.32 7.25 26.18
C GLU A 286 -2.42 8.28 25.05
N ALA A 287 -3.06 9.41 25.35
CA ALA A 287 -3.35 10.44 24.36
C ALA A 287 -2.07 10.99 23.76
N SER A 288 -1.01 11.01 24.57
CA SER A 288 0.24 11.66 24.16
C SER A 288 0.76 11.09 22.82
N TRP A 289 0.53 9.80 22.56
CA TRP A 289 0.95 9.17 21.30
C TRP A 289 -0.16 8.61 20.40
N ASP A 290 -1.42 8.66 20.84
CA ASP A 290 -2.42 7.92 20.07
C ASP A 290 -2.72 8.62 18.75
N THR A 291 -2.71 7.82 17.69
CA THR A 291 -3.08 8.31 16.37
C THR A 291 -4.22 7.43 15.84
N GLY A 292 -4.85 6.66 16.75
CA GLY A 292 -5.95 5.74 16.38
C GLY A 292 -7.06 6.38 15.54
N ALA A 293 -7.50 7.56 15.98
CA ALA A 293 -8.58 8.26 15.29
C ALA A 293 -8.18 8.72 13.87
N PHE A 294 -6.93 9.12 13.68
CA PHE A 294 -6.48 9.58 12.33
C PHE A 294 -6.48 8.42 11.37
N VAL A 295 -6.04 7.26 11.86
CA VAL A 295 -6.07 6.03 11.06
C VAL A 295 -7.51 5.60 10.68
N THR A 296 -8.41 5.57 11.65
CA THR A 296 -9.84 5.26 11.37
C THR A 296 -10.43 6.28 10.40
N PHE A 297 -10.14 7.56 10.60
CA PHE A 297 -10.72 8.57 9.72
C PHE A 297 -10.18 8.49 8.30
N SER A 298 -8.87 8.33 8.16
CA SER A 298 -8.24 8.17 6.87
C SER A 298 -8.81 6.92 6.18
N GLY A 299 -9.12 5.89 6.97
CA GLY A 299 -9.73 4.68 6.46
C GLY A 299 -11.13 4.87 5.88
N ILE A 300 -11.92 5.79 6.46
CA ILE A 300 -13.22 6.08 5.87
C ILE A 300 -13.07 6.88 4.54
N LEU A 301 -12.11 7.81 4.50
CA LEU A 301 -11.79 8.53 3.25
C LEU A 301 -11.39 7.54 2.14
N ARG A 302 -10.51 6.60 2.50
CA ARG A 302 -10.15 5.45 1.64
C ARG A 302 -11.37 4.62 1.19
N ARG A 303 -12.26 4.32 2.12
CA ARG A 303 -13.42 3.49 1.82
C ARG A 303 -14.28 4.25 0.80
N ILE A 304 -14.45 5.56 1.03
CA ILE A 304 -15.23 6.39 0.12
C ILE A 304 -14.55 6.41 -1.27
N ALA A 305 -13.23 6.54 -1.29
CA ALA A 305 -12.48 6.58 -2.55
C ALA A 305 -12.68 5.29 -3.35
N VAL A 306 -12.68 4.16 -2.64
CA VAL A 306 -12.84 2.82 -3.25
C VAL A 306 -14.19 2.72 -3.95
N LYS A 307 -15.25 3.22 -3.30
CA LYS A 307 -16.59 3.09 -3.81
C LYS A 307 -16.73 4.03 -4.97
N LEU A 308 -16.24 5.24 -4.80
CA LEU A 308 -16.30 6.25 -5.79
C LEU A 308 -15.52 5.94 -7.08
N SER A 309 -14.32 5.43 -6.95
CA SER A 309 -13.55 4.99 -8.11
C SER A 309 -14.31 3.87 -8.86
N LYS A 310 -14.85 2.87 -8.13
CA LYS A 310 -15.63 1.79 -8.76
C LYS A 310 -16.79 2.38 -9.57
N ILE A 311 -17.51 3.31 -8.94
CA ILE A 311 -18.64 3.94 -9.58
C ILE A 311 -18.17 4.70 -10.82
N ALA A 312 -17.08 5.44 -10.72
CA ALA A 312 -16.55 6.17 -11.88
C ALA A 312 -16.12 5.19 -12.99
N ASN A 313 -15.46 4.09 -12.59
CA ASN A 313 -15.17 3.01 -13.54
C ASN A 313 -16.42 2.52 -14.29
N ASP A 314 -17.51 2.25 -13.55
CA ASP A 314 -18.80 1.90 -14.14
C ASP A 314 -19.28 3.01 -15.12
N LEU A 315 -19.21 4.29 -14.72
CA LEU A 315 -19.72 5.34 -15.63
C LEU A 315 -18.94 5.40 -16.94
N ARG A 316 -17.63 5.19 -16.82
CA ARG A 316 -16.74 5.20 -17.99
C ARG A 316 -17.04 4.00 -18.90
N LEU A 317 -17.33 2.85 -18.29
CA LEU A 317 -17.69 1.65 -19.04
C LEU A 317 -19.09 1.72 -19.71
N LEU A 318 -20.11 2.17 -18.98
CA LEU A 318 -21.46 2.30 -19.53
C LEU A 318 -21.57 3.33 -20.67
N SER A 319 -20.66 4.31 -20.68
CA SER A 319 -20.68 5.36 -21.69
C SER A 319 -19.64 5.12 -22.77
N SER A 320 -18.99 3.96 -22.77
CA SER A 320 -17.99 3.66 -23.82
C SER A 320 -18.66 3.58 -25.21
N GLY A 321 -17.92 3.93 -26.26
CA GLY A 321 -18.50 3.94 -27.61
C GLY A 321 -18.03 5.15 -28.42
N PRO A 322 -18.94 5.82 -29.16
CA PRO A 322 -20.40 5.63 -29.12
C PRO A 322 -20.93 4.37 -29.82
N ARG A 323 -20.10 3.70 -30.61
CA ARG A 323 -20.60 2.63 -31.46
C ARG A 323 -20.09 1.23 -31.11
N SER A 324 -18.84 1.12 -30.69
CA SER A 324 -18.22 -0.18 -30.42
C SER A 324 -17.91 -0.37 -28.92
N GLY A 325 -18.67 0.29 -28.06
CA GLY A 325 -18.59 0.07 -26.63
C GLY A 325 -19.92 -0.45 -26.11
N LEU A 326 -20.31 -0.03 -24.90
CA LEU A 326 -21.60 -0.43 -24.35
C LEU A 326 -22.70 0.55 -24.73
N GLY A 327 -22.32 1.82 -24.78
CA GLY A 327 -23.16 2.86 -25.38
C GLY A 327 -24.50 3.00 -24.71
N GLU A 328 -24.59 2.59 -23.42
CA GLU A 328 -25.82 2.65 -22.65
C GLU A 328 -26.24 4.02 -22.07
N ILE A 329 -25.29 4.82 -21.61
CA ILE A 329 -25.61 6.17 -21.14
C ILE A 329 -24.72 7.17 -21.90
N ARG A 330 -25.13 8.45 -21.92
CA ARG A 330 -24.30 9.51 -22.45
C ARG A 330 -23.94 10.43 -21.30
N LEU A 331 -22.65 10.66 -21.11
CA LEU A 331 -22.20 11.68 -20.16
C LEU A 331 -22.26 13.07 -20.84
N PRO A 332 -22.59 14.12 -20.08
CA PRO A 332 -22.45 15.47 -20.63
C PRO A 332 -21.06 15.75 -21.24
N ALA A 333 -21.01 16.33 -22.44
CA ALA A 333 -19.75 16.71 -23.06
C ALA A 333 -19.36 18.02 -22.45
N VAL A 334 -18.25 18.06 -21.71
CA VAL A 334 -17.82 19.28 -21.02
C VAL A 334 -16.47 19.78 -21.57
N GLN A 335 -15.84 18.95 -22.41
CA GLN A 335 -14.55 19.20 -23.04
C GLN A 335 -14.78 19.24 -24.55
N PRO A 336 -14.21 20.26 -25.24
CA PRO A 336 -14.44 20.49 -26.67
C PRO A 336 -14.00 19.31 -27.53
N GLY A 337 -14.84 18.93 -28.48
CA GLY A 337 -14.50 17.85 -29.37
C GLY A 337 -13.97 18.34 -30.71
N SER A 338 -13.80 17.37 -31.60
CA SER A 338 -13.39 17.62 -32.96
C SER A 338 -14.60 17.37 -33.84
N SER A 339 -14.86 18.31 -34.72
CA SER A 339 -15.97 18.24 -35.66
C SER A 339 -15.97 17.00 -36.54
N ILE A 340 -14.77 16.47 -36.84
CA ILE A 340 -14.65 15.26 -37.67
C ILE A 340 -14.56 13.97 -36.84
N MET A 341 -14.60 14.12 -35.52
CA MET A 341 -14.88 12.99 -34.61
C MET A 341 -16.11 13.33 -33.73
N PRO A 342 -17.32 13.31 -34.34
CA PRO A 342 -18.49 13.47 -33.52
C PRO A 342 -18.78 12.13 -32.88
N GLY A 343 -19.48 12.15 -31.76
CA GLY A 343 -19.72 10.91 -31.06
C GLY A 343 -18.65 10.58 -30.03
N LYS A 344 -17.39 11.00 -30.25
CA LYS A 344 -16.35 10.78 -29.24
C LYS A 344 -16.64 11.63 -28.04
N VAL A 345 -16.87 11.01 -26.89
CA VAL A 345 -17.04 11.79 -25.65
C VAL A 345 -16.13 11.17 -24.61
N ASN A 346 -14.95 11.75 -24.39
CA ASN A 346 -14.04 11.21 -23.39
C ASN A 346 -14.63 11.48 -22.02
N PRO A 347 -14.63 10.47 -21.12
CA PRO A 347 -15.32 10.63 -19.85
C PRO A 347 -14.44 11.34 -18.82
N VAL A 348 -14.19 12.62 -19.08
CA VAL A 348 -13.16 13.36 -18.37
C VAL A 348 -13.47 13.59 -16.89
N ILE A 349 -14.74 13.81 -16.53
CA ILE A 349 -15.05 14.04 -15.12
C ILE A 349 -14.82 12.75 -14.31
N PRO A 350 -15.45 11.63 -14.70
CA PRO A 350 -15.11 10.36 -13.97
C PRO A 350 -13.61 10.09 -13.92
N GLU A 351 -12.89 10.37 -15.02
CA GLU A 351 -11.42 10.18 -15.03
C GLU A 351 -10.69 11.00 -13.94
N SER A 352 -11.10 12.26 -13.75
CA SER A 352 -10.53 13.09 -12.67
C SER A 352 -10.88 12.55 -11.31
N VAL A 353 -12.06 11.94 -11.20
CA VAL A 353 -12.49 11.32 -9.97
C VAL A 353 -11.63 10.11 -9.62
N ASN A 354 -11.41 9.22 -10.60
CA ASN A 354 -10.50 8.08 -10.42
C ASN A 354 -9.11 8.56 -9.90
N GLN A 355 -8.57 9.62 -10.51
CA GLN A 355 -7.25 10.12 -10.15
C GLN A 355 -7.27 10.57 -8.69
N VAL A 356 -8.35 11.23 -8.27
CA VAL A 356 -8.45 11.73 -6.89
C VAL A 356 -8.49 10.51 -5.94
N CYS A 357 -9.22 9.49 -6.34
CA CYS A 357 -9.41 8.33 -5.51
C CYS A 357 -8.08 7.59 -5.28
N TYR A 358 -7.29 7.44 -6.32
CA TYR A 358 -5.92 6.86 -6.20
C TYR A 358 -5.01 7.70 -5.31
N GLN A 359 -5.11 9.04 -5.40
CA GLN A 359 -4.35 9.90 -4.52
C GLN A 359 -4.71 9.66 -3.04
N VAL A 360 -6.01 9.61 -2.76
CA VAL A 360 -6.55 9.34 -1.42
C VAL A 360 -6.07 8.00 -0.85
N ILE A 361 -6.01 6.98 -1.70
CA ILE A 361 -5.57 5.64 -1.26
C ILE A 361 -4.08 5.68 -0.92
N GLY A 362 -3.32 6.43 -1.72
CA GLY A 362 -1.89 6.61 -1.51
C GLY A 362 -1.65 7.40 -0.24
N ASN A 363 -2.41 8.48 -0.06
CA ASN A 363 -2.32 9.30 1.16
C ASN A 363 -2.64 8.53 2.40
N ASP A 364 -3.59 7.60 2.28
CA ASP A 364 -3.96 6.75 3.40
C ASP A 364 -2.81 5.84 3.85
N LEU A 365 -2.05 5.31 2.89
CA LEU A 365 -0.82 4.56 3.20
C LEU A 365 0.21 5.49 3.89
N THR A 366 0.33 6.72 3.42
CA THR A 366 1.24 7.67 4.04
C THR A 366 0.87 7.86 5.53
N VAL A 367 -0.41 8.01 5.79
CA VAL A 367 -0.90 8.13 7.17
C VAL A 367 -0.64 6.87 8.00
N THR A 368 -0.93 5.69 7.44
CA THR A 368 -0.64 4.45 8.17
C THR A 368 0.85 4.37 8.63
N MET A 369 1.79 4.74 7.74
CA MET A 369 3.23 4.65 8.10
C MET A 369 3.65 5.62 9.17
N ALA A 370 3.16 6.85 9.04
CA ALA A 370 3.35 7.87 10.08
C ALA A 370 2.80 7.40 11.42
N ALA A 371 1.56 6.94 11.40
CA ALA A 371 0.90 6.43 12.61
C ALA A 371 1.63 5.24 13.26
N GLU A 372 2.13 4.32 12.44
CA GLU A 372 2.84 3.15 12.97
C GLU A 372 4.23 3.49 13.56
N SER A 373 4.79 4.60 13.13
CA SER A 373 6.14 5.02 13.51
C SER A 373 6.17 5.89 14.76
N GLY A 374 5.07 5.88 15.55
CA GLY A 374 5.08 6.55 16.84
C GLY A 374 6.10 5.93 17.79
N GLN A 375 6.63 6.70 18.73
CA GLN A 375 7.59 6.10 19.66
C GLN A 375 7.36 6.62 21.05
N LEU A 376 7.14 5.70 21.98
CA LEU A 376 7.05 6.07 23.39
C LEU A 376 5.97 7.17 23.59
N GLN A 377 6.32 8.30 24.23
CA GLN A 377 5.31 9.30 24.62
C GLN A 377 4.96 10.35 23.56
N LEU A 378 5.33 10.10 22.32
CA LEU A 378 4.89 11.02 21.26
C LEU A 378 4.95 10.42 19.89
N ASN A 379 4.00 10.78 19.05
CA ASN A 379 4.14 10.55 17.61
C ASN A 379 4.62 11.86 16.98
N ALA A 380 5.82 11.79 16.38
CA ALA A 380 6.49 12.97 15.86
C ALA A 380 5.98 13.45 14.49
N PHE A 381 4.96 12.79 13.95
CA PHE A 381 4.61 12.97 12.54
C PHE A 381 3.20 13.43 12.28
N GLU A 382 2.55 14.06 13.27
CA GLU A 382 1.24 14.61 13.04
C GLU A 382 1.18 15.73 11.97
N PRO A 383 2.27 16.53 11.79
CA PRO A 383 2.23 17.49 10.65
C PRO A 383 1.95 16.80 9.33
N LEU A 384 2.58 15.65 9.10
CA LEU A 384 2.37 14.90 7.84
C LEU A 384 0.96 14.32 7.78
N ILE A 385 0.51 13.75 8.90
CA ILE A 385 -0.82 13.21 9.02
C ILE A 385 -1.90 14.26 8.69
N VAL A 386 -1.81 15.45 9.31
CA VAL A 386 -2.90 16.41 9.18
C VAL A 386 -2.92 16.94 7.75
N TYR A 387 -1.76 17.04 7.14
CA TYR A 387 -1.69 17.52 5.78
C TYR A 387 -2.34 16.53 4.82
N ASN A 388 -2.01 15.25 4.96
CA ASN A 388 -2.57 14.24 4.07
C ASN A 388 -4.07 14.20 4.26
N ILE A 389 -4.52 14.24 5.51
CA ILE A 389 -5.96 14.09 5.77
C ILE A 389 -6.78 15.28 5.28
N LEU A 390 -6.30 16.50 5.52
CA LEU A 390 -7.00 17.68 5.01
C LEU A 390 -6.94 17.74 3.49
N SER A 391 -5.80 17.35 2.90
CA SER A 391 -5.74 17.35 1.42
C SER A 391 -6.75 16.35 0.88
N SER A 392 -6.78 15.15 1.48
CA SER A 392 -7.73 14.09 1.04
C SER A 392 -9.21 14.52 1.19
N MET A 393 -9.52 15.22 2.28
CA MET A 393 -10.86 15.75 2.51
C MET A 393 -11.25 16.76 1.41
N ARG A 394 -10.33 17.69 1.11
CA ARG A 394 -10.59 18.65 0.05
C ARG A 394 -10.75 17.95 -1.31
N LEU A 395 -9.80 17.08 -1.65
CA LEU A 395 -9.88 16.37 -2.93
C LEU A 395 -11.19 15.64 -3.11
N LEU A 396 -11.60 14.87 -2.09
CA LEU A 396 -12.79 14.05 -2.22
C LEU A 396 -14.03 14.88 -2.32
N GLY A 397 -14.09 15.94 -1.50
CA GLY A 397 -15.22 16.85 -1.46
C GLY A 397 -15.41 17.53 -2.81
N ARG A 398 -14.32 17.96 -3.43
CA ARG A 398 -14.47 18.59 -4.72
C ARG A 398 -14.74 17.60 -5.84
N ALA A 399 -14.14 16.42 -5.77
CA ALA A 399 -14.41 15.36 -6.75
C ALA A 399 -15.89 15.03 -6.81
N MET A 400 -16.47 14.80 -5.64
CA MET A 400 -17.86 14.42 -5.52
C MET A 400 -18.80 15.53 -5.97
N THR A 401 -18.51 16.76 -5.54
CA THR A 401 -19.23 17.94 -6.06
C THR A 401 -19.19 18.03 -7.60
N ASN A 402 -17.99 17.97 -8.18
CA ASN A 402 -17.83 18.01 -9.63
C ASN A 402 -18.50 16.84 -10.36
N LEU A 403 -18.42 15.63 -9.80
CA LEU A 403 -19.12 14.47 -10.42
C LEU A 403 -20.64 14.66 -10.52
N ALA A 404 -21.26 15.17 -9.45
CA ALA A 404 -22.71 15.44 -9.39
C ALA A 404 -23.15 16.52 -10.39
N GLU A 405 -22.53 17.68 -10.28
CA GLU A 405 -22.86 18.89 -11.05
C GLU A 405 -22.47 18.88 -12.53
N ARG A 406 -21.28 18.34 -12.84
CA ARG A 406 -20.77 18.44 -14.20
C ARG A 406 -20.85 17.13 -14.98
N CYS A 407 -21.43 16.12 -14.35
CA CYS A 407 -21.56 14.81 -15.00
C CYS A 407 -22.94 14.18 -14.70
N VAL A 408 -23.13 13.69 -13.46
CA VAL A 408 -24.31 12.90 -13.14
C VAL A 408 -25.63 13.66 -13.42
N ASP A 409 -25.74 14.93 -13.04
CA ASP A 409 -27.01 15.67 -13.24
C ASP A 409 -27.46 15.65 -14.70
N GLY A 410 -26.50 15.61 -15.63
CA GLY A 410 -26.79 15.69 -17.07
C GLY A 410 -26.67 14.37 -17.78
N ILE A 411 -26.47 13.26 -17.05
CA ILE A 411 -26.46 11.95 -17.73
C ILE A 411 -27.80 11.62 -18.43
N GLU A 412 -27.72 11.04 -19.62
CA GLU A 412 -28.93 10.60 -20.31
C GLU A 412 -28.81 9.14 -20.71
N ALA A 413 -29.93 8.46 -20.70
CA ALA A 413 -29.98 7.06 -21.12
C ALA A 413 -30.18 6.92 -22.62
N ASN A 414 -29.46 5.95 -23.19
CA ASN A 414 -29.75 5.48 -24.51
C ASN A 414 -30.75 4.36 -24.37
N VAL A 415 -32.03 4.75 -24.30
CA VAL A 415 -33.14 3.85 -23.94
C VAL A 415 -33.23 2.65 -24.89
N GLU A 416 -33.21 2.93 -26.19
CA GLU A 416 -33.24 1.91 -27.23
C GLU A 416 -32.06 0.94 -27.15
N ARG A 417 -30.83 1.46 -27.03
CA ARG A 417 -29.67 0.57 -26.89
C ARG A 417 -29.77 -0.24 -25.57
N CYS A 418 -30.19 0.39 -24.48
CA CYS A 418 -30.42 -0.33 -23.23
C CYS A 418 -31.41 -1.48 -23.41
N ARG A 419 -32.55 -1.16 -24.01
CA ARG A 419 -33.55 -2.17 -24.27
CA ARG A 419 -33.57 -2.15 -24.31
C ARG A 419 -33.03 -3.29 -25.19
N ALA A 420 -32.31 -2.93 -26.26
CA ALA A 420 -31.75 -3.99 -27.17
C ALA A 420 -30.87 -4.97 -26.39
N GLY A 421 -30.00 -4.46 -25.51
CA GLY A 421 -29.20 -5.32 -24.65
C GLY A 421 -30.05 -6.28 -23.83
N ALA A 422 -31.08 -5.77 -23.15
CA ALA A 422 -31.98 -6.66 -22.41
C ALA A 422 -32.66 -7.69 -23.31
N GLU A 423 -33.20 -7.25 -24.45
CA GLU A 423 -33.94 -8.14 -25.36
C GLU A 423 -33.06 -9.25 -25.99
N GLU A 424 -31.76 -8.97 -26.19
CA GLU A 424 -30.80 -9.99 -26.65
C GLU A 424 -30.21 -10.89 -25.53
N SER A 425 -30.69 -10.77 -24.29
CA SER A 425 -30.22 -11.59 -23.17
C SER A 425 -30.57 -13.08 -23.37
N ILE A 426 -29.57 -13.93 -23.38
CA ILE A 426 -29.82 -15.37 -23.48
C ILE A 426 -30.64 -15.91 -22.28
N SER A 427 -30.53 -15.26 -21.10
CA SER A 427 -31.25 -15.71 -19.91
C SER A 427 -32.77 -15.85 -20.16
N LEU A 428 -33.27 -15.06 -21.11
CA LEU A 428 -34.66 -15.11 -21.52
C LEU A 428 -35.15 -16.55 -21.84
N ALA A 429 -34.27 -17.39 -22.39
CA ALA A 429 -34.62 -18.78 -22.73
C ALA A 429 -35.23 -19.56 -21.55
N THR A 430 -34.80 -19.21 -20.34
CA THR A 430 -35.28 -19.82 -19.09
C THR A 430 -36.80 -19.68 -18.87
N ALA A 431 -37.36 -18.53 -19.25
CA ALA A 431 -38.82 -18.30 -19.13
C ALA A 431 -39.68 -19.28 -19.97
N LEU A 432 -39.05 -19.96 -20.95
CA LEU A 432 -39.74 -20.92 -21.81
C LEU A 432 -39.76 -22.37 -21.26
N VAL A 433 -39.01 -22.64 -20.20
CA VAL A 433 -38.88 -24.03 -19.68
C VAL A 433 -40.25 -24.74 -19.41
N PRO A 434 -41.18 -24.08 -18.67
CA PRO A 434 -42.56 -24.60 -18.50
C PRO A 434 -43.37 -24.82 -19.79
N VAL A 435 -43.08 -24.06 -20.84
CA VAL A 435 -43.78 -24.26 -22.11
C VAL A 435 -43.21 -25.42 -22.96
N VAL A 436 -41.90 -25.43 -23.18
CA VAL A 436 -41.23 -26.43 -24.05
C VAL A 436 -40.29 -27.43 -23.32
N GLY A 437 -40.18 -27.31 -22.00
CA GLY A 437 -39.24 -28.12 -21.24
C GLY A 437 -37.83 -27.55 -21.33
N TYR A 438 -37.00 -27.90 -20.35
CA TYR A 438 -35.63 -27.46 -20.27
C TYR A 438 -34.83 -27.73 -21.57
N ALA A 439 -34.90 -28.96 -22.09
CA ALA A 439 -34.09 -29.33 -23.24
C ALA A 439 -34.29 -28.42 -24.44
N ARG A 440 -35.55 -28.24 -24.85
CA ARG A 440 -35.89 -27.47 -26.06
C ARG A 440 -35.63 -25.98 -25.85
N ALA A 441 -35.78 -25.52 -24.61
CA ALA A 441 -35.38 -24.18 -24.21
C ALA A 441 -33.89 -23.92 -24.47
N ALA A 442 -33.04 -24.91 -24.20
CA ALA A 442 -31.59 -24.79 -24.42
C ALA A 442 -31.23 -24.80 -25.91
N GLU A 443 -31.91 -25.66 -26.69
CA GLU A 443 -31.72 -25.62 -28.16
C GLU A 443 -32.02 -24.23 -28.76
N ILE A 444 -33.08 -23.57 -28.28
CA ILE A 444 -33.39 -22.19 -28.71
C ILE A 444 -32.32 -21.18 -28.25
N ALA A 445 -31.83 -21.33 -27.02
CA ALA A 445 -30.75 -20.46 -26.55
C ALA A 445 -29.55 -20.51 -27.49
N LYS A 446 -29.14 -21.73 -27.85
CA LYS A 446 -27.92 -21.96 -28.65
C LYS A 446 -28.12 -21.44 -30.07
N GLN A 447 -29.34 -21.60 -30.57
CA GLN A 447 -29.70 -21.12 -31.89
C GLN A 447 -29.72 -19.57 -31.95
N ALA A 448 -30.36 -18.93 -30.95
CA ALA A 448 -30.30 -17.46 -30.76
C ALA A 448 -28.87 -16.94 -30.87
N LEU A 449 -28.00 -17.48 -30.02
CA LEU A 449 -26.56 -17.20 -30.01
C LEU A 449 -25.86 -17.34 -31.39
N ALA A 450 -26.17 -18.41 -32.14
CA ALA A 450 -25.49 -18.66 -33.42
C ALA A 450 -25.97 -17.74 -34.53
N SER A 451 -27.26 -17.43 -34.54
CA SER A 451 -27.85 -16.58 -35.57
C SER A 451 -27.73 -15.10 -35.24
N GLY A 452 -27.48 -14.80 -33.96
CA GLY A 452 -27.48 -13.43 -33.51
C GLY A 452 -28.87 -12.91 -33.18
N GLN A 453 -29.91 -13.69 -33.51
CA GLN A 453 -31.29 -13.36 -33.15
C GLN A 453 -31.59 -13.38 -31.64
N THR A 454 -32.67 -12.72 -31.24
CA THR A 454 -33.13 -12.76 -29.83
C THR A 454 -33.88 -14.05 -29.60
N VAL A 455 -34.03 -14.40 -28.33
CA VAL A 455 -34.68 -15.64 -27.94
C VAL A 455 -36.16 -15.62 -28.36
N MET A 456 -36.75 -14.42 -28.36
CA MET A 456 -38.13 -14.20 -28.82
C MET A 456 -38.24 -14.43 -30.33
N GLU A 457 -37.27 -13.92 -31.08
CA GLU A 457 -37.23 -14.13 -32.51
C GLU A 457 -37.12 -15.62 -32.83
N VAL A 458 -36.21 -16.34 -32.15
CA VAL A 458 -36.14 -17.79 -32.32
C VAL A 458 -37.46 -18.48 -31.89
N ALA A 459 -37.96 -18.14 -30.69
CA ALA A 459 -39.25 -18.68 -30.21
C ALA A 459 -40.38 -18.52 -31.24
N ILE A 460 -40.66 -17.29 -31.64
CA ILE A 460 -41.67 -17.02 -32.67
C ILE A 460 -41.40 -17.83 -33.97
N SER A 461 -40.15 -17.89 -34.42
CA SER A 461 -39.80 -18.66 -35.64
C SER A 461 -40.16 -20.16 -35.57
N LYS A 462 -40.25 -20.70 -34.36
CA LYS A 462 -40.71 -22.09 -34.16
C LYS A 462 -42.20 -22.17 -33.76
N GLY A 463 -42.92 -21.04 -33.89
CA GLY A 463 -44.35 -20.97 -33.58
C GLY A 463 -44.74 -21.04 -32.12
N LEU A 464 -43.81 -20.70 -31.22
CA LEU A 464 -44.05 -20.75 -29.77
C LEU A 464 -44.48 -19.37 -29.21
N ASP A 465 -45.29 -19.40 -28.14
CA ASP A 465 -45.81 -18.18 -27.53
C ASP A 465 -44.70 -17.35 -26.86
N ALA A 466 -44.70 -16.04 -27.19
CA ALA A 466 -43.76 -15.06 -26.61
C ALA A 466 -44.11 -14.64 -25.17
N SER A 467 -45.38 -14.86 -24.81
CA SER A 467 -45.99 -14.37 -23.56
C SER A 467 -45.08 -14.37 -22.34
N ALA A 468 -44.46 -15.51 -22.06
CA ALA A 468 -43.67 -15.69 -20.85
C ALA A 468 -42.47 -14.75 -20.81
N LEU A 469 -41.85 -14.55 -21.98
CA LEU A 469 -40.64 -13.74 -22.13
C LEU A 469 -40.82 -12.28 -21.75
N THR A 470 -41.84 -11.64 -22.33
CA THR A 470 -42.02 -10.18 -22.14
C THR A 470 -42.36 -9.78 -20.69
N ILE A 471 -42.68 -10.78 -19.85
CA ILE A 471 -42.82 -10.58 -18.40
C ILE A 471 -41.47 -10.36 -17.72
N MET A 472 -40.44 -11.07 -18.17
CA MET A 472 -39.08 -10.92 -17.60
C MET A 472 -38.33 -9.66 -18.10
N LEU A 473 -38.95 -8.98 -19.07
CA LEU A 473 -38.46 -7.70 -19.63
C LEU A 473 -39.27 -6.51 -19.11
N ASP A 474 -40.15 -6.76 -18.16
CA ASP A 474 -41.00 -5.74 -17.56
C ASP A 474 -40.34 -5.13 -16.31
N PRO A 475 -40.05 -3.81 -16.36
CA PRO A 475 -39.43 -3.01 -15.30
C PRO A 475 -40.10 -3.15 -13.91
N LEU A 476 -41.42 -3.36 -13.90
CA LEU A 476 -42.16 -3.76 -12.70
C LEU A 476 -41.95 -5.27 -12.44
N ARG A 477 -41.37 -5.62 -11.29
CA ARG A 477 -40.86 -6.98 -11.08
C ARG A 477 -41.50 -7.66 -9.86
N MET B 22 5.35 -42.63 22.80
CA MET B 22 6.62 -42.41 23.54
C MET B 22 7.23 -41.04 23.23
N THR B 23 7.89 -40.46 24.22
CA THR B 23 8.63 -39.23 24.03
C THR B 23 10.07 -39.42 24.51
N ARG B 24 10.98 -38.66 23.94
CA ARG B 24 12.33 -38.59 24.49
C ARG B 24 12.44 -37.29 25.26
N ARG B 25 13.34 -37.24 26.22
CA ARG B 25 13.58 -36.02 26.99
C ARG B 25 14.79 -35.32 26.43
N GLU B 26 14.67 -34.00 26.29
CA GLU B 26 15.79 -33.16 25.87
C GLU B 26 15.92 -31.93 26.79
N GLN B 27 17.08 -31.30 26.74
CA GLN B 27 17.39 -30.15 27.59
C GLN B 27 18.12 -29.03 26.84
N ASP B 28 17.77 -27.78 27.14
CA ASP B 28 18.58 -26.62 26.73
C ASP B 28 18.80 -25.69 27.95
N SER B 29 19.33 -24.47 27.74
CA SER B 29 19.58 -23.55 28.89
C SER B 29 18.32 -23.11 29.68
N LEU B 30 17.13 -23.22 29.07
CA LEU B 30 15.88 -22.87 29.77
C LEU B 30 15.34 -23.98 30.65
N GLY B 31 15.68 -25.23 30.35
CA GLY B 31 15.15 -26.41 31.08
C GLY B 31 14.93 -27.60 30.18
N GLU B 32 14.06 -28.51 30.62
CA GLU B 32 13.78 -29.77 29.91
C GLU B 32 12.41 -29.78 29.24
N ARG B 33 12.28 -30.50 28.12
CA ARG B 33 10.98 -30.72 27.48
C ARG B 33 10.91 -32.14 26.93
N ASP B 34 9.69 -32.64 26.74
CA ASP B 34 9.50 -33.91 26.09
C ASP B 34 9.27 -33.67 24.61
N ILE B 35 9.91 -34.49 23.78
CA ILE B 35 9.88 -34.36 22.30
C ILE B 35 9.31 -35.67 21.78
N PRO B 36 8.38 -35.64 20.80
CA PRO B 36 7.96 -36.90 20.16
C PRO B 36 9.16 -37.75 19.75
N MET B 37 9.20 -38.98 20.26
CA MET B 37 10.34 -39.91 20.08
C MET B 37 10.97 -39.96 18.66
N ASP B 38 10.11 -39.92 17.66
CA ASP B 38 10.47 -40.13 16.26
C ASP B 38 10.99 -38.87 15.55
N ALA B 39 10.50 -37.69 15.98
CA ALA B 39 10.89 -36.39 15.41
C ALA B 39 12.39 -36.20 15.19
N TYR B 40 12.76 -35.63 14.06
CA TYR B 40 14.13 -35.22 13.82
C TYR B 40 14.48 -33.86 14.41
N PHE B 41 13.46 -33.03 14.71
CA PHE B 41 13.69 -31.75 15.41
C PHE B 41 13.87 -32.00 16.91
N GLY B 42 14.35 -30.98 17.62
CA GLY B 42 14.64 -31.08 19.04
C GLY B 42 13.83 -30.05 19.84
N ILE B 43 14.34 -29.79 21.03
CA ILE B 43 13.73 -28.92 22.01
C ILE B 43 13.71 -27.46 21.55
N GLN B 44 14.78 -26.99 20.92
CA GLN B 44 14.79 -25.62 20.45
C GLN B 44 13.68 -25.37 19.44
N THR B 45 13.44 -26.32 18.54
CA THR B 45 12.41 -26.22 17.49
C THR B 45 10.99 -26.30 18.06
N LEU B 46 10.80 -27.24 19.01
CA LEU B 46 9.56 -27.36 19.77
C LEU B 46 9.19 -26.07 20.51
N ARG B 47 10.18 -25.42 21.10
CA ARG B 47 9.97 -24.13 21.75
C ARG B 47 9.46 -23.11 20.70
N ALA B 48 10.09 -23.12 19.53
CA ALA B 48 9.73 -22.20 18.44
C ALA B 48 8.33 -22.45 17.91
N VAL B 49 7.93 -23.72 17.78
CA VAL B 49 6.54 -24.07 17.47
C VAL B 49 5.54 -23.42 18.45
N GLU B 50 5.83 -23.42 19.75
CA GLU B 50 4.93 -22.83 20.75
C GLU B 50 5.01 -21.30 20.79
N ASN B 51 6.22 -20.77 20.55
CA ASN B 51 6.46 -19.34 20.63
C ASN B 51 5.82 -18.60 19.45
N PHE B 52 5.91 -19.17 18.25
CA PHE B 52 5.54 -18.44 17.00
C PHE B 52 4.42 -19.07 16.22
N SER B 53 3.53 -19.79 16.92
CA SER B 53 2.34 -20.38 16.29
C SER B 53 1.34 -19.27 15.96
N LEU B 54 1.33 -18.86 14.69
CA LEU B 54 0.67 -17.64 14.26
C LEU B 54 -0.18 -17.78 12.99
N SER B 55 0.35 -18.51 12.01
CA SER B 55 -0.22 -18.52 10.67
C SER B 55 -0.69 -19.88 10.19
N ASP B 56 -0.32 -20.95 10.90
CA ASP B 56 -0.40 -22.31 10.35
C ASP B 56 0.39 -22.51 9.05
N VAL B 57 1.31 -21.59 8.75
CA VAL B 57 2.21 -21.75 7.61
C VAL B 57 3.67 -22.01 8.06
N ALA B 58 4.19 -23.20 7.75
CA ALA B 58 5.46 -23.62 8.31
C ALA B 58 6.56 -23.44 7.29
N LEU B 59 7.79 -23.51 7.75
CA LEU B 59 8.97 -23.42 6.90
C LEU B 59 8.89 -24.37 5.67
N ASN B 60 8.29 -25.54 5.87
CA ASN B 60 8.11 -26.47 4.75
C ASN B 60 7.24 -25.93 3.59
N HIS B 61 6.50 -24.85 3.82
CA HIS B 61 5.71 -24.24 2.75
CA HIS B 61 5.70 -24.21 2.75
C HIS B 61 6.59 -23.33 1.87
N ILE B 62 7.81 -23.03 2.35
CA ILE B 62 8.83 -22.35 1.50
C ILE B 62 10.07 -23.24 1.45
N PRO B 63 9.96 -24.38 0.73
CA PRO B 63 11.04 -25.38 0.74
C PRO B 63 12.36 -24.88 0.16
N ALA B 64 12.36 -23.79 -0.61
CA ALA B 64 13.60 -23.25 -1.18
C ALA B 64 14.53 -22.74 -0.08
N LEU B 65 13.94 -22.25 1.01
CA LEU B 65 14.69 -21.78 2.14
C LEU B 65 15.28 -22.94 2.94
N VAL B 66 14.50 -24.01 3.09
CA VAL B 66 14.96 -25.21 3.79
C VAL B 66 16.14 -25.83 3.01
N ARG B 67 15.99 -25.99 1.69
CA ARG B 67 17.07 -26.50 0.86
C ARG B 67 18.29 -25.58 0.95
N ALA B 68 18.07 -24.27 0.95
CA ALA B 68 19.20 -23.36 0.95
C ALA B 68 19.95 -23.43 2.29
N LEU B 69 19.17 -23.50 3.38
CA LEU B 69 19.74 -23.71 4.72
C LEU B 69 20.64 -24.95 4.77
N ALA B 70 20.16 -26.04 4.19
CA ALA B 70 20.92 -27.30 4.15
C ALA B 70 22.19 -27.18 3.32
N MET B 71 22.15 -26.40 2.25
CA MET B 71 23.37 -26.11 1.50
C MET B 71 24.41 -25.36 2.33
N VAL B 72 23.96 -24.35 3.08
CA VAL B 72 24.83 -23.53 3.89
C VAL B 72 25.42 -24.40 5.02
N LYS B 73 24.60 -25.28 5.60
CA LYS B 73 25.09 -26.22 6.62
C LYS B 73 26.14 -27.22 6.06
N LYS B 74 25.94 -27.67 4.82
CA LYS B 74 26.90 -28.53 4.15
C LYS B 74 28.22 -27.81 3.90
N ALA B 75 28.12 -26.58 3.38
CA ALA B 75 29.32 -25.82 3.10
C ALA B 75 30.12 -25.56 4.39
N ALA B 76 29.42 -25.21 5.49
CA ALA B 76 30.09 -24.97 6.77
C ALA B 76 30.75 -26.24 7.34
N ALA B 77 30.08 -27.39 7.22
CA ALA B 77 30.62 -28.65 7.69
C ALA B 77 31.91 -29.00 6.91
N THR B 78 31.90 -28.77 5.60
CA THR B 78 33.05 -29.00 4.72
C THR B 78 34.21 -28.06 5.06
N ALA B 79 33.92 -26.77 5.18
CA ALA B 79 34.94 -25.84 5.62
C ALA B 79 35.53 -26.27 6.96
N ASN B 80 34.67 -26.56 7.93
CA ASN B 80 35.12 -26.99 9.25
C ASN B 80 35.98 -28.26 9.20
N TYR B 81 35.57 -29.21 8.35
CA TYR B 81 36.33 -30.42 8.20
C TYR B 81 37.71 -30.11 7.60
N LYS B 82 37.71 -29.32 6.52
CA LYS B 82 38.94 -29.02 5.81
C LYS B 82 39.94 -28.24 6.67
N LEU B 83 39.45 -27.54 7.67
CA LEU B 83 40.29 -26.84 8.63
C LEU B 83 40.45 -27.55 9.98
N ARG B 84 40.32 -28.88 10.01
CA ARG B 84 40.62 -29.70 11.24
C ARG B 84 39.77 -29.44 12.48
N GLN B 85 38.63 -28.79 12.30
CA GLN B 85 37.78 -28.43 13.43
C GLN B 85 36.64 -29.44 13.64
N LEU B 86 36.30 -30.15 12.57
CA LEU B 86 35.20 -31.10 12.60
C LEU B 86 35.73 -32.50 12.22
N PRO B 87 35.64 -33.48 13.16
CA PRO B 87 36.12 -34.87 12.92
C PRO B 87 35.46 -35.57 11.74
N GLU B 88 36.26 -36.33 11.00
CA GLU B 88 35.82 -37.09 9.84
C GLU B 88 34.45 -37.81 9.92
N PRO B 89 34.23 -38.66 10.96
CA PRO B 89 32.94 -39.39 10.99
C PRO B 89 31.73 -38.47 11.18
N LYS B 90 31.89 -37.38 11.93
CA LYS B 90 30.80 -36.45 12.17
C LYS B 90 30.58 -35.58 10.91
N TYR B 91 31.67 -35.12 10.31
CA TYR B 91 31.59 -34.40 9.02
C TYR B 91 30.82 -35.20 7.97
N ALA B 92 31.13 -36.48 7.86
CA ALA B 92 30.60 -37.26 6.75
C ALA B 92 29.10 -37.53 6.96
N ALA B 93 28.76 -37.83 8.22
CA ALA B 93 27.38 -38.06 8.58
C ALA B 93 26.55 -36.76 8.45
N ILE B 94 27.13 -35.62 8.86
CA ILE B 94 26.47 -34.32 8.65
C ILE B 94 26.21 -33.98 7.17
N VAL B 95 27.22 -34.19 6.32
CA VAL B 95 27.10 -33.89 4.87
C VAL B 95 26.02 -34.80 4.22
N ALA B 96 25.97 -36.06 4.64
CA ALA B 96 24.98 -36.97 4.10
C ALA B 96 23.57 -36.51 4.54
N ALA B 97 23.45 -36.07 5.79
CA ALA B 97 22.19 -35.54 6.34
C ALA B 97 21.78 -34.27 5.59
N CYS B 98 22.75 -33.42 5.25
CA CYS B 98 22.45 -32.23 4.46
C CYS B 98 21.92 -32.60 3.09
N ASP B 99 22.60 -33.53 2.41
CA ASP B 99 22.22 -33.99 1.08
C ASP B 99 20.79 -34.55 1.04
N ASP B 100 20.43 -35.34 2.07
CA ASP B 100 19.08 -35.85 2.21
C ASP B 100 18.06 -34.70 2.19
N ILE B 101 18.32 -33.64 2.96
CA ILE B 101 17.40 -32.52 3.04
C ILE B 101 17.40 -31.75 1.75
N ILE B 102 18.58 -31.58 1.17
CA ILE B 102 18.67 -30.94 -0.15
C ILE B 102 17.75 -31.66 -1.16
N ASP B 103 17.67 -33.00 -1.11
CA ASP B 103 16.76 -33.77 -1.99
C ASP B 103 15.28 -33.62 -1.72
N GLY B 104 14.90 -33.08 -0.56
CA GLY B 104 13.49 -32.93 -0.23
C GLY B 104 13.04 -33.86 0.87
N LEU B 105 13.95 -34.73 1.31
CA LEU B 105 13.64 -35.60 2.46
C LEU B 105 13.55 -34.70 3.68
N LEU B 106 12.68 -35.10 4.60
CA LEU B 106 12.56 -34.47 5.91
C LEU B 106 11.92 -33.06 5.90
N MET B 107 11.33 -32.67 4.77
CA MET B 107 10.53 -31.44 4.73
C MET B 107 9.55 -31.34 5.88
N GLU B 108 8.90 -32.44 6.25
CA GLU B 108 7.90 -32.40 7.33
C GLU B 108 8.48 -32.08 8.73
N GLN B 109 9.80 -32.12 8.88
CA GLN B 109 10.45 -31.84 10.17
C GLN B 109 10.75 -30.33 10.31
N PHE B 110 10.44 -29.57 9.25
CA PHE B 110 10.65 -28.13 9.21
C PHE B 110 9.33 -27.41 9.50
N VAL B 111 9.10 -27.27 10.80
CA VAL B 111 7.78 -27.04 11.36
C VAL B 111 7.65 -25.62 11.95
N VAL B 112 8.71 -24.87 11.93
CA VAL B 112 8.68 -23.51 12.48
C VAL B 112 7.85 -22.55 11.61
N ASP B 113 6.97 -21.77 12.24
CA ASP B 113 6.09 -20.81 11.54
C ASP B 113 6.90 -19.81 10.72
N VAL B 114 6.45 -19.46 9.51
CA VAL B 114 7.19 -18.46 8.70
C VAL B 114 7.20 -17.06 9.38
N PHE B 115 6.27 -16.78 10.29
CA PHE B 115 6.19 -15.45 10.93
C PHE B 115 7.01 -15.38 12.23
N GLN B 116 7.82 -16.43 12.45
CA GLN B 116 8.80 -16.50 13.55
C GLN B 116 9.53 -15.19 13.84
N GLY B 117 9.64 -14.87 15.12
CA GLY B 117 10.51 -13.77 15.53
C GLY B 117 11.93 -14.31 15.59
N GLY B 118 12.88 -13.47 16.04
CA GLY B 118 14.27 -13.91 16.17
C GLY B 118 15.17 -13.73 14.97
N ALA B 119 14.65 -13.13 13.91
CA ALA B 119 15.48 -12.76 12.76
C ALA B 119 16.07 -13.94 11.99
N GLY B 120 15.50 -15.13 12.17
CA GLY B 120 16.00 -16.30 11.47
C GLY B 120 16.56 -17.38 12.38
N THR B 121 16.72 -17.06 13.68
CA THR B 121 17.28 -18.02 14.67
C THR B 121 16.56 -19.40 14.72
N SER B 122 15.23 -19.40 14.69
CA SER B 122 14.52 -20.63 14.82
C SER B 122 14.62 -21.50 13.55
N SER B 123 14.75 -20.85 12.40
CA SER B 123 15.02 -21.52 11.16
C SER B 123 16.43 -22.17 11.22
N ASN B 124 17.41 -21.41 11.70
CA ASN B 124 18.78 -21.92 11.86
C ASN B 124 18.76 -23.15 12.80
N MET B 125 18.06 -23.00 13.91
CA MET B 125 18.00 -24.08 14.87
C MET B 125 17.18 -25.28 14.39
N ASN B 126 16.11 -25.02 13.64
CA ASN B 126 15.30 -26.10 13.09
C ASN B 126 16.19 -26.97 12.21
N ALA B 127 17.07 -26.33 11.44
CA ALA B 127 18.03 -27.04 10.58
C ALA B 127 19.06 -27.82 11.39
N ASN B 128 19.71 -27.12 12.32
CA ASN B 128 20.73 -27.71 13.18
C ASN B 128 20.24 -29.00 13.87
N GLU B 129 19.02 -28.95 14.42
CA GLU B 129 18.51 -30.13 15.18
C GLU B 129 18.17 -31.30 14.22
N VAL B 130 17.50 -30.99 13.11
CA VAL B 130 17.12 -32.03 12.12
C VAL B 130 18.35 -32.69 11.51
N ILE B 131 19.34 -31.90 11.15
CA ILE B 131 20.56 -32.43 10.61
C ILE B 131 21.36 -33.24 11.65
N ALA B 132 21.46 -32.74 12.90
CA ALA B 132 22.05 -33.55 13.96
C ALA B 132 21.39 -34.94 14.06
N ASN B 133 20.06 -34.98 14.16
CA ASN B 133 19.38 -36.27 14.33
C ASN B 133 19.43 -37.22 13.14
N ARG B 134 19.46 -36.68 11.93
CA ARG B 134 19.61 -37.51 10.74
C ARG B 134 21.04 -38.01 10.61
N ALA B 135 22.02 -37.19 10.96
CA ALA B 135 23.42 -37.64 10.93
C ALA B 135 23.64 -38.74 11.98
N LEU B 136 23.01 -38.55 13.15
CA LEU B 136 23.03 -39.56 14.21
C LEU B 136 22.43 -40.88 13.71
N GLU B 137 21.35 -40.80 12.94
CA GLU B 137 20.76 -41.98 12.35
C GLU B 137 21.73 -42.69 11.39
N HIS B 138 22.41 -41.90 10.57
CA HIS B 138 23.44 -42.39 9.65
C HIS B 138 24.59 -43.13 10.35
N LEU B 139 24.91 -42.69 11.57
CA LEU B 139 25.92 -43.34 12.42
C LEU B 139 25.33 -44.44 13.33
N GLY B 140 24.07 -44.82 13.06
CA GLY B 140 23.33 -45.81 13.83
C GLY B 140 23.05 -45.48 15.30
N ARG B 141 22.89 -44.19 15.61
CA ARG B 141 22.65 -43.68 16.97
C ARG B 141 21.22 -43.20 17.14
N PRO B 142 20.69 -43.19 18.38
CA PRO B 142 19.31 -42.74 18.56
C PRO B 142 19.16 -41.21 18.49
N ARG B 143 17.93 -40.73 18.34
CA ARG B 143 17.66 -39.29 18.42
C ARG B 143 18.17 -38.79 19.77
N GLY B 144 18.70 -37.57 19.79
CA GLY B 144 19.06 -36.96 21.05
C GLY B 144 20.45 -37.31 21.54
N ASP B 145 21.14 -38.26 20.88
CA ASP B 145 22.53 -38.56 21.28
C ASP B 145 23.44 -37.38 20.88
N TYR B 146 23.23 -36.25 21.55
CA TYR B 146 23.91 -35.02 21.17
C TYR B 146 25.37 -34.98 21.58
N GLN B 147 25.77 -35.88 22.49
CA GLN B 147 27.16 -36.23 22.77
C GLN B 147 27.94 -36.66 21.49
N THR B 148 27.28 -37.41 20.59
CA THR B 148 27.91 -37.83 19.31
C THR B 148 27.88 -36.72 18.23
N ILE B 149 26.70 -36.14 17.97
CA ILE B 149 26.54 -34.98 17.06
C ILE B 149 25.70 -33.88 17.73
N HIS B 150 26.33 -32.76 18.02
CA HIS B 150 25.66 -31.68 18.74
C HIS B 150 25.10 -30.59 17.80
N PRO B 151 23.79 -30.30 17.91
CA PRO B 151 23.17 -29.31 17.02
C PRO B 151 23.90 -27.96 17.02
N ASN B 152 24.31 -27.47 18.19
CA ASN B 152 25.03 -26.19 18.26
CA ASN B 152 25.02 -26.20 18.29
C ASN B 152 26.52 -26.35 18.02
N ASP B 153 27.16 -27.20 18.81
CA ASP B 153 28.63 -27.31 18.79
C ASP B 153 29.18 -27.84 17.45
N ASP B 154 28.46 -28.78 16.84
CA ASP B 154 28.92 -29.43 15.60
C ASP B 154 28.28 -28.86 14.34
N VAL B 155 26.95 -29.02 14.19
CA VAL B 155 26.21 -28.53 13.01
C VAL B 155 26.21 -27.02 12.84
N ASN B 156 26.19 -26.29 13.95
CA ASN B 156 26.31 -24.83 13.93
C ASN B 156 27.77 -24.36 14.24
N MET B 157 28.74 -25.26 14.19
CA MET B 157 30.15 -24.90 14.42
C MET B 157 30.60 -23.74 13.52
N SER B 158 31.30 -22.76 14.11
CA SER B 158 31.81 -21.58 13.38
C SER B 158 30.71 -20.66 12.81
N GLN B 159 29.46 -20.97 13.11
CA GLN B 159 28.32 -20.27 12.48
C GLN B 159 27.55 -19.39 13.45
N SER B 160 26.93 -18.33 12.93
CA SER B 160 25.92 -17.61 13.69
C SER B 160 24.72 -17.30 12.78
N THR B 161 23.55 -17.16 13.39
CA THR B 161 22.34 -16.77 12.67
C THR B 161 22.56 -15.59 11.68
N ASN B 162 23.21 -14.54 12.18
CA ASN B 162 23.33 -13.28 11.42
C ASN B 162 24.20 -13.33 10.16
N ASP B 163 24.87 -14.45 9.99
CA ASP B 163 25.54 -14.75 8.74
C ASP B 163 24.85 -15.93 7.99
N VAL B 164 24.53 -17.02 8.68
CA VAL B 164 23.89 -18.19 8.04
C VAL B 164 22.52 -17.88 7.37
N TYR B 165 21.62 -17.25 8.13
CA TYR B 165 20.24 -17.01 7.68
C TYR B 165 20.17 -16.01 6.50
N PRO B 166 20.82 -14.84 6.61
CA PRO B 166 20.73 -13.95 5.48
C PRO B 166 21.41 -14.52 4.23
N THR B 167 22.44 -15.34 4.42
CA THR B 167 23.08 -16.06 3.31
C THR B 167 22.08 -17.03 2.70
N ALA B 168 21.39 -17.78 3.54
CA ALA B 168 20.43 -18.78 3.06
C ALA B 168 19.20 -18.13 2.39
N VAL B 169 18.77 -16.98 2.92
CA VAL B 169 17.71 -16.20 2.29
C VAL B 169 18.09 -15.83 0.87
N ARG B 170 19.26 -15.23 0.69
CA ARG B 170 19.67 -14.81 -0.66
C ARG B 170 19.78 -16.00 -1.64
N LEU B 171 20.32 -17.10 -1.16
CA LEU B 171 20.49 -18.31 -1.98
C LEU B 171 19.13 -18.91 -2.37
N ALA B 172 18.19 -18.97 -1.43
CA ALA B 172 16.82 -19.41 -1.73
C ALA B 172 16.20 -18.58 -2.82
N LEU B 173 16.33 -17.25 -2.70
CA LEU B 173 15.93 -16.33 -3.77
C LEU B 173 16.64 -16.60 -5.11
N LEU B 174 17.95 -16.83 -5.09
CA LEU B 174 18.63 -17.21 -6.33
C LEU B 174 18.14 -18.55 -6.93
N LEU B 175 17.85 -19.54 -6.10
CA LEU B 175 17.48 -20.85 -6.65
C LEU B 175 16.03 -20.86 -7.13
N SER B 176 15.32 -19.78 -6.82
CA SER B 176 13.91 -19.67 -7.15
C SER B 176 13.66 -18.88 -8.42
N GLN B 177 14.73 -18.32 -9.00
CA GLN B 177 14.64 -17.52 -10.24
C GLN B 177 14.09 -18.26 -11.44
N ASN B 178 14.63 -19.46 -11.69
CA ASN B 178 14.26 -20.21 -12.88
C ASN B 178 12.75 -20.32 -13.05
N GLN B 179 12.03 -20.60 -11.97
CA GLN B 179 10.56 -20.79 -12.05
C GLN B 179 9.80 -19.59 -12.63
N VAL B 180 10.12 -18.37 -12.16
CA VAL B 180 9.55 -17.14 -12.67
C VAL B 180 10.01 -16.84 -14.11
N GLN B 181 11.30 -16.95 -14.38
CA GLN B 181 11.85 -16.81 -15.74
C GLN B 181 11.20 -17.77 -16.74
N THR B 182 11.07 -19.05 -16.41
CA THR B 182 10.40 -20.00 -17.31
C THR B 182 8.93 -19.59 -17.54
N ALA B 183 8.23 -19.21 -16.46
CA ALA B 183 6.81 -18.85 -16.55
C ALA B 183 6.63 -17.69 -17.49
N LEU B 184 7.44 -16.68 -17.27
CA LEU B 184 7.43 -15.48 -18.06
C LEU B 184 7.72 -15.75 -19.55
N HIS B 185 8.68 -16.64 -19.83
CA HIS B 185 9.03 -17.00 -21.21
C HIS B 185 7.88 -17.77 -21.85
N ARG B 186 7.26 -18.65 -21.08
CA ARG B 186 6.11 -19.43 -21.54
C ARG B 186 4.96 -18.47 -21.97
N LEU B 187 4.72 -17.44 -21.16
CA LEU B 187 3.63 -16.51 -21.40
C LEU B 187 3.89 -15.60 -22.59
N ILE B 188 5.09 -15.05 -22.66
CA ILE B 188 5.55 -14.27 -23.82
C ILE B 188 5.40 -15.07 -25.12
N ALA B 189 5.91 -16.30 -25.12
CA ALA B 189 5.73 -17.23 -26.26
C ALA B 189 4.26 -17.37 -26.66
N ALA B 190 3.38 -17.58 -25.69
CA ALA B 190 1.93 -17.70 -25.96
C ALA B 190 1.33 -16.47 -26.64
N PHE B 191 1.66 -15.27 -26.14
CA PHE B 191 1.19 -14.02 -26.73
C PHE B 191 1.78 -13.81 -28.12
N GLU B 192 3.08 -14.10 -28.27
CA GLU B 192 3.76 -14.00 -29.58
C GLU B 192 3.06 -14.86 -30.62
N ALA B 193 2.78 -16.11 -30.27
CA ALA B 193 2.02 -16.96 -31.19
C ALA B 193 0.70 -16.33 -31.61
N LYS B 194 -0.06 -15.81 -30.64
CA LYS B 194 -1.35 -15.21 -30.99
C LYS B 194 -1.19 -13.92 -31.77
N GLY B 195 -0.11 -13.19 -31.50
CA GLY B 195 0.23 -11.99 -32.27
C GLY B 195 0.39 -12.26 -33.78
N ARG B 196 1.03 -13.39 -34.13
CA ARG B 196 1.14 -13.81 -35.52
C ARG B 196 -0.20 -14.29 -36.06
N GLU B 197 -0.90 -15.17 -35.32
CA GLU B 197 -2.17 -15.73 -35.79
C GLU B 197 -3.23 -14.65 -36.09
N PHE B 198 -3.26 -13.58 -35.29
CA PHE B 198 -4.27 -12.54 -35.46
C PHE B 198 -3.76 -11.33 -36.23
N ALA B 199 -2.60 -11.52 -36.84
CA ALA B 199 -1.89 -10.48 -37.56
C ALA B 199 -2.76 -9.71 -38.58
N THR B 200 -3.78 -10.36 -39.15
CA THR B 200 -4.65 -9.66 -40.11
C THR B 200 -6.06 -9.42 -39.58
N VAL B 201 -6.26 -9.56 -38.26
CA VAL B 201 -7.59 -9.37 -37.72
C VAL B 201 -7.75 -7.88 -37.37
N ILE B 202 -8.40 -7.17 -38.28
CA ILE B 202 -8.63 -5.75 -38.12
C ILE B 202 -9.67 -5.55 -37.04
N LYS B 203 -9.46 -4.54 -36.19
CA LYS B 203 -10.43 -4.17 -35.16
C LYS B 203 -10.27 -2.71 -34.81
N ILE B 204 -11.16 -2.22 -33.94
CA ILE B 204 -11.12 -0.82 -33.53
C ILE B 204 -10.25 -0.66 -32.24
N GLY B 205 -9.33 0.30 -32.27
CA GLY B 205 -8.60 0.69 -31.07
C GLY B 205 -9.55 1.47 -30.20
N ARG B 206 -9.30 1.45 -28.88
CA ARG B 206 -10.10 2.21 -27.94
C ARG B 206 -9.18 2.96 -26.97
N THR B 207 -9.41 4.26 -26.87
CA THR B 207 -8.64 5.12 -25.95
C THR B 207 -9.63 5.83 -25.02
N GLN B 208 -9.38 5.68 -23.73
CA GLN B 208 -10.32 6.18 -22.73
C GLN B 208 -11.68 5.49 -22.82
N LEU B 209 -11.66 4.30 -23.37
CA LEU B 209 -12.87 3.46 -23.65
C LEU B 209 -13.72 3.97 -24.83
N GLN B 210 -13.27 5.02 -25.52
CA GLN B 210 -13.97 5.50 -26.71
C GLN B 210 -13.33 4.92 -27.99
N ASP B 211 -14.19 4.61 -28.98
CA ASP B 211 -13.75 4.20 -30.33
C ASP B 211 -12.70 5.17 -30.84
N ALA B 212 -11.57 4.63 -31.28
CA ALA B 212 -10.47 5.49 -31.74
C ALA B 212 -10.18 5.22 -33.22
N VAL B 213 -8.95 4.84 -33.54
CA VAL B 213 -8.60 4.43 -34.91
C VAL B 213 -8.35 2.92 -34.99
N PRO B 214 -8.54 2.31 -36.18
CA PRO B 214 -8.29 0.87 -36.33
C PRO B 214 -6.86 0.39 -36.04
N ILE B 215 -6.75 -0.83 -35.52
CA ILE B 215 -5.47 -1.51 -35.27
C ILE B 215 -5.67 -2.98 -35.61
N THR B 216 -4.66 -3.84 -35.43
CA THR B 216 -4.94 -5.27 -35.54
C THR B 216 -4.99 -5.93 -34.18
N LEU B 217 -5.80 -6.97 -34.07
CA LEU B 217 -5.84 -7.76 -32.86
C LEU B 217 -4.45 -8.38 -32.61
N GLY B 218 -3.76 -8.76 -33.69
CA GLY B 218 -2.42 -9.30 -33.59
C GLY B 218 -1.47 -8.34 -32.89
N GLN B 219 -1.54 -7.06 -33.23
CA GLN B 219 -0.70 -6.03 -32.61
C GLN B 219 -0.96 -5.92 -31.13
N GLU B 220 -2.23 -6.04 -30.77
CA GLU B 220 -2.63 -5.98 -29.39
C GLU B 220 -1.91 -7.10 -28.61
N PHE B 221 -1.87 -8.31 -29.18
CA PHE B 221 -1.24 -9.44 -28.49
C PHE B 221 0.30 -9.37 -28.47
N GLU B 222 0.92 -8.93 -29.58
CA GLU B 222 2.38 -8.72 -29.64
C GLU B 222 2.86 -7.75 -28.58
N ALA B 223 2.11 -6.69 -28.39
CA ALA B 223 2.37 -5.69 -27.34
C ALA B 223 2.38 -6.29 -25.92
N PHE B 224 1.44 -7.19 -25.64
CA PHE B 224 1.47 -7.94 -24.35
C PHE B 224 2.81 -8.65 -24.20
N ALA B 225 3.23 -9.39 -25.25
CA ALA B 225 4.53 -10.05 -25.26
C ALA B 225 5.68 -9.06 -25.01
N ALA B 226 5.65 -7.95 -25.76
CA ALA B 226 6.77 -7.02 -25.74
C ALA B 226 7.02 -6.42 -24.35
N THR B 227 5.94 -6.06 -23.68
CA THR B 227 6.04 -5.42 -22.37
C THR B 227 6.62 -6.40 -21.34
N LEU B 228 6.30 -7.68 -21.48
CA LEU B 228 6.81 -8.70 -20.57
C LEU B 228 8.26 -9.14 -20.88
N ARG B 229 8.65 -9.05 -22.15
CA ARG B 229 10.03 -9.31 -22.56
C ARG B 229 11.03 -8.43 -21.80
N GLU B 230 10.66 -7.18 -21.59
CA GLU B 230 11.47 -6.24 -20.86
C GLU B 230 11.77 -6.66 -19.43
N ASP B 231 10.80 -7.31 -18.80
CA ASP B 231 10.98 -7.72 -17.42
C ASP B 231 11.93 -8.88 -17.25
N THR B 232 12.11 -9.69 -18.29
CA THR B 232 12.97 -10.86 -18.19
C THR B 232 14.44 -10.53 -17.87
N ALA B 233 15.04 -9.60 -18.64
CA ALA B 233 16.43 -9.23 -18.41
C ALA B 233 16.58 -8.46 -17.11
N ARG B 234 15.57 -7.65 -16.79
CA ARG B 234 15.60 -6.91 -15.54
C ARG B 234 15.59 -7.88 -14.32
N LEU B 235 14.73 -8.90 -14.40
CA LEU B 235 14.67 -9.91 -13.35
C LEU B 235 16.03 -10.57 -13.11
N GLU B 236 16.71 -11.01 -14.19
CA GLU B 236 18.06 -11.58 -14.05
C GLU B 236 19.08 -10.60 -13.46
N GLU B 237 19.12 -9.39 -14.02
CA GLU B 237 19.97 -8.32 -13.50
C GLU B 237 19.80 -8.09 -11.99
N VAL B 238 18.57 -7.99 -11.50
CA VAL B 238 18.37 -7.69 -10.07
C VAL B 238 18.66 -8.90 -9.21
N ALA B 239 18.38 -10.08 -9.76
CA ALA B 239 18.66 -11.32 -9.04
C ALA B 239 20.17 -11.53 -8.81
N ALA B 240 21.01 -11.08 -9.76
CA ALA B 240 22.49 -11.17 -9.56
C ALA B 240 22.97 -10.53 -8.23
N LEU B 241 22.34 -9.43 -7.81
CA LEU B 241 22.68 -8.75 -6.53
C LEU B 241 22.68 -9.68 -5.30
N PHE B 242 21.89 -10.76 -5.37
CA PHE B 242 21.78 -11.67 -4.22
C PHE B 242 23.05 -12.54 -4.02
N ARG B 243 23.96 -12.53 -4.99
CA ARG B 243 25.22 -13.30 -4.93
C ARG B 243 26.22 -12.78 -3.88
N GLU B 244 26.08 -11.50 -3.50
CA GLU B 244 26.92 -10.91 -2.45
C GLU B 244 26.40 -11.34 -1.06
N VAL B 245 27.17 -12.18 -0.39
CA VAL B 245 26.79 -12.78 0.90
C VAL B 245 27.79 -12.40 2.01
N ASN B 246 27.34 -12.49 3.27
CA ASN B 246 28.16 -12.10 4.41
C ASN B 246 28.56 -13.33 5.19
N LEU B 247 28.34 -14.50 4.60
CA LEU B 247 28.68 -15.79 5.22
C LEU B 247 30.05 -15.78 5.85
N GLY B 248 30.13 -16.28 7.07
CA GLY B 248 31.36 -16.30 7.83
C GLY B 248 31.78 -14.94 8.36
N GLY B 249 30.84 -13.99 8.48
CA GLY B 249 31.14 -12.69 9.11
C GLY B 249 30.24 -12.38 10.29
N HIS B 260 39.40 -15.78 9.41
CA HIS B 260 38.87 -15.54 8.07
C HIS B 260 39.09 -16.76 7.16
N ALA B 261 39.92 -17.70 7.64
CA ALA B 261 40.19 -18.95 6.90
C ALA B 261 38.88 -19.68 6.65
N TYR B 262 38.06 -19.78 7.71
CA TYR B 262 36.74 -20.38 7.61
C TYR B 262 35.80 -19.66 6.63
N ALA B 263 35.71 -18.33 6.73
CA ALA B 263 34.81 -17.54 5.90
C ALA B 263 35.05 -17.76 4.41
N GLU B 264 36.31 -17.66 4.00
CA GLU B 264 36.69 -17.82 2.57
C GLU B 264 36.43 -19.25 2.09
N GLN B 265 36.69 -20.23 2.95
CA GLN B 265 36.39 -21.62 2.59
C GLN B 265 34.89 -21.90 2.48
N ALA B 266 34.12 -21.38 3.43
CA ALA B 266 32.69 -21.64 3.45
C ALA B 266 32.06 -21.14 2.13
N ILE B 267 32.40 -19.92 1.70
CA ILE B 267 31.81 -19.35 0.47
C ILE B 267 32.17 -20.14 -0.78
N VAL B 268 33.45 -20.52 -0.89
CA VAL B 268 33.89 -21.41 -1.99
C VAL B 268 33.11 -22.73 -1.99
N GLU B 269 33.05 -23.42 -0.84
CA GLU B 269 32.19 -24.63 -0.76
C GLU B 269 30.75 -24.36 -1.15
N LEU B 270 30.16 -23.28 -0.63
CA LEU B 270 28.75 -22.96 -0.94
C LEU B 270 28.54 -22.67 -2.41
N SER B 271 29.53 -22.07 -3.05
CA SER B 271 29.45 -21.79 -4.47
C SER B 271 29.51 -23.13 -5.25
N GLN B 272 30.35 -24.09 -4.84
CA GLN B 272 30.36 -25.40 -5.52
C GLN B 272 29.04 -26.16 -5.32
N ILE B 273 28.48 -26.09 -4.11
CA ILE B 273 27.30 -26.86 -3.77
C ILE B 273 26.07 -26.33 -4.52
N SER B 274 25.99 -25.01 -4.62
CA SER B 274 24.80 -24.36 -5.15
C SER B 274 24.88 -24.15 -6.65
N GLY B 275 26.08 -24.25 -7.21
CA GLY B 275 26.31 -24.01 -8.63
C GLY B 275 26.17 -22.53 -9.02
N ILE B 276 26.16 -21.65 -8.03
CA ILE B 276 26.12 -20.21 -8.31
C ILE B 276 27.40 -19.60 -7.79
N GLU B 277 27.95 -18.63 -8.52
CA GLU B 277 29.19 -17.99 -8.12
C GLU B 277 28.91 -16.90 -7.10
N LEU B 278 29.23 -17.17 -5.85
CA LEU B 278 28.93 -16.23 -4.78
C LEU B 278 30.16 -15.45 -4.41
N LYS B 279 29.99 -14.20 -3.98
CA LYS B 279 31.09 -13.31 -3.58
C LYS B 279 30.88 -12.77 -2.17
N ALA B 280 31.92 -12.77 -1.34
CA ALA B 280 31.87 -12.12 -0.03
C ALA B 280 31.59 -10.64 -0.15
N THR B 281 30.67 -10.11 0.65
CA THR B 281 30.48 -8.67 0.74
C THR B 281 31.76 -7.93 1.20
N GLY B 282 31.96 -6.73 0.67
CA GLY B 282 33.13 -5.92 1.02
C GLY B 282 32.85 -4.94 2.15
N ASN B 283 31.62 -4.94 2.65
CA ASN B 283 31.23 -4.05 3.75
C ASN B 283 30.24 -4.72 4.69
N LEU B 284 30.76 -5.40 5.71
CA LEU B 284 29.96 -6.16 6.68
C LEU B 284 29.02 -5.28 7.50
N VAL B 285 29.49 -4.12 7.95
CA VAL B 285 28.64 -3.13 8.66
C VAL B 285 27.44 -2.66 7.79
N GLU B 286 27.65 -2.43 6.49
CA GLU B 286 26.56 -2.10 5.56
C GLU B 286 25.66 -3.31 5.28
N ALA B 287 26.31 -4.45 4.98
CA ALA B 287 25.56 -5.69 4.70
C ALA B 287 24.66 -6.09 5.88
N SER B 288 25.06 -5.68 7.08
CA SER B 288 24.41 -6.18 8.29
C SER B 288 22.92 -5.82 8.35
N TRP B 289 22.52 -4.67 7.82
CA TRP B 289 21.09 -4.25 7.82
C TRP B 289 20.48 -4.07 6.43
N ASP B 290 21.28 -4.30 5.40
CA ASP B 290 20.83 -3.95 4.05
C ASP B 290 19.76 -4.84 3.52
N THR B 291 18.69 -4.21 3.06
CA THR B 291 17.58 -4.92 2.48
C THR B 291 17.29 -4.38 1.09
N GLY B 292 18.18 -3.53 0.57
CA GLY B 292 17.95 -2.85 -0.71
C GLY B 292 17.60 -3.76 -1.88
N ALA B 293 18.33 -4.87 -1.97
CA ALA B 293 18.15 -5.84 -3.03
C ALA B 293 16.80 -6.56 -2.91
N PHE B 294 16.35 -6.86 -1.68
CA PHE B 294 15.01 -7.42 -1.43
C PHE B 294 13.92 -6.47 -1.91
N VAL B 295 14.07 -5.18 -1.59
CA VAL B 295 13.10 -4.16 -1.99
C VAL B 295 13.06 -4.01 -3.50
N THR B 296 14.24 -4.01 -4.14
CA THR B 296 14.32 -3.88 -5.58
C THR B 296 13.71 -5.11 -6.25
N PHE B 297 14.00 -6.30 -5.71
CA PHE B 297 13.44 -7.52 -6.27
C PHE B 297 11.93 -7.55 -6.16
N SER B 298 11.43 -7.36 -4.92
CA SER B 298 9.99 -7.26 -4.69
C SER B 298 9.37 -6.23 -5.65
N GLY B 299 10.08 -5.13 -5.91
CA GLY B 299 9.61 -4.09 -6.82
C GLY B 299 9.48 -4.58 -8.26
N ILE B 300 10.38 -5.44 -8.71
CA ILE B 300 10.21 -6.02 -10.04
C ILE B 300 9.00 -7.01 -10.11
N LEU B 301 8.75 -7.73 -9.02
CA LEU B 301 7.54 -8.56 -8.97
C LEU B 301 6.27 -7.70 -9.01
N ARG B 302 6.31 -6.58 -8.30
CA ARG B 302 5.21 -5.64 -8.31
C ARG B 302 4.98 -5.09 -9.74
N ARG B 303 6.04 -4.78 -10.46
CA ARG B 303 5.86 -4.24 -11.83
C ARG B 303 5.26 -5.28 -12.76
N ILE B 304 5.72 -6.53 -12.64
CA ILE B 304 5.19 -7.58 -13.48
C ILE B 304 3.69 -7.70 -13.13
N ALA B 305 3.37 -7.68 -11.84
CA ALA B 305 1.96 -7.80 -11.42
C ALA B 305 1.09 -6.68 -11.98
N VAL B 306 1.57 -5.44 -11.87
CA VAL B 306 0.85 -4.30 -12.48
C VAL B 306 0.53 -4.53 -13.96
N LYS B 307 1.52 -4.96 -14.74
CA LYS B 307 1.39 -5.26 -16.17
C LYS B 307 0.47 -6.44 -16.44
N LEU B 308 0.72 -7.54 -15.76
CA LEU B 308 -0.11 -8.76 -15.84
C LEU B 308 -1.60 -8.45 -15.54
N SER B 309 -1.84 -7.63 -14.51
CA SER B 309 -3.22 -7.36 -14.11
C SER B 309 -3.93 -6.54 -15.21
N LYS B 310 -3.22 -5.54 -15.76
CA LYS B 310 -3.75 -4.72 -16.84
C LYS B 310 -4.09 -5.60 -18.04
N ILE B 311 -3.15 -6.48 -18.42
CA ILE B 311 -3.38 -7.44 -19.49
C ILE B 311 -4.61 -8.33 -19.25
N ALA B 312 -4.71 -8.90 -18.04
CA ALA B 312 -5.84 -9.73 -17.67
C ALA B 312 -7.16 -8.93 -17.75
N ASN B 313 -7.15 -7.70 -17.25
CA ASN B 313 -8.30 -6.80 -17.34
C ASN B 313 -8.73 -6.57 -18.82
N ASP B 314 -7.72 -6.38 -19.67
CA ASP B 314 -7.90 -6.28 -21.12
C ASP B 314 -8.55 -7.52 -21.68
N LEU B 315 -8.08 -8.70 -21.25
CA LEU B 315 -8.66 -9.95 -21.74
C LEU B 315 -10.13 -10.11 -21.30
N ARG B 316 -10.44 -9.63 -20.10
CA ARG B 316 -11.81 -9.77 -19.56
C ARG B 316 -12.78 -8.82 -20.28
N LEU B 317 -12.24 -7.67 -20.68
CA LEU B 317 -13.00 -6.65 -21.35
C LEU B 317 -13.24 -7.06 -22.81
N LEU B 318 -12.20 -7.54 -23.49
CA LEU B 318 -12.31 -7.91 -24.88
C LEU B 318 -13.22 -9.10 -25.11
N SER B 319 -13.29 -9.98 -24.12
CA SER B 319 -14.15 -11.17 -24.21
C SER B 319 -15.52 -10.98 -23.57
N SER B 320 -15.86 -9.75 -23.21
CA SER B 320 -17.13 -9.46 -22.54
C SER B 320 -18.30 -9.68 -23.50
N GLY B 321 -19.44 -10.08 -22.94
CA GLY B 321 -20.61 -10.32 -23.74
C GLY B 321 -21.29 -11.64 -23.41
N PRO B 322 -21.59 -12.45 -24.44
CA PRO B 322 -21.10 -12.38 -25.84
C PRO B 322 -21.82 -11.37 -26.78
N ARG B 323 -23.02 -10.93 -26.43
CA ARG B 323 -23.76 -10.07 -27.36
C ARG B 323 -23.77 -8.59 -26.92
N SER B 324 -23.81 -8.36 -25.61
CA SER B 324 -23.94 -7.00 -25.07
C SER B 324 -22.67 -6.41 -24.44
N GLY B 325 -21.53 -7.00 -24.80
CA GLY B 325 -20.20 -6.59 -24.35
C GLY B 325 -19.41 -6.23 -25.59
N LEU B 326 -18.09 -6.34 -25.51
CA LEU B 326 -17.25 -6.08 -26.69
C LEU B 326 -17.17 -7.25 -27.66
N GLY B 327 -17.21 -8.46 -27.12
CA GLY B 327 -17.32 -9.68 -27.93
C GLY B 327 -16.25 -9.93 -28.99
N GLU B 328 -15.08 -9.29 -28.82
CA GLU B 328 -14.04 -9.37 -29.83
C GLU B 328 -13.26 -10.65 -29.85
N ILE B 329 -13.10 -11.29 -28.68
CA ILE B 329 -12.41 -12.58 -28.56
C ILE B 329 -13.19 -13.52 -27.66
N ARG B 330 -12.88 -14.81 -27.75
CA ARG B 330 -13.41 -15.85 -26.86
C ARG B 330 -12.25 -16.56 -26.17
N LEU B 331 -12.35 -16.61 -24.85
CA LEU B 331 -11.41 -17.36 -24.06
C LEU B 331 -11.86 -18.82 -24.03
N PRO B 332 -10.92 -19.77 -24.01
CA PRO B 332 -11.42 -21.15 -23.91
C PRO B 332 -12.28 -21.31 -22.64
N ALA B 333 -13.40 -22.04 -22.74
CA ALA B 333 -14.26 -22.31 -21.58
C ALA B 333 -13.56 -23.42 -20.79
N VAL B 334 -13.23 -23.17 -19.53
CA VAL B 334 -12.48 -24.21 -18.78
C VAL B 334 -13.19 -24.73 -17.54
N GLN B 335 -14.32 -24.13 -17.23
CA GLN B 335 -15.11 -24.37 -16.02
C GLN B 335 -16.55 -24.40 -16.55
N PRO B 336 -17.36 -25.38 -16.11
CA PRO B 336 -18.66 -25.54 -16.77
C PRO B 336 -19.65 -24.40 -16.58
N GLY B 337 -20.62 -24.40 -17.50
CA GLY B 337 -21.76 -23.50 -17.49
C GLY B 337 -23.08 -24.25 -17.42
N SER B 338 -24.17 -23.54 -17.65
CA SER B 338 -25.48 -24.15 -17.78
C SER B 338 -25.78 -24.20 -19.27
N SER B 339 -26.20 -25.38 -19.76
CA SER B 339 -26.44 -25.58 -21.19
C SER B 339 -27.55 -24.66 -21.74
N ILE B 340 -28.42 -24.18 -20.85
CA ILE B 340 -29.45 -23.21 -21.21
C ILE B 340 -28.91 -21.76 -21.29
N MET B 341 -27.72 -21.54 -20.70
CA MET B 341 -27.02 -20.26 -20.77
CA MET B 341 -27.03 -20.26 -20.76
C MET B 341 -25.75 -20.46 -21.58
N PRO B 342 -25.88 -20.70 -22.91
CA PRO B 342 -24.67 -20.85 -23.71
C PRO B 342 -24.11 -19.46 -24.12
N GLY B 343 -22.86 -19.41 -24.53
CA GLY B 343 -22.23 -18.12 -24.81
C GLY B 343 -21.70 -17.41 -23.57
N LYS B 344 -22.22 -17.76 -22.40
CA LYS B 344 -21.67 -17.29 -21.13
C LYS B 344 -20.32 -17.97 -20.80
N VAL B 345 -19.25 -17.21 -20.95
CA VAL B 345 -17.93 -17.68 -20.59
C VAL B 345 -17.36 -16.74 -19.52
N ASN B 346 -17.50 -17.13 -18.25
CA ASN B 346 -16.80 -16.36 -17.22
C ASN B 346 -15.29 -16.43 -17.39
N PRO B 347 -14.61 -15.27 -17.37
CA PRO B 347 -13.17 -15.23 -17.65
C PRO B 347 -12.34 -15.66 -16.43
N VAL B 348 -12.51 -16.92 -15.99
CA VAL B 348 -11.93 -17.36 -14.72
C VAL B 348 -10.39 -17.36 -14.61
N ILE B 349 -9.69 -17.67 -15.72
CA ILE B 349 -8.25 -17.69 -15.65
C ILE B 349 -7.74 -16.26 -15.46
N PRO B 350 -8.15 -15.30 -16.31
CA PRO B 350 -7.66 -13.94 -15.98
C PRO B 350 -8.05 -13.43 -14.59
N GLU B 351 -9.24 -13.81 -14.11
CA GLU B 351 -9.69 -13.39 -12.78
C GLU B 351 -8.74 -13.91 -11.74
N SER B 352 -8.30 -15.17 -11.91
CA SER B 352 -7.37 -15.78 -10.91
C SER B 352 -6.05 -15.00 -10.94
N VAL B 353 -5.63 -14.63 -12.15
CA VAL B 353 -4.44 -13.81 -12.39
C VAL B 353 -4.56 -12.44 -11.71
N ASN B 354 -5.68 -11.72 -11.89
CA ASN B 354 -5.87 -10.44 -11.16
C ASN B 354 -5.72 -10.62 -9.64
N GLN B 355 -6.25 -11.72 -9.12
CA GLN B 355 -6.19 -11.95 -7.68
C GLN B 355 -4.74 -12.10 -7.23
N VAL B 356 -3.97 -12.88 -7.98
CA VAL B 356 -2.54 -13.08 -7.69
C VAL B 356 -1.81 -11.73 -7.72
N CYS B 357 -2.15 -10.89 -8.70
CA CYS B 357 -1.49 -9.58 -8.85
C CYS B 357 -1.74 -8.62 -7.68
N TYR B 358 -2.99 -8.53 -7.25
CA TYR B 358 -3.37 -7.79 -6.06
C TYR B 358 -2.64 -8.28 -4.79
N GLN B 359 -2.52 -9.59 -4.63
CA GLN B 359 -1.79 -10.20 -3.52
C GLN B 359 -0.29 -9.80 -3.57
N VAL B 360 0.33 -9.91 -4.75
CA VAL B 360 1.75 -9.57 -4.92
C VAL B 360 2.02 -8.07 -4.62
N ILE B 361 1.11 -7.22 -5.07
CA ILE B 361 1.21 -5.77 -4.72
C ILE B 361 1.11 -5.53 -3.21
N GLY B 362 0.13 -6.16 -2.54
CA GLY B 362 0.06 -6.09 -1.06
C GLY B 362 1.31 -6.61 -0.37
N ASN B 363 1.80 -7.78 -0.84
CA ASN B 363 3.00 -8.43 -0.32
C ASN B 363 4.22 -7.52 -0.48
N ASP B 364 4.22 -6.77 -1.58
CA ASP B 364 5.24 -5.74 -1.80
C ASP B 364 5.19 -4.63 -0.75
N LEU B 365 3.98 -4.23 -0.34
CA LEU B 365 3.88 -3.23 0.72
C LEU B 365 4.41 -3.82 2.03
N THR B 366 4.13 -5.11 2.25
CA THR B 366 4.60 -5.80 3.46
C THR B 366 6.14 -5.79 3.52
N VAL B 367 6.76 -6.11 2.38
CA VAL B 367 8.22 -6.06 2.26
C VAL B 367 8.74 -4.62 2.52
N THR B 368 8.07 -3.62 1.99
CA THR B 368 8.48 -2.24 2.18
C THR B 368 8.48 -1.86 3.64
N MET B 369 7.40 -2.19 4.35
CA MET B 369 7.36 -1.89 5.78
C MET B 369 8.45 -2.60 6.58
N ALA B 370 8.68 -3.86 6.25
CA ALA B 370 9.72 -4.64 6.92
C ALA B 370 11.13 -4.03 6.66
N ALA B 371 11.40 -3.68 5.40
CA ALA B 371 12.69 -3.09 4.98
C ALA B 371 12.95 -1.72 5.65
N GLU B 372 11.91 -0.90 5.74
CA GLU B 372 12.01 0.42 6.38
C GLU B 372 12.26 0.35 7.89
N SER B 373 11.92 -0.76 8.50
CA SER B 373 11.97 -0.90 9.96
C SER B 373 13.25 -1.53 10.49
N GLY B 374 14.29 -1.57 9.66
CA GLY B 374 15.62 -1.96 10.12
C GLY B 374 16.19 -1.01 11.15
N GLN B 375 16.98 -1.54 12.06
CA GLN B 375 17.51 -0.67 13.12
C GLN B 375 19.00 -0.88 13.29
N LEU B 376 19.79 0.16 13.05
CA LEU B 376 21.23 0.07 13.31
C LEU B 376 21.85 -1.14 12.58
N GLN B 377 22.47 -2.09 13.29
CA GLN B 377 23.23 -3.21 12.64
C GLN B 377 22.46 -4.48 12.32
N LEU B 378 21.13 -4.40 12.28
CA LEU B 378 20.34 -5.51 11.78
C LEU B 378 18.93 -5.10 11.32
N ASN B 379 18.49 -5.77 10.25
CA ASN B 379 17.06 -5.85 10.00
C ASN B 379 16.52 -7.16 10.59
N ALA B 380 15.64 -7.03 11.59
CA ALA B 380 15.12 -8.18 12.31
C ALA B 380 14.03 -8.96 11.55
N PHE B 381 13.67 -8.50 10.34
CA PHE B 381 12.43 -8.98 9.72
C PHE B 381 12.60 -9.74 8.42
N GLU B 382 13.81 -10.25 8.18
CA GLU B 382 14.04 -11.05 6.97
C GLU B 382 13.17 -12.31 6.83
N PRO B 383 12.78 -12.98 7.95
CA PRO B 383 11.84 -14.12 7.79
C PRO B 383 10.54 -13.74 7.09
N LEU B 384 10.00 -12.56 7.44
CA LEU B 384 8.79 -12.09 6.77
C LEU B 384 9.07 -11.71 5.30
N ILE B 385 10.20 -11.05 5.08
CA ILE B 385 10.57 -10.62 3.73
C ILE B 385 10.76 -11.81 2.82
N VAL B 386 11.50 -12.80 3.27
CA VAL B 386 11.78 -13.95 2.38
C VAL B 386 10.48 -14.71 2.14
N TYR B 387 9.63 -14.83 3.15
CA TYR B 387 8.36 -15.53 2.96
C TYR B 387 7.50 -14.84 1.91
N ASN B 388 7.41 -13.51 1.97
CA ASN B 388 6.56 -12.76 1.03
C ASN B 388 7.13 -12.82 -0.38
N ILE B 389 8.45 -12.67 -0.52
CA ILE B 389 9.06 -12.67 -1.85
C ILE B 389 8.96 -14.07 -2.50
N LEU B 390 9.32 -15.11 -1.75
CA LEU B 390 9.16 -16.49 -2.25
C LEU B 390 7.70 -16.84 -2.58
N SER B 391 6.75 -16.42 -1.75
CA SER B 391 5.35 -16.67 -2.10
C SER B 391 5.00 -15.90 -3.35
N SER B 392 5.36 -14.62 -3.41
CA SER B 392 4.97 -13.83 -4.60
C SER B 392 5.55 -14.45 -5.88
N MET B 393 6.80 -14.93 -5.82
CA MET B 393 7.42 -15.59 -6.99
C MET B 393 6.65 -16.84 -7.46
N ARG B 394 6.27 -17.68 -6.49
CA ARG B 394 5.52 -18.90 -6.76
C ARG B 394 4.16 -18.53 -7.38
N LEU B 395 3.42 -17.60 -6.76
CA LEU B 395 2.11 -17.16 -7.29
C LEU B 395 2.14 -16.61 -8.71
N LEU B 396 3.11 -15.73 -8.96
CA LEU B 396 3.27 -15.10 -10.27
C LEU B 396 3.69 -16.11 -11.36
N GLY B 397 4.69 -16.93 -11.06
CA GLY B 397 5.07 -18.02 -11.94
C GLY B 397 3.89 -18.91 -12.33
N ARG B 398 3.11 -19.33 -11.34
CA ARG B 398 1.93 -20.17 -11.60
C ARG B 398 0.83 -19.40 -12.36
N ALA B 399 0.61 -18.14 -11.97
CA ALA B 399 -0.35 -17.29 -12.66
C ALA B 399 -0.02 -17.20 -14.14
N MET B 400 1.26 -16.97 -14.49
CA MET B 400 1.62 -16.76 -15.90
C MET B 400 1.58 -18.08 -16.69
N THR B 401 1.91 -19.18 -16.02
CA THR B 401 1.93 -20.50 -16.67
C THR B 401 0.51 -20.89 -17.01
N ASN B 402 -0.38 -20.75 -16.03
CA ASN B 402 -1.82 -20.96 -16.19
C ASN B 402 -2.41 -20.02 -17.24
N LEU B 403 -2.09 -18.72 -17.17
CA LEU B 403 -2.64 -17.77 -18.16
C LEU B 403 -2.26 -18.22 -19.56
N ALA B 404 -0.99 -18.57 -19.76
CA ALA B 404 -0.50 -19.06 -21.05
C ALA B 404 -1.22 -20.35 -21.48
N GLU B 405 -1.18 -21.37 -20.62
CA GLU B 405 -1.58 -22.73 -21.08
C GLU B 405 -3.07 -22.90 -21.16
N ARG B 406 -3.79 -22.34 -20.19
CA ARG B 406 -5.22 -22.64 -20.09
C ARG B 406 -6.11 -21.50 -20.61
N CYS B 407 -5.52 -20.46 -21.19
CA CYS B 407 -6.29 -19.33 -21.72
C CYS B 407 -5.70 -18.82 -23.06
N VAL B 408 -4.55 -18.14 -23.00
CA VAL B 408 -3.97 -17.50 -24.19
C VAL B 408 -3.81 -18.46 -25.38
N ASP B 409 -3.21 -19.63 -25.18
CA ASP B 409 -3.10 -20.66 -26.25
C ASP B 409 -4.39 -20.99 -27.01
N GLY B 410 -5.53 -21.03 -26.31
CA GLY B 410 -6.81 -21.32 -26.95
C GLY B 410 -7.66 -20.14 -27.39
N ILE B 411 -7.17 -18.90 -27.24
CA ILE B 411 -8.01 -17.75 -27.58
C ILE B 411 -8.37 -17.74 -29.08
N GLU B 412 -9.64 -17.47 -29.35
CA GLU B 412 -10.15 -17.33 -30.72
C GLU B 412 -10.66 -15.94 -30.97
N ALA B 413 -10.46 -15.45 -32.20
CA ALA B 413 -10.95 -14.12 -32.59
C ALA B 413 -12.37 -14.25 -33.09
N ASN B 414 -13.24 -13.30 -32.76
CA ASN B 414 -14.49 -13.18 -33.51
C ASN B 414 -14.20 -12.23 -34.66
N VAL B 415 -13.71 -12.81 -35.76
CA VAL B 415 -13.23 -12.03 -36.91
C VAL B 415 -14.29 -11.02 -37.40
N GLU B 416 -15.53 -11.47 -37.58
CA GLU B 416 -16.61 -10.59 -38.08
C GLU B 416 -16.95 -9.45 -37.10
N ARG B 417 -17.05 -9.74 -35.81
CA ARG B 417 -17.36 -8.68 -34.84
C ARG B 417 -16.23 -7.67 -34.74
N CYS B 418 -14.98 -8.15 -34.78
CA CYS B 418 -13.81 -7.31 -34.82
C CYS B 418 -13.88 -6.32 -36.01
N ARG B 419 -14.06 -6.87 -37.22
CA ARG B 419 -14.08 -6.06 -38.48
C ARG B 419 -15.16 -5.01 -38.47
N ALA B 420 -16.34 -5.37 -37.96
CA ALA B 420 -17.48 -4.47 -37.89
C ALA B 420 -17.19 -3.25 -37.05
N GLY B 421 -16.50 -3.45 -35.92
CA GLY B 421 -16.08 -2.34 -35.07
C GLY B 421 -15.14 -1.42 -35.83
N ALA B 422 -14.20 -2.02 -36.57
CA ALA B 422 -13.28 -1.24 -37.39
C ALA B 422 -14.01 -0.56 -38.57
N GLU B 423 -15.04 -1.22 -39.10
CA GLU B 423 -15.89 -0.65 -40.16
C GLU B 423 -16.80 0.47 -39.69
N GLU B 424 -17.22 0.42 -38.42
CA GLU B 424 -18.11 1.46 -37.88
C GLU B 424 -17.33 2.63 -37.26
N SER B 425 -16.02 2.69 -37.53
CA SER B 425 -15.17 3.74 -36.97
C SER B 425 -15.41 5.09 -37.66
N ILE B 426 -15.81 6.08 -36.87
CA ILE B 426 -16.05 7.44 -37.35
C ILE B 426 -14.74 8.09 -37.77
N SER B 427 -13.64 7.61 -37.18
CA SER B 427 -12.29 8.08 -37.50
C SER B 427 -11.94 7.91 -38.97
N LEU B 428 -12.64 7.00 -39.65
CA LEU B 428 -12.38 6.70 -41.06
C LEU B 428 -12.64 7.93 -41.95
N ALA B 429 -13.58 8.77 -41.49
CA ALA B 429 -13.93 10.03 -42.14
C ALA B 429 -12.71 10.96 -42.33
N THR B 430 -11.70 10.80 -41.45
CA THR B 430 -10.44 11.59 -41.51
C THR B 430 -9.63 11.34 -42.80
N ALA B 431 -9.66 10.10 -43.29
CA ALA B 431 -9.03 9.75 -44.58
C ALA B 431 -9.67 10.47 -45.80
N LEU B 432 -10.86 11.05 -45.59
CA LEU B 432 -11.62 11.73 -46.66
C LEU B 432 -11.35 13.23 -46.75
N VAL B 433 -10.66 13.77 -45.74
CA VAL B 433 -10.24 15.17 -45.73
C VAL B 433 -9.54 15.60 -47.04
N PRO B 434 -8.53 14.81 -47.50
CA PRO B 434 -7.83 15.23 -48.74
C PRO B 434 -8.69 15.08 -49.99
N VAL B 435 -9.60 14.09 -50.00
CA VAL B 435 -10.56 13.86 -51.10
C VAL B 435 -11.58 15.00 -51.26
N VAL B 436 -12.31 15.33 -50.19
CA VAL B 436 -13.41 16.31 -50.25
C VAL B 436 -13.27 17.54 -49.33
N GLY B 437 -12.15 17.66 -48.60
CA GLY B 437 -11.93 18.82 -47.71
C GLY B 437 -12.58 18.68 -46.34
N TYR B 438 -12.09 19.44 -45.36
CA TYR B 438 -12.55 19.31 -43.96
C TYR B 438 -14.07 19.32 -43.81
N ALA B 439 -14.69 20.46 -44.11
CA ALA B 439 -16.13 20.65 -43.83
C ALA B 439 -16.97 19.46 -44.32
N ARG B 440 -16.77 19.10 -45.60
CA ARG B 440 -17.47 17.97 -46.24
C ARG B 440 -17.20 16.62 -45.56
N ALA B 441 -15.94 16.35 -45.21
CA ALA B 441 -15.57 15.13 -44.49
C ALA B 441 -16.28 15.05 -43.12
N ALA B 442 -16.39 16.20 -42.45
CA ALA B 442 -16.96 16.30 -41.11
C ALA B 442 -18.48 16.16 -41.09
N GLU B 443 -19.14 16.59 -42.18
CA GLU B 443 -20.58 16.39 -42.36
C GLU B 443 -20.90 14.93 -42.69
N ILE B 444 -20.02 14.28 -43.46
CA ILE B 444 -20.12 12.83 -43.67
C ILE B 444 -19.94 12.05 -42.33
N ALA B 445 -18.91 12.42 -41.55
CA ALA B 445 -18.77 11.94 -40.16
C ALA B 445 -20.05 12.11 -39.35
N LYS B 446 -20.58 13.34 -39.33
CA LYS B 446 -21.82 13.69 -38.60
C LYS B 446 -23.05 12.90 -39.08
N GLN B 447 -23.19 12.77 -40.39
CA GLN B 447 -24.30 12.03 -40.99
C GLN B 447 -24.26 10.57 -40.56
N ALA B 448 -23.07 9.98 -40.55
CA ALA B 448 -22.89 8.58 -40.17
C ALA B 448 -23.30 8.35 -38.72
N LEU B 449 -22.89 9.24 -37.82
CA LEU B 449 -23.23 9.13 -36.40
C LEU B 449 -24.75 9.14 -36.21
N ALA B 450 -25.38 10.22 -36.66
CA ALA B 450 -26.82 10.41 -36.52
C ALA B 450 -27.71 9.47 -37.38
N SER B 451 -27.13 8.42 -37.96
CA SER B 451 -27.90 7.54 -38.86
C SER B 451 -27.50 6.07 -38.82
N GLY B 452 -26.78 5.67 -37.78
CA GLY B 452 -26.33 4.29 -37.65
C GLY B 452 -25.33 3.78 -38.69
N GLN B 453 -25.38 4.31 -39.92
CA GLN B 453 -24.60 3.81 -41.06
C GLN B 453 -23.09 4.07 -40.92
N THR B 454 -22.29 3.32 -41.68
CA THR B 454 -20.84 3.46 -41.64
C THR B 454 -20.35 4.62 -42.54
N VAL B 455 -19.06 4.98 -42.43
CA VAL B 455 -18.48 6.04 -43.25
C VAL B 455 -18.44 5.68 -44.74
N MET B 456 -18.13 4.42 -45.06
CA MET B 456 -18.14 3.94 -46.45
C MET B 456 -19.56 3.86 -47.04
N GLU B 457 -20.54 3.54 -46.18
CA GLU B 457 -21.94 3.57 -46.57
C GLU B 457 -22.38 4.99 -46.96
N VAL B 458 -22.10 5.96 -46.08
CA VAL B 458 -22.51 7.36 -46.26
C VAL B 458 -21.75 8.04 -47.40
N ALA B 459 -20.46 7.71 -47.55
CA ALA B 459 -19.68 8.22 -48.68
C ALA B 459 -20.08 7.60 -50.04
N ILE B 460 -20.43 6.31 -50.05
CA ILE B 460 -20.95 5.65 -51.26
C ILE B 460 -22.31 6.25 -51.65
N SER B 461 -22.86 7.10 -50.78
CA SER B 461 -24.02 7.93 -51.11
C SER B 461 -23.70 9.43 -50.93
N THR C 23 -13.28 41.51 -21.13
CA THR C 23 -13.20 40.16 -21.73
C THR C 23 -13.30 40.17 -23.25
N ARG C 24 -12.60 39.22 -23.87
CA ARG C 24 -12.82 38.86 -25.27
C ARG C 24 -13.69 37.61 -25.29
N ARG C 25 -14.44 37.40 -26.37
CA ARG C 25 -15.30 36.24 -26.51
C ARG C 25 -14.68 35.22 -27.46
N GLU C 26 -14.57 33.97 -27.01
CA GLU C 26 -13.99 32.90 -27.84
C GLU C 26 -14.98 31.79 -28.09
N GLN C 27 -14.68 30.92 -29.05
CA GLN C 27 -15.57 29.84 -29.47
C GLN C 27 -14.77 28.56 -29.70
N ASP C 28 -15.32 27.44 -29.24
CA ASP C 28 -14.83 26.13 -29.64
C ASP C 28 -16.02 25.28 -30.08
N SER C 29 -15.81 23.98 -30.24
CA SER C 29 -16.89 23.09 -30.68
C SER C 29 -18.09 22.98 -29.70
N LEU C 30 -17.88 23.30 -28.41
CA LEU C 30 -18.99 23.26 -27.46
C LEU C 30 -19.79 24.57 -27.40
N GLY C 31 -19.16 25.67 -27.79
CA GLY C 31 -19.86 26.95 -27.76
C GLY C 31 -18.99 28.13 -27.38
N GLU C 32 -19.62 29.14 -26.80
CA GLU C 32 -18.95 30.41 -26.55
C GLU C 32 -18.69 30.68 -25.07
N ARG C 33 -17.58 31.36 -24.78
CA ARG C 33 -17.32 31.80 -23.44
C ARG C 33 -16.60 33.15 -23.47
N ASP C 34 -16.64 33.84 -22.33
CA ASP C 34 -15.92 35.10 -22.16
C ASP C 34 -14.61 34.87 -21.40
N ILE C 35 -13.50 35.25 -22.02
CA ILE C 35 -12.16 35.04 -21.50
C ILE C 35 -11.53 36.39 -21.14
N PRO C 36 -10.91 36.50 -19.95
CA PRO C 36 -10.13 37.74 -19.69
C PRO C 36 -9.16 38.09 -20.84
N MET C 37 -9.25 39.32 -21.36
CA MET C 37 -8.28 39.81 -22.38
C MET C 37 -6.85 39.74 -21.82
N ASP C 38 -6.72 39.90 -20.50
CA ASP C 38 -5.41 39.72 -19.82
C ASP C 38 -4.83 38.30 -19.92
N ALA C 39 -5.68 37.30 -20.20
CA ALA C 39 -5.25 35.89 -20.24
C ALA C 39 -4.66 35.45 -21.59
N TYR C 40 -3.55 34.72 -21.53
CA TYR C 40 -2.96 34.10 -22.71
C TYR C 40 -3.57 32.74 -23.02
N PHE C 41 -4.21 32.13 -22.02
CA PHE C 41 -4.97 30.90 -22.27
C PHE C 41 -6.30 31.29 -22.92
N GLY C 42 -6.99 30.30 -23.49
CA GLY C 42 -8.21 30.53 -24.24
C GLY C 42 -9.31 29.63 -23.70
N ILE C 43 -10.37 29.50 -24.50
CA ILE C 43 -11.62 28.87 -24.09
C ILE C 43 -11.43 27.45 -23.50
N GLN C 44 -10.69 26.58 -24.19
CA GLN C 44 -10.49 25.18 -23.78
C GLN C 44 -9.82 25.08 -22.41
N THR C 45 -8.83 25.92 -22.16
CA THR C 45 -8.28 26.05 -20.83
C THR C 45 -9.30 26.54 -19.78
N LEU C 46 -10.06 27.60 -20.08
CA LEU C 46 -11.10 28.07 -19.14
C LEU C 46 -12.09 26.96 -18.73
N ARG C 47 -12.48 26.13 -19.69
CA ARG C 47 -13.38 25.02 -19.44
C ARG C 47 -12.70 24.06 -18.49
N ALA C 48 -11.43 23.77 -18.77
CA ALA C 48 -10.69 22.82 -17.95
C ALA C 48 -10.60 23.30 -16.51
N VAL C 49 -10.39 24.59 -16.30
CA VAL C 49 -10.37 25.17 -14.96
C VAL C 49 -11.64 24.88 -14.15
N GLU C 50 -12.80 25.04 -14.77
CA GLU C 50 -14.04 24.71 -14.07
C GLU C 50 -14.34 23.22 -14.02
N ASN C 51 -13.87 22.46 -15.00
CA ASN C 51 -14.06 21.00 -14.99
C ASN C 51 -13.28 20.24 -13.92
N PHE C 52 -12.04 20.65 -13.66
CA PHE C 52 -11.15 19.87 -12.80
C PHE C 52 -10.61 20.66 -11.61
N SER C 53 -11.36 21.67 -11.16
CA SER C 53 -11.01 22.36 -9.92
C SER C 53 -11.09 21.42 -8.70
N LEU C 54 -9.96 20.89 -8.29
CA LEU C 54 -9.97 19.80 -7.32
C LEU C 54 -8.97 19.98 -6.19
N SER C 55 -7.81 20.56 -6.48
CA SER C 55 -6.72 20.58 -5.49
C SER C 55 -6.11 21.95 -5.21
N ASP C 56 -6.42 22.94 -6.03
CA ASP C 56 -5.70 24.22 -5.99
C ASP C 56 -4.21 24.02 -6.26
N VAL C 57 -3.88 22.91 -6.93
CA VAL C 57 -2.56 22.71 -7.47
C VAL C 57 -2.61 22.69 -8.99
N ALA C 58 -2.03 23.71 -9.59
CA ALA C 58 -2.06 23.90 -11.01
C ALA C 58 -0.75 23.42 -11.66
N LEU C 59 -0.77 23.32 -12.98
CA LEU C 59 0.32 22.86 -13.81
C LEU C 59 1.60 23.67 -13.61
N ASN C 60 1.47 24.96 -13.23
CA ASN C 60 2.65 25.76 -12.97
C ASN C 60 3.43 25.34 -11.73
N HIS C 61 2.81 24.59 -10.81
CA HIS C 61 3.53 24.03 -9.67
CA HIS C 61 3.48 24.00 -9.64
C HIS C 61 4.36 22.79 -10.07
N ILE C 62 4.21 22.36 -11.31
CA ILE C 62 5.08 21.33 -11.91
C ILE C 62 5.69 21.92 -13.21
N PRO C 63 6.56 22.95 -13.05
CA PRO C 63 6.97 23.75 -14.24
C PRO C 63 7.79 22.96 -15.24
N ALA C 64 8.45 21.91 -14.81
CA ALA C 64 9.19 21.05 -15.75
C ALA C 64 8.32 20.48 -16.88
N LEU C 65 7.06 20.19 -16.54
CA LEU C 65 6.12 19.69 -17.52
C LEU C 65 5.73 20.81 -18.50
N VAL C 66 5.57 22.03 -18.00
CA VAL C 66 5.28 23.16 -18.85
C VAL C 66 6.42 23.39 -19.87
N ARG C 67 7.65 23.44 -19.39
CA ARG C 67 8.78 23.69 -20.28
C ARG C 67 8.91 22.52 -21.25
N ALA C 68 8.69 21.29 -20.79
CA ALA C 68 8.74 20.16 -21.70
C ALA C 68 7.69 20.29 -22.82
N LEU C 69 6.49 20.72 -22.45
CA LEU C 69 5.39 20.92 -23.39
C LEU C 69 5.77 21.97 -24.46
N ALA C 70 6.37 23.06 -24.03
CA ALA C 70 6.87 24.10 -24.97
C ALA C 70 7.97 23.60 -25.92
N MET C 71 8.83 22.70 -25.43
CA MET C 71 9.91 22.12 -26.25
C MET C 71 9.38 21.14 -27.31
N VAL C 72 8.40 20.32 -26.94
CA VAL C 72 7.77 19.41 -27.90
C VAL C 72 7.07 20.23 -29.02
N LYS C 73 6.44 21.33 -28.63
CA LYS C 73 5.72 22.15 -29.55
C LYS C 73 6.68 22.80 -30.59
N LYS C 74 7.87 23.13 -30.11
CA LYS C 74 8.91 23.71 -30.94
C LYS C 74 9.38 22.64 -31.93
N ALA C 75 9.77 21.47 -31.41
CA ALA C 75 10.12 20.34 -32.27
C ALA C 75 9.12 20.15 -33.42
N ALA C 76 7.82 20.13 -33.07
CA ALA C 76 6.75 19.88 -34.03
C ALA C 76 6.55 21.00 -35.05
N ALA C 77 6.68 22.25 -34.64
CA ALA C 77 6.60 23.37 -35.56
C ALA C 77 7.73 23.25 -36.61
N THR C 78 8.95 22.97 -36.11
CA THR C 78 10.13 22.78 -36.94
C THR C 78 9.97 21.62 -37.90
N ALA C 79 9.48 20.48 -37.42
CA ALA C 79 9.29 19.31 -38.28
C ALA C 79 8.28 19.57 -39.40
N ASN C 80 7.17 20.25 -39.06
CA ASN C 80 6.15 20.70 -40.01
C ASN C 80 6.70 21.72 -41.01
N TYR C 81 7.60 22.58 -40.54
CA TYR C 81 8.16 23.62 -41.39
C TYR C 81 9.06 23.00 -42.45
N LYS C 82 10.03 22.19 -42.00
CA LYS C 82 10.99 21.54 -42.89
C LYS C 82 10.27 20.59 -43.86
N LEU C 83 9.09 20.09 -43.45
CA LEU C 83 8.34 19.15 -44.30
C LEU C 83 7.28 19.85 -45.15
N ARG C 84 7.43 21.18 -45.27
CA ARG C 84 6.62 22.01 -46.14
C ARG C 84 5.15 22.08 -45.70
N GLN C 85 4.81 21.32 -44.66
CA GLN C 85 3.43 21.18 -44.15
C GLN C 85 2.90 22.48 -43.53
N LEU C 86 3.72 23.14 -42.71
CA LEU C 86 3.38 24.42 -42.05
C LEU C 86 4.06 25.59 -42.75
N PRO C 87 3.30 26.68 -43.03
CA PRO C 87 3.89 27.90 -43.63
C PRO C 87 4.86 28.66 -42.73
N GLU C 88 5.76 29.41 -43.37
CA GLU C 88 6.96 30.02 -42.79
C GLU C 88 6.78 31.20 -41.81
N PRO C 89 5.77 32.06 -42.03
CA PRO C 89 5.54 33.07 -40.99
C PRO C 89 4.91 32.44 -39.72
N LYS C 90 4.22 31.31 -39.89
CA LYS C 90 3.57 30.64 -38.74
C LYS C 90 4.65 29.93 -37.90
N TYR C 91 5.33 28.94 -38.50
CA TYR C 91 6.55 28.33 -37.94
C TYR C 91 7.39 29.26 -37.05
N ALA C 92 7.56 30.49 -37.50
CA ALA C 92 8.56 31.36 -36.87
C ALA C 92 8.02 32.12 -35.66
N ALA C 93 6.76 32.55 -35.73
CA ALA C 93 6.07 33.17 -34.58
C ALA C 93 5.83 32.20 -33.38
N ILE C 94 5.66 30.91 -33.71
CA ILE C 94 5.32 29.86 -32.73
C ILE C 94 6.59 29.36 -32.05
N VAL C 95 7.64 29.17 -32.85
CA VAL C 95 8.99 28.87 -32.35
C VAL C 95 9.43 29.96 -31.36
N ALA C 96 9.29 31.22 -31.75
CA ALA C 96 9.53 32.34 -30.81
C ALA C 96 8.78 32.17 -29.47
N ALA C 97 7.47 31.95 -29.55
CA ALA C 97 6.60 31.75 -28.38
C ALA C 97 7.07 30.62 -27.44
N CYS C 98 7.44 29.50 -28.04
CA CYS C 98 7.96 28.36 -27.29
C CYS C 98 9.27 28.69 -26.62
N ASP C 99 10.18 29.35 -27.36
CA ASP C 99 11.42 29.84 -26.75
C ASP C 99 11.10 30.70 -25.54
N ASP C 100 10.07 31.54 -25.63
CA ASP C 100 9.69 32.41 -24.49
C ASP C 100 9.39 31.59 -23.22
N ILE C 101 8.58 30.53 -23.37
CA ILE C 101 8.21 29.65 -22.24
C ILE C 101 9.37 28.80 -21.77
N ILE C 102 10.05 28.14 -22.71
CA ILE C 102 11.27 27.40 -22.41
C ILE C 102 12.19 28.25 -21.54
N ASP C 103 12.27 29.55 -21.85
CA ASP C 103 13.07 30.49 -21.06
C ASP C 103 12.35 30.99 -19.79
N GLY C 104 11.18 30.41 -19.48
CA GLY C 104 10.48 30.69 -18.22
C GLY C 104 9.46 31.81 -18.22
N LEU C 105 9.06 32.30 -19.41
CA LEU C 105 7.98 33.27 -19.42
C LEU C 105 6.60 32.59 -19.49
N LEU C 106 5.58 33.30 -18.99
CA LEU C 106 4.17 32.91 -19.10
C LEU C 106 3.75 31.67 -18.30
N MET C 107 4.51 31.33 -17.26
CA MET C 107 4.25 30.20 -16.37
C MET C 107 2.91 30.31 -15.64
N GLU C 108 2.49 31.54 -15.37
CA GLU C 108 1.27 31.78 -14.60
C GLU C 108 0.04 31.58 -15.48
N GLN C 109 0.27 31.46 -16.80
CA GLN C 109 -0.77 31.19 -17.77
C GLN C 109 -1.07 29.68 -17.81
N PHE C 110 -0.33 28.89 -17.04
CA PHE C 110 -0.58 27.44 -17.02
C PHE C 110 -1.40 27.09 -15.79
N VAL C 111 -2.71 27.02 -15.98
CA VAL C 111 -3.64 27.11 -14.89
C VAL C 111 -4.49 25.85 -14.62
N VAL C 112 -4.45 24.88 -15.53
CA VAL C 112 -5.17 23.62 -15.33
C VAL C 112 -4.63 22.80 -14.12
N ASP C 113 -5.58 22.33 -13.29
CA ASP C 113 -5.33 21.40 -12.17
C ASP C 113 -4.54 20.15 -12.57
N VAL C 114 -3.59 19.76 -11.72
CA VAL C 114 -2.79 18.56 -11.93
C VAL C 114 -3.64 17.30 -11.92
N PHE C 115 -4.82 17.39 -11.30
CA PHE C 115 -5.70 16.25 -11.23
C PHE C 115 -6.66 16.18 -12.41
N GLN C 116 -6.50 17.06 -13.39
CA GLN C 116 -7.30 17.04 -14.64
C GLN C 116 -7.59 15.63 -15.18
N GLY C 117 -8.85 15.38 -15.50
CA GLY C 117 -9.23 14.22 -16.33
C GLY C 117 -8.86 14.55 -17.79
N GLY C 118 -9.15 13.66 -18.73
CA GLY C 118 -8.82 13.95 -20.13
C GLY C 118 -7.47 13.44 -20.61
N ALA C 119 -6.74 12.76 -19.74
CA ALA C 119 -5.49 12.04 -20.10
C ALA C 119 -4.32 12.91 -20.61
N GLY C 120 -4.35 14.21 -20.31
CA GLY C 120 -3.32 15.09 -20.75
C GLY C 120 -3.83 16.13 -21.74
N THR C 121 -5.02 15.91 -22.30
CA THR C 121 -5.61 16.84 -23.28
C THR C 121 -5.64 18.27 -22.74
N SER C 122 -6.05 18.45 -21.49
CA SER C 122 -6.16 19.80 -20.93
C SER C 122 -4.79 20.54 -20.82
N SER C 123 -3.73 19.77 -20.58
CA SER C 123 -2.37 20.34 -20.56
C SER C 123 -1.90 20.64 -21.98
N ASN C 124 -2.19 19.74 -22.91
CA ASN C 124 -1.88 19.96 -24.34
C ASN C 124 -2.51 21.25 -24.82
N MET C 125 -3.80 21.40 -24.53
CA MET C 125 -4.56 22.59 -24.93
C MET C 125 -4.10 23.88 -24.28
N ASN C 126 -3.78 23.80 -23.01
CA ASN C 126 -3.23 24.94 -22.28
C ASN C 126 -1.90 25.45 -22.94
N ALA C 127 -1.04 24.50 -23.36
CA ALA C 127 0.15 24.81 -24.19
C ALA C 127 -0.26 25.45 -25.54
N ASN C 128 -1.01 24.71 -26.36
CA ASN C 128 -1.52 25.18 -27.66
C ASN C 128 -2.08 26.60 -27.68
N GLU C 129 -2.96 26.89 -26.71
CA GLU C 129 -3.59 28.18 -26.60
C GLU C 129 -2.64 29.29 -26.17
N VAL C 130 -1.84 29.06 -25.12
CA VAL C 130 -0.84 30.04 -24.65
C VAL C 130 0.19 30.33 -25.75
N ILE C 131 0.76 29.28 -26.34
CA ILE C 131 1.68 29.39 -27.49
C ILE C 131 1.05 30.15 -28.67
N ALA C 132 -0.19 29.83 -29.04
CA ALA C 132 -0.91 30.61 -30.08
C ALA C 132 -0.97 32.09 -29.73
N ASN C 133 -1.48 32.43 -28.55
CA ASN C 133 -1.65 33.85 -28.18
C ASN C 133 -0.34 34.61 -28.15
N ARG C 134 0.66 34.04 -27.47
CA ARG C 134 2.00 34.61 -27.42
C ARG C 134 2.58 34.85 -28.81
N ALA C 135 2.44 33.84 -29.68
CA ALA C 135 2.88 33.91 -31.08
C ALA C 135 2.18 35.01 -31.90
N LEU C 136 0.91 35.26 -31.59
CA LEU C 136 0.17 36.34 -32.22
C LEU C 136 0.80 37.66 -31.80
N GLU C 137 1.11 37.75 -30.51
CA GLU C 137 1.69 38.95 -29.91
C GLU C 137 3.11 39.25 -30.41
N HIS C 138 3.79 38.23 -30.96
CA HIS C 138 5.07 38.42 -31.67
C HIS C 138 4.85 38.99 -33.08
N LEU C 139 3.69 38.70 -33.65
CA LEU C 139 3.31 39.15 -34.97
C LEU C 139 2.57 40.48 -34.92
N GLY C 140 2.69 41.18 -33.79
CA GLY C 140 1.95 42.43 -33.53
C GLY C 140 0.43 42.32 -33.69
N ARG C 141 -0.12 41.13 -33.44
CA ARG C 141 -1.56 40.88 -33.58
C ARG C 141 -2.23 40.68 -32.22
N PRO C 142 -3.57 40.91 -32.11
CA PRO C 142 -4.23 40.86 -30.80
C PRO C 142 -4.60 39.43 -30.37
N ARG C 143 -5.05 39.28 -29.13
CA ARG C 143 -5.36 37.96 -28.58
C ARG C 143 -6.64 37.37 -29.16
N GLY C 144 -6.63 36.05 -29.34
CA GLY C 144 -7.76 35.36 -29.93
C GLY C 144 -7.84 35.40 -31.46
N ASP C 145 -6.88 36.05 -32.11
CA ASP C 145 -6.88 36.12 -33.56
C ASP C 145 -6.39 34.82 -34.19
N TYR C 146 -7.22 33.79 -33.99
CA TYR C 146 -6.88 32.42 -34.35
C TYR C 146 -7.00 32.17 -35.83
N GLN C 147 -7.47 33.19 -36.57
CA GLN C 147 -7.44 33.16 -38.02
C GLN C 147 -6.00 33.34 -38.53
N THR C 148 -5.14 33.89 -37.68
CA THR C 148 -3.71 34.07 -38.00
C THR C 148 -2.88 32.89 -37.47
N ILE C 149 -2.89 32.71 -36.14
CA ILE C 149 -2.33 31.50 -35.50
C ILE C 149 -3.38 30.75 -34.67
N HIS C 150 -3.70 29.54 -35.11
CA HIS C 150 -4.74 28.72 -34.49
C HIS C 150 -4.14 27.72 -33.49
N PRO C 151 -4.66 27.71 -32.26
CA PRO C 151 -4.21 26.74 -31.24
C PRO C 151 -4.23 25.30 -31.77
N ASN C 152 -5.31 24.89 -32.46
CA ASN C 152 -5.38 23.54 -33.03
C ASN C 152 -4.69 23.36 -34.38
N ASP C 153 -5.07 24.22 -35.34
CA ASP C 153 -4.72 24.01 -36.73
C ASP C 153 -3.23 24.18 -36.98
N ASP C 154 -2.64 25.14 -36.27
CA ASP C 154 -1.24 25.47 -36.42
C ASP C 154 -0.40 24.80 -35.32
N VAL C 155 -0.50 25.34 -34.11
CA VAL C 155 0.28 24.88 -32.94
C VAL C 155 0.19 23.36 -32.75
N ASN C 156 -0.98 22.79 -33.02
CA ASN C 156 -1.19 21.37 -32.83
C ASN C 156 -1.03 20.53 -34.10
N MET C 157 -0.60 21.17 -35.20
CA MET C 157 -0.54 20.51 -36.51
C MET C 157 0.29 19.25 -36.50
N SER C 158 -0.23 18.20 -37.14
CA SER C 158 0.41 16.87 -37.18
C SER C 158 0.51 16.18 -35.79
N GLN C 159 -0.12 16.78 -34.78
CA GLN C 159 -0.04 16.26 -33.39
C GLN C 159 -1.38 15.85 -32.79
N SER C 160 -1.33 14.82 -31.94
CA SER C 160 -2.44 14.54 -31.03
C SER C 160 -1.90 14.38 -29.61
N THR C 161 -2.78 14.57 -28.63
CA THR C 161 -2.47 14.52 -27.21
C THR C 161 -1.77 13.23 -26.86
N ASN C 162 -2.17 12.15 -27.51
CA ASN C 162 -1.71 10.81 -27.12
C ASN C 162 -0.26 10.45 -27.52
N ASP C 163 0.37 11.28 -28.34
CA ASP C 163 1.83 11.24 -28.51
C ASP C 163 2.57 12.48 -28.01
N VAL C 164 1.90 13.63 -27.99
CA VAL C 164 2.50 14.82 -27.40
C VAL C 164 2.66 14.72 -25.87
N TYR C 165 1.57 14.44 -25.15
CA TYR C 165 1.61 14.49 -23.68
C TYR C 165 2.51 13.39 -23.10
N PRO C 166 2.37 12.14 -23.58
CA PRO C 166 3.33 11.19 -23.08
C PRO C 166 4.78 11.54 -23.40
N THR C 167 5.04 12.29 -24.47
CA THR C 167 6.42 12.63 -24.79
C THR C 167 6.91 13.68 -23.82
N ALA C 168 6.04 14.67 -23.54
CA ALA C 168 6.39 15.76 -22.63
C ALA C 168 6.54 15.29 -21.18
N VAL C 169 5.75 14.28 -20.77
CA VAL C 169 5.89 13.69 -19.42
C VAL C 169 7.30 13.13 -19.27
N ARG C 170 7.70 12.27 -20.21
CA ARG C 170 9.00 11.65 -20.21
C ARG C 170 10.13 12.68 -20.17
N LEU C 171 9.99 13.73 -20.98
CA LEU C 171 10.98 14.82 -21.04
C LEU C 171 11.05 15.58 -19.72
N ALA C 172 9.90 15.86 -19.11
CA ALA C 172 9.84 16.53 -17.81
C ALA C 172 10.60 15.73 -16.75
N LEU C 173 10.39 14.41 -16.73
CA LEU C 173 11.14 13.57 -15.80
C LEU C 173 12.64 13.58 -16.18
N LEU C 174 12.97 13.57 -17.47
CA LEU C 174 14.40 13.60 -17.88
C LEU C 174 15.05 14.91 -17.45
N LEU C 175 14.29 15.99 -17.60
CA LEU C 175 14.75 17.30 -17.19
C LEU C 175 14.96 17.45 -15.69
N SER C 176 14.39 16.52 -14.92
CA SER C 176 14.34 16.73 -13.49
C SER C 176 15.31 15.82 -12.78
N GLN C 177 15.99 14.96 -13.55
CA GLN C 177 16.96 13.98 -12.99
C GLN C 177 18.09 14.63 -12.24
N ASN C 178 18.60 15.71 -12.80
CA ASN C 178 19.83 16.28 -12.26
C ASN C 178 19.75 16.75 -10.83
N GLN C 179 18.62 17.36 -10.45
CA GLN C 179 18.40 17.81 -9.06
C GLN C 179 18.42 16.63 -8.12
N VAL C 180 17.89 15.48 -8.54
CA VAL C 180 17.89 14.29 -7.68
C VAL C 180 19.30 13.72 -7.55
N GLN C 181 19.98 13.60 -8.68
CA GLN C 181 21.37 13.12 -8.66
C GLN C 181 22.29 14.01 -7.82
N THR C 182 22.20 15.31 -7.98
CA THR C 182 23.06 16.27 -7.27
C THR C 182 22.87 16.12 -5.74
N ALA C 183 21.61 16.02 -5.29
CA ALA C 183 21.26 15.88 -3.89
C ALA C 183 21.77 14.56 -3.33
N LEU C 184 21.53 13.48 -4.07
CA LEU C 184 22.01 12.17 -3.67
C LEU C 184 23.55 12.18 -3.49
N HIS C 185 24.29 12.68 -4.49
CA HIS C 185 25.77 12.80 -4.40
C HIS C 185 26.26 13.66 -3.22
N ARG C 186 25.60 14.78 -3.00
CA ARG C 186 25.84 15.67 -1.89
C ARG C 186 25.66 14.92 -0.56
N LEU C 187 24.60 14.13 -0.41
CA LEU C 187 24.36 13.41 0.87
C LEU C 187 25.34 12.27 1.07
N ILE C 188 25.67 11.59 -0.03
CA ILE C 188 26.73 10.58 -0.02
C ILE C 188 28.08 11.15 0.45
N ALA C 189 28.45 12.31 -0.11
CA ALA C 189 29.70 12.97 0.25
C ALA C 189 29.71 13.31 1.74
N ALA C 190 28.58 13.86 2.22
CA ALA C 190 28.44 14.20 3.65
C ALA C 190 28.63 12.98 4.56
N PHE C 191 27.95 11.87 4.24
CA PHE C 191 28.13 10.62 4.99
C PHE C 191 29.56 10.06 4.89
N GLU C 192 30.14 10.13 3.69
CA GLU C 192 31.54 9.75 3.50
C GLU C 192 32.47 10.57 4.42
N ALA C 193 32.31 11.90 4.44
CA ALA C 193 33.23 12.71 5.26
C ALA C 193 33.15 12.27 6.72
N LYS C 194 31.94 12.12 7.23
CA LYS C 194 31.75 11.70 8.63
C LYS C 194 32.29 10.31 8.91
N GLY C 195 32.19 9.40 7.93
CA GLY C 195 32.86 8.14 8.06
C GLY C 195 34.38 8.26 8.28
N ARG C 196 35.05 9.18 7.58
CA ARG C 196 36.48 9.43 7.79
C ARG C 196 36.71 10.11 9.16
N GLU C 197 35.89 11.10 9.51
CA GLU C 197 36.04 11.82 10.78
CA GLU C 197 36.09 11.82 10.76
C GLU C 197 35.90 10.93 12.01
N PHE C 198 35.03 9.94 11.90
CA PHE C 198 34.73 9.04 13.01
C PHE C 198 35.42 7.66 12.93
N ALA C 199 36.38 7.50 12.01
CA ALA C 199 37.16 6.26 11.88
C ALA C 199 37.73 5.77 13.23
N THR C 200 38.08 6.69 14.13
CA THR C 200 38.70 6.19 15.37
C THR C 200 37.73 6.05 16.55
N VAL C 201 36.46 6.35 16.31
CA VAL C 201 35.50 6.43 17.41
C VAL C 201 34.90 5.05 17.64
N ILE C 202 35.40 4.33 18.65
CA ILE C 202 34.82 3.01 18.92
C ILE C 202 33.49 3.09 19.64
N LYS C 203 32.60 2.18 19.28
CA LYS C 203 31.28 2.12 19.87
C LYS C 203 30.72 0.70 19.78
N ILE C 204 29.57 0.48 20.43
CA ILE C 204 28.92 -0.82 20.45
C ILE C 204 27.93 -1.01 19.28
N GLY C 205 28.08 -2.08 18.54
CA GLY C 205 27.09 -2.47 17.54
C GLY C 205 25.86 -3.01 18.25
N ARG C 206 24.71 -2.91 17.60
CA ARG C 206 23.43 -3.35 18.15
C ARG C 206 22.63 -4.06 17.08
N THR C 207 22.28 -5.30 17.39
CA THR C 207 21.48 -6.10 16.51
C THR C 207 20.23 -6.42 17.32
N GLN C 208 19.06 -6.26 16.69
CA GLN C 208 17.74 -6.47 17.32
C GLN C 208 17.61 -5.55 18.57
N LEU C 209 18.35 -4.44 18.54
CA LEU C 209 18.54 -3.49 19.66
C LEU C 209 19.19 -4.08 20.89
N GLN C 210 19.75 -5.28 20.78
CA GLN C 210 20.56 -5.83 21.90
C GLN C 210 22.04 -5.52 21.69
N ASP C 211 22.76 -5.21 22.78
CA ASP C 211 24.19 -4.92 22.67
C ASP C 211 24.90 -6.07 21.97
N ALA C 212 25.65 -5.75 20.91
CA ALA C 212 26.31 -6.80 20.11
C ALA C 212 27.85 -6.80 20.26
N VAL C 213 28.58 -6.49 19.19
CA VAL C 213 30.06 -6.42 19.22
C VAL C 213 30.53 -5.00 18.83
N PRO C 214 31.76 -4.62 19.27
CA PRO C 214 32.25 -3.27 18.95
C PRO C 214 32.44 -3.05 17.47
N ILE C 215 32.19 -1.83 17.03
CA ILE C 215 32.44 -1.40 15.66
C ILE C 215 32.92 0.07 15.79
N THR C 216 33.15 0.77 14.67
CA THR C 216 33.39 2.19 14.80
C THR C 216 32.17 3.03 14.34
N LEU C 217 32.00 4.21 14.91
CA LEU C 217 30.99 5.13 14.41
C LEU C 217 31.27 5.50 12.96
N GLY C 218 32.55 5.51 12.58
CA GLY C 218 32.95 5.83 11.19
C GLY C 218 32.42 4.81 10.18
N GLN C 219 32.52 3.53 10.56
CA GLN C 219 32.00 2.42 9.76
C GLN C 219 30.50 2.53 9.62
N GLU C 220 29.84 2.97 10.69
CA GLU C 220 28.38 3.12 10.65
C GLU C 220 28.00 4.19 9.64
N PHE C 221 28.70 5.32 9.68
CA PHE C 221 28.42 6.40 8.73
C PHE C 221 28.83 6.04 7.29
N GLU C 222 29.92 5.28 7.13
CA GLU C 222 30.34 4.86 5.78
C GLU C 222 29.31 3.93 5.18
N ALA C 223 28.65 3.13 6.01
CA ALA C 223 27.58 2.25 5.57
C ALA C 223 26.37 3.04 5.09
N PHE C 224 26.11 4.23 5.69
CA PHE C 224 25.02 5.11 5.17
C PHE C 224 25.35 5.57 3.77
N ALA C 225 26.61 5.95 3.58
CA ALA C 225 27.10 6.36 2.25
C ALA C 225 26.98 5.21 1.23
N ALA C 226 27.45 4.03 1.61
CA ALA C 226 27.55 2.89 0.66
C ALA C 226 26.18 2.42 0.15
N THR C 227 25.23 2.29 1.05
CA THR C 227 23.87 1.91 0.61
C THR C 227 23.26 2.90 -0.40
N LEU C 228 23.46 4.20 -0.17
CA LEU C 228 22.99 5.21 -1.10
C LEU C 228 23.75 5.27 -2.45
N ARG C 229 25.02 4.89 -2.43
CA ARG C 229 25.89 4.89 -3.63
C ARG C 229 25.33 3.90 -4.66
N GLU C 230 24.78 2.81 -4.14
CA GLU C 230 24.05 1.80 -4.93
C GLU C 230 22.87 2.37 -5.73
N ASP C 231 22.26 3.48 -5.31
CA ASP C 231 21.13 4.03 -6.09
C ASP C 231 21.52 5.00 -7.19
N THR C 232 22.73 5.57 -7.14
CA THR C 232 23.11 6.57 -8.14
C THR C 232 23.08 6.01 -9.55
N ALA C 233 23.77 4.91 -9.80
CA ALA C 233 23.83 4.38 -11.17
C ALA C 233 22.47 3.84 -11.61
N ARG C 234 21.75 3.22 -10.67
CA ARG C 234 20.43 2.64 -10.93
C ARG C 234 19.41 3.70 -11.29
N LEU C 235 19.41 4.80 -10.53
CA LEU C 235 18.60 5.95 -10.86
C LEU C 235 18.80 6.43 -12.30
N GLU C 236 20.08 6.63 -12.69
CA GLU C 236 20.44 7.01 -14.06
C GLU C 236 19.95 5.98 -15.06
N GLU C 237 20.16 4.70 -14.79
CA GLU C 237 19.84 3.73 -15.83
C GLU C 237 18.32 3.55 -16.02
N VAL C 238 17.55 3.68 -14.94
CA VAL C 238 16.08 3.58 -15.10
C VAL C 238 15.49 4.83 -15.77
N ALA C 239 16.04 5.99 -15.43
CA ALA C 239 15.63 7.24 -16.05
C ALA C 239 15.84 7.24 -17.57
N ALA C 240 16.89 6.56 -18.02
CA ALA C 240 17.19 6.40 -19.45
C ALA C 240 16.07 5.73 -20.25
N LEU C 241 15.29 4.88 -19.58
CA LEU C 241 14.08 4.31 -20.18
C LEU C 241 13.14 5.35 -20.71
N PHE C 242 13.17 6.55 -20.12
CA PHE C 242 12.25 7.62 -20.53
C PHE C 242 12.67 8.21 -21.86
N ARG C 243 13.91 7.94 -22.30
CA ARG C 243 14.43 8.47 -23.57
C ARG C 243 13.68 7.96 -24.81
N GLU C 244 13.11 6.76 -24.67
CA GLU C 244 12.32 6.06 -25.71
C GLU C 244 10.93 6.70 -25.81
N VAL C 245 10.69 7.50 -26.85
CA VAL C 245 9.41 8.25 -26.97
C VAL C 245 8.54 7.94 -28.22
N ASN C 246 7.24 8.22 -28.11
CA ASN C 246 6.25 7.85 -29.12
C ASN C 246 5.80 9.01 -30.00
N LEU C 247 6.48 10.14 -29.85
CA LEU C 247 6.22 11.35 -30.65
C LEU C 247 6.05 11.06 -32.14
N GLY C 248 5.06 11.69 -32.75
CA GLY C 248 4.68 11.43 -34.13
C GLY C 248 3.92 10.13 -34.33
N GLY C 249 3.60 9.45 -33.24
CA GLY C 249 2.77 8.26 -33.28
C GLY C 249 1.31 8.54 -33.58
N THR C 250 0.98 9.81 -33.85
CA THR C 250 -0.40 10.32 -34.14
C THR C 250 -1.41 10.03 -33.03
N ALA C 261 8.29 9.44 -40.71
CA ALA C 261 8.65 10.53 -41.64
C ALA C 261 8.72 11.88 -40.90
N TYR C 262 7.56 12.43 -40.58
CA TYR C 262 7.45 13.57 -39.68
C TYR C 262 8.01 13.19 -38.30
N ALA C 263 7.78 11.94 -37.92
CA ALA C 263 8.15 11.43 -36.60
C ALA C 263 9.66 11.51 -36.37
N GLU C 264 10.44 10.87 -37.25
CA GLU C 264 11.89 10.90 -37.17
C GLU C 264 12.42 12.34 -37.08
N GLN C 265 11.76 13.24 -37.80
CA GLN C 265 12.19 14.65 -37.82
C GLN C 265 11.98 15.37 -36.49
N ALA C 266 10.76 15.25 -35.95
CA ALA C 266 10.38 15.94 -34.72
C ALA C 266 11.27 15.51 -33.55
N ILE C 267 11.60 14.23 -33.53
CA ILE C 267 12.41 13.61 -32.48
C ILE C 267 13.83 14.16 -32.48
N VAL C 268 14.35 14.39 -33.69
CA VAL C 268 15.69 14.97 -33.87
C VAL C 268 15.71 16.38 -33.32
N GLU C 269 14.73 17.18 -33.73
CA GLU C 269 14.67 18.55 -33.27
C GLU C 269 14.48 18.62 -31.76
N LEU C 270 13.70 17.69 -31.21
CA LEU C 270 13.37 17.72 -29.78
C LEU C 270 14.63 17.41 -28.99
N SER C 271 15.42 16.47 -29.46
CA SER C 271 16.74 16.21 -28.88
C SER C 271 17.63 17.46 -28.79
N GLN C 272 17.75 18.23 -29.88
CA GLN C 272 18.61 19.45 -29.85
C GLN C 272 18.00 20.52 -28.96
N ILE C 273 16.71 20.78 -29.15
CA ILE C 273 15.97 21.78 -28.35
C ILE C 273 16.07 21.51 -26.85
N SER C 274 15.82 20.27 -26.43
CA SER C 274 15.86 19.91 -25.00
C SER C 274 17.25 19.71 -24.41
N GLY C 275 18.24 19.40 -25.26
CA GLY C 275 19.59 19.06 -24.78
C GLY C 275 19.65 17.65 -24.20
N ILE C 276 18.69 16.80 -24.57
CA ILE C 276 18.67 15.41 -24.11
C ILE C 276 18.50 14.48 -25.31
N GLU C 277 19.33 13.45 -25.41
CA GLU C 277 19.27 12.50 -26.54
C GLU C 277 18.08 11.53 -26.47
N LEU C 278 17.12 11.71 -27.38
CA LEU C 278 15.89 10.90 -27.48
C LEU C 278 15.91 9.92 -28.65
N LYS C 279 15.02 8.94 -28.59
CA LYS C 279 14.95 7.87 -29.57
C LYS C 279 13.50 7.42 -29.72
N ALA C 280 13.11 7.07 -30.95
CA ALA C 280 11.78 6.55 -31.24
C ALA C 280 11.60 5.18 -30.63
N THR C 281 10.37 4.90 -30.17
CA THR C 281 10.04 3.59 -29.61
C THR C 281 9.92 2.55 -30.71
N GLY C 282 10.36 1.32 -30.44
CA GLY C 282 10.31 0.23 -31.42
C GLY C 282 8.91 -0.26 -31.75
N ASN C 283 8.05 -0.28 -30.71
CA ASN C 283 6.66 -0.73 -30.84
C ASN C 283 5.69 0.40 -30.45
N LEU C 284 4.87 0.86 -31.39
CA LEU C 284 3.86 1.91 -31.13
C LEU C 284 2.58 1.43 -30.42
N VAL C 285 2.05 0.28 -30.83
CA VAL C 285 0.90 -0.32 -30.14
C VAL C 285 1.23 -0.63 -28.66
N GLU C 286 2.43 -1.15 -28.38
CA GLU C 286 2.90 -1.37 -27.00
C GLU C 286 3.02 -0.07 -26.23
N ALA C 287 3.65 0.93 -26.85
CA ALA C 287 3.89 2.21 -26.17
C ALA C 287 2.60 2.92 -25.74
N SER C 288 1.50 2.73 -26.48
CA SER C 288 0.30 3.56 -26.32
C SER C 288 -0.27 3.52 -24.88
N TRP C 289 -0.18 2.36 -24.24
CA TRP C 289 -0.64 2.20 -22.85
C TRP C 289 0.50 1.95 -21.84
N ASP C 290 1.74 1.85 -22.32
CA ASP C 290 2.83 1.40 -21.43
C ASP C 290 3.20 2.40 -20.32
N THR C 291 3.12 1.93 -19.07
CA THR C 291 3.46 2.80 -17.95
C THR C 291 4.57 2.15 -17.15
N GLY C 292 5.19 1.14 -17.76
CA GLY C 292 6.18 0.35 -17.08
C GLY C 292 7.36 1.13 -16.53
N ALA C 293 7.84 2.12 -17.27
CA ALA C 293 9.01 2.91 -16.86
C ALA C 293 8.68 3.80 -15.67
N PHE C 294 7.47 4.35 -15.72
CA PHE C 294 6.93 5.14 -14.60
C PHE C 294 6.90 4.31 -13.31
N VAL C 295 6.48 3.06 -13.40
CA VAL C 295 6.41 2.16 -12.24
C VAL C 295 7.81 1.82 -11.70
N THR C 296 8.72 1.46 -12.60
CA THR C 296 10.12 1.21 -12.21
C THR C 296 10.74 2.45 -11.58
N PHE C 297 10.55 3.61 -12.19
CA PHE C 297 11.23 4.79 -11.68
C PHE C 297 10.69 5.18 -10.30
N SER C 298 9.38 5.23 -10.17
CA SER C 298 8.77 5.43 -8.86
C SER C 298 9.27 4.40 -7.83
N GLY C 299 9.54 3.18 -8.27
CA GLY C 299 10.01 2.12 -7.37
C GLY C 299 11.41 2.41 -6.86
N ILE C 300 12.23 3.10 -7.67
CA ILE C 300 13.53 3.48 -7.16
C ILE C 300 13.46 4.69 -6.23
N LEU C 301 12.53 5.59 -6.46
CA LEU C 301 12.29 6.69 -5.49
C LEU C 301 11.90 6.08 -4.13
N ARG C 302 10.98 5.12 -4.20
CA ARG C 302 10.52 4.35 -3.04
C ARG C 302 11.71 3.66 -2.33
N ARG C 303 12.60 3.05 -3.12
CA ARG C 303 13.74 2.31 -2.55
CA ARG C 303 13.75 2.32 -2.56
C ARG C 303 14.68 3.29 -1.83
N ILE C 304 14.91 4.45 -2.45
CA ILE C 304 15.73 5.48 -1.83
C ILE C 304 15.05 5.98 -0.53
N ALA C 305 13.71 6.13 -0.57
CA ALA C 305 12.90 6.56 0.59
C ALA C 305 13.02 5.58 1.75
N VAL C 306 13.01 4.29 1.45
CA VAL C 306 13.10 3.24 2.48
C VAL C 306 14.45 3.29 3.22
N LYS C 307 15.52 3.52 2.46
CA LYS C 307 16.89 3.59 3.01
C LYS C 307 17.08 4.85 3.80
N LEU C 308 16.63 5.93 3.21
CA LEU C 308 16.75 7.24 3.79
C LEU C 308 15.95 7.32 5.10
N SER C 309 14.77 6.70 5.13
CA SER C 309 13.99 6.68 6.38
C SER C 309 14.69 5.89 7.49
N LYS C 310 15.27 4.73 7.14
CA LYS C 310 15.95 3.88 8.08
C LYS C 310 17.17 4.64 8.66
N ILE C 311 17.85 5.38 7.79
CA ILE C 311 19.03 6.11 8.19
C ILE C 311 18.64 7.26 9.16
N ALA C 312 17.62 8.02 8.77
CA ALA C 312 17.03 9.04 9.65
C ALA C 312 16.60 8.47 11.01
N ASN C 313 15.91 7.33 11.01
CA ASN C 313 15.56 6.62 12.28
C ASN C 313 16.80 6.30 13.14
N ASP C 314 17.86 5.81 12.51
CA ASP C 314 19.14 5.55 13.21
C ASP C 314 19.66 6.84 13.81
N LEU C 315 19.61 7.94 13.05
CA LEU C 315 20.13 9.21 13.56
C LEU C 315 19.34 9.71 14.77
N ARG C 316 18.01 9.56 14.74
CA ARG C 316 17.18 9.95 15.89
C ARG C 316 17.49 9.10 17.14
N LEU C 317 17.71 7.82 16.93
CA LEU C 317 17.99 6.87 18.01
C LEU C 317 19.42 7.07 18.62
N LEU C 318 20.39 7.32 17.75
CA LEU C 318 21.79 7.55 18.15
C LEU C 318 21.96 8.86 18.92
N SER C 319 21.11 9.84 18.62
CA SER C 319 21.19 11.13 19.25
C SER C 319 20.20 11.28 20.41
N SER C 320 19.47 10.21 20.75
CA SER C 320 18.52 10.20 21.87
C SER C 320 19.22 10.57 23.18
N GLY C 321 18.48 11.25 24.06
CA GLY C 321 19.07 11.68 25.32
C GLY C 321 18.56 13.03 25.74
N PRO C 322 19.45 13.87 26.30
CA PRO C 322 20.88 13.67 26.26
C PRO C 322 21.47 12.73 27.34
N ARG C 323 20.71 12.38 28.38
CA ARG C 323 21.24 11.47 29.41
C ARG C 323 20.67 10.04 29.46
N SER C 324 19.41 9.90 29.09
CA SER C 324 18.74 8.62 29.21
C SER C 324 18.33 8.01 27.87
N GLY C 325 19.08 8.30 26.82
CA GLY C 325 18.90 7.58 25.58
C GLY C 325 20.19 6.91 25.18
N LEU C 326 20.52 6.90 23.90
CA LEU C 326 21.82 6.36 23.54
C LEU C 326 22.97 7.38 23.67
N GLY C 327 22.67 8.66 23.43
CA GLY C 327 23.64 9.75 23.57
C GLY C 327 24.97 9.54 22.87
N GLU C 328 24.94 8.86 21.73
CA GLU C 328 26.18 8.53 21.01
C GLU C 328 26.62 9.64 20.05
N ILE C 329 25.68 10.36 19.42
CA ILE C 329 26.02 11.50 18.56
C ILE C 329 25.16 12.69 18.97
N ARG C 330 25.58 13.90 18.57
CA ARG C 330 24.78 15.14 18.79
C ARG C 330 24.51 15.72 17.41
N LEU C 331 23.25 16.05 17.15
CA LEU C 331 22.90 16.66 15.88
C LEU C 331 22.97 18.18 16.08
N PRO C 332 23.29 18.94 15.00
CA PRO C 332 23.28 20.41 15.16
C PRO C 332 21.90 20.89 15.60
N ALA C 333 21.86 21.81 16.55
CA ALA C 333 20.58 22.34 17.02
C ALA C 333 20.16 23.42 16.07
N VAL C 334 19.09 23.20 15.32
CA VAL C 334 18.72 24.14 14.29
C VAL C 334 17.44 24.94 14.66
N GLN C 335 16.77 24.48 15.71
CA GLN C 335 15.58 25.16 16.27
CA GLN C 335 15.64 25.22 16.26
C GLN C 335 15.87 25.58 17.73
N PRO C 336 15.46 26.81 18.13
CA PRO C 336 15.83 27.26 19.48
C PRO C 336 15.15 26.43 20.59
N GLY C 337 15.74 26.43 21.77
CA GLY C 337 15.20 25.72 22.91
C GLY C 337 14.86 26.65 24.05
N SER C 338 14.71 26.05 25.23
CA SER C 338 14.42 26.78 26.47
C SER C 338 15.68 26.76 27.34
N SER C 339 16.01 27.93 27.93
CA SER C 339 17.19 28.07 28.77
C SER C 339 17.21 27.05 29.92
N ILE C 340 16.02 26.70 30.41
CA ILE C 340 15.85 25.81 31.55
C ILE C 340 15.86 24.33 31.14
N MET C 341 15.74 24.05 29.83
CA MET C 341 15.86 22.70 29.29
C MET C 341 17.05 22.61 28.31
N PRO C 342 18.29 22.85 28.80
CA PRO C 342 19.43 22.67 27.88
C PRO C 342 19.67 21.19 27.62
N GLY C 343 20.48 20.89 26.62
CA GLY C 343 20.73 19.49 26.28
C GLY C 343 19.61 18.79 25.52
N LYS C 344 18.38 19.27 25.61
CA LYS C 344 17.31 18.76 24.75
C LYS C 344 17.54 19.20 23.29
N VAL C 345 17.73 18.24 22.40
CA VAL C 345 17.84 18.55 20.97
C VAL C 345 16.87 17.68 20.17
N ASN C 346 15.70 18.22 19.82
CA ASN C 346 14.76 17.46 19.02
C ASN C 346 15.35 17.29 17.63
N PRO C 347 15.33 16.06 17.11
CA PRO C 347 16.03 15.79 15.86
C PRO C 347 15.13 16.12 14.69
N VAL C 348 14.87 17.41 14.51
CA VAL C 348 13.81 17.87 13.58
C VAL C 348 14.16 17.64 12.11
N ILE C 349 15.43 17.75 11.71
CA ILE C 349 15.79 17.52 10.29
C ILE C 349 15.53 16.03 9.89
N PRO C 350 16.10 15.07 10.64
CA PRO C 350 15.71 13.67 10.39
C PRO C 350 14.18 13.45 10.39
N GLU C 351 13.44 14.15 11.29
CA GLU C 351 11.97 13.99 11.37
C GLU C 351 11.30 14.41 10.06
N SER C 352 11.75 15.55 9.49
CA SER C 352 11.26 16.01 8.21
C SER C 352 11.54 15.04 7.10
N VAL C 353 12.73 14.43 7.12
CA VAL C 353 13.10 13.37 6.17
C VAL C 353 12.19 12.14 6.26
N ASN C 354 11.95 11.64 7.48
CA ASN C 354 11.01 10.55 7.69
C ASN C 354 9.67 10.83 7.01
N GLN C 355 9.14 12.05 7.20
CA GLN C 355 7.87 12.49 6.62
C GLN C 355 7.85 12.47 5.09
N VAL C 356 8.89 13.05 4.48
CA VAL C 356 9.07 13.00 3.03
C VAL C 356 9.09 11.53 2.55
N CYS C 357 9.79 10.68 3.30
CA CYS C 357 9.89 9.26 2.94
C CYS C 357 8.52 8.54 2.94
N TYR C 358 7.70 8.83 3.95
CA TYR C 358 6.36 8.24 4.04
C TYR C 358 5.48 8.74 2.92
N GLN C 359 5.61 10.02 2.60
CA GLN C 359 4.89 10.58 1.49
C GLN C 359 5.28 9.93 0.14
N VAL C 360 6.57 9.77 -0.09
CA VAL C 360 7.08 9.14 -1.32
C VAL C 360 6.58 7.69 -1.43
N ILE C 361 6.56 6.98 -0.32
CA ILE C 361 6.02 5.60 -0.35
C ILE C 361 4.50 5.61 -0.67
N GLY C 362 3.75 6.57 -0.14
CA GLY C 362 2.32 6.65 -0.46
C GLY C 362 2.09 7.04 -1.91
N ASN C 363 2.87 8.00 -2.39
CA ASN C 363 2.79 8.44 -3.79
C ASN C 363 3.13 7.32 -4.79
N ASP C 364 4.02 6.42 -4.38
CA ASP C 364 4.35 5.24 -5.21
C ASP C 364 3.16 4.26 -5.34
N LEU C 365 2.42 4.06 -4.25
CA LEU C 365 1.15 3.32 -4.29
C LEU C 365 0.14 4.05 -5.21
N THR C 366 0.02 5.36 -5.08
CA THR C 366 -0.82 6.12 -6.00
C THR C 366 -0.48 5.84 -7.47
N VAL C 367 0.80 5.77 -7.77
CA VAL C 367 1.30 5.54 -9.13
C VAL C 367 1.01 4.10 -9.56
N THR C 368 1.21 3.16 -8.65
CA THR C 368 0.90 1.76 -8.93
C THR C 368 -0.56 1.58 -9.35
N MET C 369 -1.46 2.28 -8.66
CA MET C 369 -2.88 2.11 -8.90
C MET C 369 -3.30 2.68 -10.23
N ALA C 370 -2.83 3.89 -10.52
CA ALA C 370 -3.03 4.53 -11.82
C ALA C 370 -2.47 3.64 -12.95
N ALA C 371 -1.23 3.18 -12.78
CA ALA C 371 -0.61 2.30 -13.79
C ALA C 371 -1.41 1.02 -14.03
N GLU C 372 -1.80 0.32 -12.97
CA GLU C 372 -2.62 -0.91 -13.06
C GLU C 372 -3.98 -0.71 -13.76
N SER C 373 -4.49 0.53 -13.74
CA SER C 373 -5.82 0.92 -14.25
C SER C 373 -5.88 1.32 -15.73
N GLY C 374 -4.81 1.04 -16.49
CA GLY C 374 -4.83 1.29 -17.92
C GLY C 374 -5.84 0.41 -18.64
N GLN C 375 -6.31 0.89 -19.79
CA GLN C 375 -7.31 0.15 -20.54
C GLN C 375 -7.03 0.16 -22.02
N LEU C 376 -6.90 -1.05 -22.55
CA LEU C 376 -6.69 -1.24 -23.98
C LEU C 376 -5.55 -0.33 -24.47
N GLN C 377 -5.87 0.63 -25.33
CA GLN C 377 -4.83 1.40 -26.02
C GLN C 377 -4.42 2.72 -25.35
N LEU C 378 -4.84 2.95 -24.11
CA LEU C 378 -4.34 4.14 -23.39
C LEU C 378 -4.40 3.95 -21.89
N ASN C 379 -3.44 4.55 -21.19
CA ASN C 379 -3.61 4.83 -19.78
C ASN C 379 -4.07 6.28 -19.64
N ALA C 380 -5.24 6.47 -19.03
CA ALA C 380 -5.81 7.81 -18.93
C ALA C 380 -5.26 8.61 -17.79
N PHE C 381 -4.35 8.04 -17.01
CA PHE C 381 -4.00 8.67 -15.73
C PHE C 381 -2.57 9.16 -15.65
N GLU C 382 -1.95 9.41 -16.78
CA GLU C 382 -0.61 10.01 -16.79
C GLU C 382 -0.51 11.38 -16.08
N PRO C 383 -1.56 12.25 -16.17
CA PRO C 383 -1.45 13.50 -15.37
C PRO C 383 -1.20 13.24 -13.87
N LEU C 384 -1.89 12.23 -13.31
CA LEU C 384 -1.72 11.88 -11.92
C LEU C 384 -0.31 11.33 -11.70
N ILE C 385 0.06 10.40 -12.56
CA ILE C 385 1.36 9.78 -12.47
C ILE C 385 2.50 10.81 -12.52
N VAL C 386 2.46 11.73 -13.47
CA VAL C 386 3.60 12.64 -13.61
C VAL C 386 3.65 13.62 -12.45
N TYR C 387 2.48 14.03 -11.97
CA TYR C 387 2.44 14.85 -10.77
C TYR C 387 3.03 14.21 -9.50
N ASN C 388 2.68 12.95 -9.24
CA ASN C 388 3.27 12.23 -8.12
C ASN C 388 4.78 11.98 -8.20
N ILE C 389 5.25 11.61 -9.40
CA ILE C 389 6.68 11.34 -9.59
C ILE C 389 7.55 12.63 -9.47
N LEU C 390 7.19 13.69 -10.20
CA LEU C 390 7.88 14.99 -10.09
C LEU C 390 7.84 15.51 -8.66
N SER C 391 6.67 15.39 -8.00
CA SER C 391 6.58 15.79 -6.59
C SER C 391 7.55 15.00 -5.73
N SER C 392 7.50 13.67 -5.81
CA SER C 392 8.44 12.82 -5.07
C SER C 392 9.92 13.10 -5.38
N MET C 393 10.24 13.47 -6.62
CA MET C 393 11.63 13.80 -6.97
C MET C 393 12.05 15.09 -6.23
N ARG C 394 11.21 16.13 -6.33
CA ARG C 394 11.40 17.37 -5.56
C ARG C 394 11.58 17.09 -4.05
N LEU C 395 10.61 16.42 -3.44
CA LEU C 395 10.66 16.11 -2.01
C LEU C 395 11.94 15.41 -1.61
N LEU C 396 12.31 14.35 -2.33
CA LEU C 396 13.50 13.60 -1.99
C LEU C 396 14.76 14.40 -2.21
N GLY C 397 14.81 15.14 -3.31
CA GLY C 397 15.97 15.96 -3.61
C GLY C 397 16.22 16.94 -2.48
N ARG C 398 15.20 17.72 -2.16
CA ARG C 398 15.30 18.67 -1.05
C ARG C 398 15.60 18.01 0.31
N ALA C 399 14.94 16.89 0.62
CA ALA C 399 15.21 16.24 1.90
C ALA C 399 16.66 15.80 2.04
N MET C 400 17.20 15.22 0.98
CA MET C 400 18.60 14.80 1.04
C MET C 400 19.55 16.00 1.19
N THR C 401 19.26 17.08 0.47
CA THR C 401 20.07 18.28 0.53
C THR C 401 20.03 18.83 1.94
N ASN C 402 18.83 19.02 2.49
CA ASN C 402 18.68 19.50 3.88
C ASN C 402 19.36 18.60 4.89
N LEU C 403 19.21 17.29 4.71
CA LEU C 403 19.77 16.31 5.64
C LEU C 403 21.30 16.45 5.68
N ALA C 404 21.94 16.55 4.52
CA ALA C 404 23.39 16.73 4.45
C ALA C 404 23.79 18.09 5.06
N GLU C 405 23.14 19.17 4.61
CA GLU C 405 23.59 20.53 4.92
C GLU C 405 23.26 21.02 6.31
N ARG C 406 22.08 20.64 6.80
CA ARG C 406 21.59 21.18 8.05
C ARG C 406 21.64 20.17 9.21
N CYS C 407 22.18 18.98 8.93
CA CYS C 407 22.34 17.96 9.94
C CYS C 407 23.68 17.22 9.83
N VAL C 408 23.85 16.35 8.83
CA VAL C 408 25.02 15.45 8.77
C VAL C 408 26.37 16.22 8.92
N ASP C 409 26.55 17.29 8.12
CA ASP C 409 27.81 18.03 8.08
C ASP C 409 28.27 18.44 9.47
N GLY C 410 27.31 18.79 10.33
CA GLY C 410 27.61 19.29 11.68
C GLY C 410 27.49 18.25 12.82
N ILE C 411 27.17 17.00 12.50
CA ILE C 411 27.13 15.97 13.56
C ILE C 411 28.46 15.85 14.30
N GLU C 412 28.37 15.71 15.61
CA GLU C 412 29.56 15.47 16.45
CA GLU C 412 29.57 15.44 16.43
C GLU C 412 29.39 14.19 17.28
N ALA C 413 30.48 13.48 17.53
CA ALA C 413 30.44 12.26 18.29
C ALA C 413 30.61 12.59 19.74
N ASN C 414 29.89 11.89 20.60
CA ASN C 414 30.20 11.92 22.01
C ASN C 414 31.16 10.76 22.18
N VAL C 415 32.44 11.06 22.03
CA VAL C 415 33.50 10.05 22.00
C VAL C 415 33.49 9.15 23.24
N GLU C 416 33.42 9.77 24.44
CA GLU C 416 33.50 9.01 25.72
C GLU C 416 32.29 8.10 25.92
N ARG C 417 31.11 8.58 25.55
CA ARG C 417 29.92 7.76 25.64
C ARG C 417 29.98 6.57 24.67
N CYS C 418 30.50 6.80 23.46
CA CYS C 418 30.69 5.71 22.49
C CYS C 418 31.66 4.67 23.04
N ARG C 419 32.76 5.14 23.61
CA ARG C 419 33.78 4.25 24.17
C ARG C 419 33.24 3.41 25.31
N ALA C 420 32.50 4.04 26.22
CA ALA C 420 31.91 3.36 27.35
C ALA C 420 31.06 2.16 26.88
N GLY C 421 30.20 2.38 25.88
CA GLY C 421 29.42 1.31 25.30
C GLY C 421 30.27 0.14 24.84
N ALA C 422 31.28 0.40 24.03
CA ALA C 422 32.20 -0.65 23.56
C ALA C 422 32.96 -1.39 24.69
N GLU C 423 33.43 -0.64 25.70
CA GLU C 423 34.20 -1.28 26.78
C GLU C 423 33.33 -2.10 27.74
N GLU C 424 32.05 -1.71 27.88
CA GLU C 424 31.05 -2.46 28.65
C GLU C 424 30.49 -3.65 27.87
N SER C 425 30.97 -3.89 26.65
CA SER C 425 30.51 -5.01 25.80
C SER C 425 30.71 -6.37 26.46
N ILE C 426 29.62 -7.06 26.78
CA ILE C 426 29.71 -8.44 27.27
C ILE C 426 30.42 -9.35 26.23
N SER C 427 30.27 -9.04 24.93
CA SER C 427 30.97 -9.80 23.86
C SER C 427 32.49 -9.87 24.02
N LEU C 428 33.08 -8.90 24.69
CA LEU C 428 34.52 -8.95 24.98
C LEU C 428 35.00 -10.28 25.62
N ALA C 429 34.14 -10.93 26.40
CA ALA C 429 34.49 -12.22 27.07
C ALA C 429 34.89 -13.31 26.08
N THR C 430 34.32 -13.25 24.88
CA THR C 430 34.65 -14.20 23.84
C THR C 430 36.15 -14.16 23.48
N ALA C 431 36.76 -12.98 23.57
CA ALA C 431 38.20 -12.89 23.28
C ALA C 431 39.05 -13.59 24.37
N LEU C 432 38.42 -14.04 25.44
CA LEU C 432 39.11 -14.80 26.49
C LEU C 432 39.12 -16.30 26.27
N VAL C 433 38.29 -16.78 25.35
CA VAL C 433 38.09 -18.21 25.08
C VAL C 433 39.40 -18.95 24.77
N PRO C 434 40.21 -18.45 23.80
CA PRO C 434 41.51 -19.06 23.48
C PRO C 434 42.31 -19.34 24.73
N VAL C 435 42.41 -18.32 25.59
CA VAL C 435 43.25 -18.37 26.77
C VAL C 435 42.66 -19.16 27.96
N VAL C 436 41.38 -18.95 28.29
CA VAL C 436 40.81 -19.55 29.51
C VAL C 436 39.77 -20.65 29.34
N GLY C 437 39.33 -20.86 28.11
CA GLY C 437 38.25 -21.80 27.83
C GLY C 437 36.87 -21.15 27.81
N TYR C 438 35.98 -21.75 27.02
CA TYR C 438 34.59 -21.30 26.92
C TYR C 438 33.88 -21.12 28.27
N ALA C 439 33.85 -22.16 29.12
CA ALA C 439 33.11 -22.11 30.39
C ALA C 439 33.58 -21.00 31.32
N ARG C 440 34.91 -20.91 31.52
CA ARG C 440 35.44 -19.87 32.40
C ARG C 440 35.15 -18.46 31.84
N ALA C 441 35.32 -18.29 30.54
CA ALA C 441 34.97 -17.04 29.87
C ALA C 441 33.50 -16.68 30.08
N ALA C 442 32.61 -17.67 29.94
CA ALA C 442 31.18 -17.42 30.13
C ALA C 442 30.94 -17.02 31.60
N GLU C 443 31.64 -17.68 32.53
CA GLU C 443 31.55 -17.33 33.95
C GLU C 443 32.07 -15.91 34.25
N ILE C 444 33.18 -15.52 33.61
CA ILE C 444 33.64 -14.13 33.69
C ILE C 444 32.60 -13.14 33.10
N ALA C 445 32.00 -13.49 31.96
CA ALA C 445 30.88 -12.72 31.36
C ALA C 445 29.70 -12.56 32.32
N LYS C 446 29.23 -13.66 32.91
CA LYS C 446 28.15 -13.62 33.92
C LYS C 446 28.52 -12.75 35.11
N GLN C 447 29.74 -12.87 35.62
CA GLN C 447 30.16 -12.03 36.76
C GLN C 447 30.18 -10.55 36.37
N ALA C 448 30.64 -10.22 35.18
CA ALA C 448 30.65 -8.82 34.75
C ALA C 448 29.23 -8.24 34.64
N LEU C 449 28.31 -8.95 33.97
CA LEU C 449 26.89 -8.54 33.92
C LEU C 449 26.31 -8.27 35.33
N ALA C 450 26.58 -9.18 36.27
CA ALA C 450 26.01 -9.11 37.60
C ALA C 450 26.54 -7.91 38.44
N SER C 451 27.84 -7.66 38.32
CA SER C 451 28.57 -6.74 39.19
C SER C 451 28.68 -5.34 38.61
N GLY C 452 28.18 -5.16 37.38
CA GLY C 452 28.27 -3.89 36.68
C GLY C 452 29.64 -3.54 36.09
N GLN C 453 30.61 -4.44 36.17
CA GLN C 453 31.97 -4.11 35.73
C GLN C 453 32.21 -4.45 34.28
N THR C 454 33.32 -3.95 33.73
CA THR C 454 33.74 -4.38 32.40
C THR C 454 34.29 -5.78 32.50
N VAL C 455 34.25 -6.50 31.38
CA VAL C 455 34.89 -7.82 31.30
C VAL C 455 36.39 -7.68 31.66
N MET C 456 37.03 -6.62 31.16
CA MET C 456 38.45 -6.34 31.46
C MET C 456 38.68 -6.22 32.96
N GLU C 457 37.82 -5.48 33.65
CA GLU C 457 37.91 -5.36 35.11
C GLU C 457 37.80 -6.71 35.82
N VAL C 458 36.87 -7.55 35.36
CA VAL C 458 36.64 -8.81 36.02
C VAL C 458 37.85 -9.73 35.74
N ALA C 459 38.34 -9.71 34.51
CA ALA C 459 39.53 -10.49 34.14
C ALA C 459 40.74 -10.11 35.01
N ILE C 460 40.98 -8.81 35.19
CA ILE C 460 42.10 -8.31 35.97
C ILE C 460 42.05 -8.86 37.40
N SER C 461 40.86 -8.75 38.01
CA SER C 461 40.61 -9.14 39.40
C SER C 461 40.82 -10.64 39.62
N LYS C 462 40.82 -11.41 38.55
CA LYS C 462 41.05 -12.86 38.61
C LYS C 462 42.55 -13.24 38.48
N GLY C 463 43.39 -12.25 38.18
CA GLY C 463 44.83 -12.47 38.01
C GLY C 463 45.12 -12.89 36.58
N LEU C 464 44.29 -12.43 35.66
CA LEU C 464 44.34 -12.88 34.27
C LEU C 464 44.90 -11.79 33.36
N ASP C 465 45.28 -12.19 32.15
CA ASP C 465 45.68 -11.24 31.13
C ASP C 465 44.52 -10.90 30.19
N ALA C 466 44.19 -9.61 30.13
CA ALA C 466 43.11 -9.11 29.27
C ALA C 466 43.58 -8.51 27.91
N SER C 467 44.78 -8.86 27.47
CA SER C 467 45.35 -8.35 26.21
C SER C 467 44.48 -8.51 24.96
N ALA C 468 43.83 -9.66 24.83
CA ALA C 468 42.95 -9.94 23.69
C ALA C 468 41.78 -8.95 23.62
N LEU C 469 41.29 -8.51 24.77
CA LEU C 469 40.20 -7.53 24.79
C LEU C 469 40.65 -6.23 24.19
N THR C 470 41.84 -5.76 24.59
CA THR C 470 42.43 -4.53 24.02
C THR C 470 42.38 -4.57 22.48
N ILE C 471 42.63 -5.73 21.88
CA ILE C 471 42.61 -5.88 20.42
C ILE C 471 41.20 -5.75 19.83
N MET C 472 40.20 -6.32 20.50
CA MET C 472 38.78 -6.11 20.12
C MET C 472 38.32 -4.63 20.21
N LEU C 473 39.07 -3.83 20.95
CA LEU C 473 38.71 -2.42 21.16
C LEU C 473 39.54 -1.44 20.31
N ASP C 474 40.19 -1.96 19.28
CA ASP C 474 41.15 -1.22 18.45
C ASP C 474 40.53 -0.90 17.09
N PRO C 475 40.18 0.38 16.86
CA PRO C 475 39.52 0.78 15.59
C PRO C 475 40.37 0.42 14.38
N LEU C 476 41.70 0.41 14.56
CA LEU C 476 42.68 0.22 13.49
C LEU C 476 42.86 -1.23 13.00
N SER D 21 -6.62 -46.71 -7.61
CA SER D 21 -6.67 -46.72 -9.10
C SER D 21 -8.08 -46.57 -9.75
N MET D 22 -9.13 -47.15 -9.14
CA MET D 22 -10.49 -47.08 -9.72
C MET D 22 -11.02 -45.63 -9.89
N THR D 23 -11.83 -45.42 -10.91
CA THR D 23 -12.43 -44.12 -11.15
C THR D 23 -13.88 -44.34 -11.51
N ARG D 24 -14.67 -43.27 -11.46
CA ARG D 24 -16.05 -43.26 -11.95
C ARG D 24 -16.13 -42.16 -12.99
N ARG D 25 -17.04 -42.28 -13.95
CA ARG D 25 -17.09 -41.27 -15.02
C ARG D 25 -18.20 -40.26 -14.76
N GLU D 26 -17.86 -38.96 -14.74
CA GLU D 26 -18.86 -37.91 -14.53
C GLU D 26 -18.97 -37.03 -15.77
N GLN D 27 -20.04 -36.25 -15.80
CA GLN D 27 -20.31 -35.35 -16.91
C GLN D 27 -20.69 -33.95 -16.40
N ASP D 28 -20.25 -32.93 -17.11
CA ASP D 28 -20.79 -31.60 -16.90
C ASP D 28 -21.02 -30.96 -18.27
N SER D 29 -21.39 -29.70 -18.29
CA SER D 29 -21.61 -29.02 -19.58
C SER D 29 -20.37 -28.92 -20.47
N LEU D 30 -19.17 -29.06 -19.91
CA LEU D 30 -17.98 -29.11 -20.77
C LEU D 30 -17.64 -30.51 -21.32
N GLY D 31 -18.21 -31.57 -20.74
CA GLY D 31 -17.90 -32.92 -21.20
C GLY D 31 -17.78 -33.94 -20.09
N GLU D 32 -17.08 -35.03 -20.36
CA GLU D 32 -16.94 -36.14 -19.39
C GLU D 32 -15.52 -36.23 -18.89
N ARG D 33 -15.40 -36.66 -17.64
CA ARG D 33 -14.11 -36.82 -17.01
C ARG D 33 -14.15 -37.99 -16.06
N ASP D 34 -12.98 -38.61 -15.86
CA ASP D 34 -12.83 -39.66 -14.86
C ASP D 34 -12.37 -39.07 -13.53
N ILE D 35 -13.05 -39.47 -12.45
CA ILE D 35 -12.86 -38.89 -11.13
C ILE D 35 -12.31 -40.02 -10.23
N PRO D 36 -11.29 -39.75 -9.39
CA PRO D 36 -10.89 -40.82 -8.48
C PRO D 36 -12.11 -41.33 -7.69
N MET D 37 -12.28 -42.64 -7.70
CA MET D 37 -13.43 -43.32 -7.10
C MET D 37 -13.80 -42.88 -5.68
N ASP D 38 -12.84 -42.78 -4.77
CA ASP D 38 -13.24 -42.48 -3.41
C ASP D 38 -13.45 -40.98 -3.11
N ALA D 39 -12.92 -40.09 -3.97
CA ALA D 39 -13.17 -38.66 -3.88
C ALA D 39 -14.64 -38.32 -3.63
N TYR D 40 -14.88 -37.38 -2.73
CA TYR D 40 -16.23 -36.89 -2.47
C TYR D 40 -16.52 -35.68 -3.36
N PHE D 41 -15.48 -35.08 -3.92
CA PHE D 41 -15.70 -34.02 -4.90
C PHE D 41 -15.96 -34.64 -6.27
N GLY D 42 -16.36 -33.84 -7.24
CA GLY D 42 -16.75 -34.39 -8.52
C GLY D 42 -16.03 -33.69 -9.64
N ILE D 43 -16.61 -33.80 -10.85
CA ILE D 43 -15.98 -33.32 -12.06
C ILE D 43 -15.68 -31.79 -12.02
N GLN D 44 -16.58 -31.00 -11.43
CA GLN D 44 -16.38 -29.56 -11.54
C GLN D 44 -15.27 -29.08 -10.60
N THR D 45 -15.17 -29.73 -9.46
CA THR D 45 -14.06 -29.47 -8.53
C THR D 45 -12.73 -29.91 -9.09
N LEU D 46 -12.72 -31.06 -9.76
CA LEU D 46 -11.53 -31.56 -10.46
C LEU D 46 -11.05 -30.57 -11.52
N ARG D 47 -11.96 -30.08 -12.34
CA ARG D 47 -11.59 -29.01 -13.25
C ARG D 47 -10.99 -27.79 -12.53
N ALA D 48 -11.59 -27.36 -11.43
CA ALA D 48 -11.07 -26.20 -10.66
C ALA D 48 -9.68 -26.46 -10.08
N VAL D 49 -9.44 -27.70 -9.63
CA VAL D 49 -8.10 -28.14 -9.20
C VAL D 49 -7.07 -27.98 -10.34
N GLU D 50 -7.44 -28.36 -11.56
CA GLU D 50 -6.54 -28.23 -12.73
C GLU D 50 -6.33 -26.78 -13.13
N ASN D 51 -7.38 -25.98 -12.97
CA ASN D 51 -7.45 -24.62 -13.49
C ASN D 51 -6.75 -23.57 -12.64
N PHE D 52 -6.74 -23.76 -11.31
CA PHE D 52 -6.31 -22.69 -10.44
C PHE D 52 -5.24 -23.10 -9.44
N SER D 53 -4.38 -24.04 -9.80
CA SER D 53 -3.27 -24.40 -8.91
C SER D 53 -2.29 -23.25 -8.94
N LEU D 54 -2.32 -22.42 -7.90
CA LEU D 54 -1.57 -21.18 -7.89
C LEU D 54 -0.75 -20.98 -6.60
N SER D 55 -1.27 -21.38 -5.45
CA SER D 55 -0.61 -21.06 -4.18
C SER D 55 -0.31 -22.25 -3.32
N ASP D 56 -0.82 -23.42 -3.68
CA ASP D 56 -0.75 -24.58 -2.75
C ASP D 56 -1.49 -24.35 -1.43
N VAL D 57 -2.43 -23.41 -1.44
CA VAL D 57 -3.26 -23.11 -0.28
C VAL D 57 -4.70 -23.39 -0.68
N ALA D 58 -5.27 -24.43 -0.11
CA ALA D 58 -6.60 -24.85 -0.53
C ALA D 58 -7.64 -24.33 0.41
N LEU D 59 -8.91 -24.53 0.05
CA LEU D 59 -10.03 -24.02 0.82
C LEU D 59 -10.02 -24.55 2.26
N ASN D 60 -9.54 -25.77 2.42
CA ASN D 60 -9.45 -26.32 3.79
C ASN D 60 -8.48 -25.59 4.71
N HIS D 61 -7.73 -24.61 4.21
CA HIS D 61 -6.84 -23.79 5.03
CA HIS D 61 -6.83 -23.79 5.03
C HIS D 61 -7.63 -22.62 5.59
N ILE D 62 -8.85 -22.39 5.08
CA ILE D 62 -9.76 -21.41 5.69
C ILE D 62 -11.08 -22.10 6.05
N PRO D 63 -11.01 -23.05 6.99
CA PRO D 63 -12.15 -23.94 7.30
C PRO D 63 -13.40 -23.17 7.71
N ALA D 64 -13.27 -21.95 8.27
CA ALA D 64 -14.46 -21.12 8.58
C ALA D 64 -15.35 -20.94 7.35
N LEU D 65 -14.72 -20.73 6.18
CA LEU D 65 -15.48 -20.56 4.95
C LEU D 65 -16.13 -21.88 4.53
N VAL D 66 -15.44 -22.99 4.71
CA VAL D 66 -16.02 -24.32 4.44
C VAL D 66 -17.27 -24.62 5.34
N ARG D 67 -17.14 -24.35 6.65
CA ARG D 67 -18.23 -24.53 7.60
C ARG D 67 -19.39 -23.62 7.23
N ALA D 68 -19.07 -22.36 6.90
CA ALA D 68 -20.12 -21.38 6.53
C ALA D 68 -20.90 -21.81 5.29
N LEU D 69 -20.20 -22.32 4.29
CA LEU D 69 -20.80 -22.84 3.06
C LEU D 69 -21.77 -23.99 3.35
N ALA D 70 -21.31 -24.92 4.18
CA ALA D 70 -22.15 -26.05 4.62
C ALA D 70 -23.38 -25.55 5.38
N MET D 71 -23.22 -24.50 6.19
CA MET D 71 -24.40 -23.90 6.89
C MET D 71 -25.42 -23.35 5.92
N VAL D 72 -24.93 -22.62 4.91
CA VAL D 72 -25.78 -22.11 3.85
C VAL D 72 -26.50 -23.25 3.11
N LYS D 73 -25.77 -24.28 2.72
CA LYS D 73 -26.39 -25.41 2.00
C LYS D 73 -27.50 -26.02 2.86
N LYS D 74 -27.24 -26.15 4.16
CA LYS D 74 -28.22 -26.76 5.05
C LYS D 74 -29.45 -25.86 5.13
N ALA D 75 -29.24 -24.55 5.32
CA ALA D 75 -30.33 -23.57 5.38
C ALA D 75 -31.19 -23.66 4.12
N ALA D 76 -30.53 -23.69 2.97
CA ALA D 76 -31.19 -23.78 1.68
C ALA D 76 -31.95 -25.10 1.56
N ALA D 77 -31.36 -26.20 2.02
CA ALA D 77 -32.02 -27.50 1.90
C ALA D 77 -33.30 -27.51 2.72
N THR D 78 -33.23 -26.88 3.90
CA THR D 78 -34.37 -26.81 4.83
C THR D 78 -35.48 -25.96 4.24
N ALA D 79 -35.10 -24.84 3.64
CA ALA D 79 -36.08 -23.99 3.02
C ALA D 79 -36.71 -24.71 1.79
N ASN D 80 -35.89 -25.43 1.03
CA ASN D 80 -36.40 -26.23 -0.10
C ASN D 80 -37.36 -27.35 0.32
N TYR D 81 -37.04 -28.03 1.41
CA TYR D 81 -37.92 -29.01 2.04
C TYR D 81 -39.27 -28.41 2.52
N LYS D 82 -39.23 -27.25 3.17
CA LYS D 82 -40.46 -26.55 3.65
C LYS D 82 -41.32 -25.93 2.55
N LEU D 83 -40.70 -25.35 1.52
CA LEU D 83 -41.42 -24.48 0.59
C LEU D 83 -41.40 -24.94 -0.86
N ARG D 84 -40.49 -25.84 -1.22
CA ARG D 84 -40.34 -26.18 -2.65
C ARG D 84 -40.32 -27.70 -2.94
N GLN D 85 -40.83 -28.45 -1.97
CA GLN D 85 -41.10 -29.89 -2.11
C GLN D 85 -39.87 -30.72 -2.48
N LEU D 86 -38.70 -30.32 -1.99
CA LEU D 86 -37.54 -31.19 -2.02
C LEU D 86 -37.94 -32.42 -1.20
N PRO D 87 -37.78 -33.63 -1.76
CA PRO D 87 -38.24 -34.86 -1.11
C PRO D 87 -37.55 -35.11 0.20
N GLU D 88 -38.29 -35.64 1.16
CA GLU D 88 -37.77 -35.79 2.52
C GLU D 88 -36.52 -36.65 2.53
N PRO D 89 -36.50 -37.76 1.76
CA PRO D 89 -35.29 -38.59 1.69
C PRO D 89 -34.05 -37.81 1.24
N LYS D 90 -34.17 -36.97 0.20
CA LYS D 90 -33.03 -36.14 -0.22
C LYS D 90 -32.66 -35.14 0.91
N TYR D 91 -33.69 -34.44 1.41
CA TYR D 91 -33.51 -33.44 2.44
C TYR D 91 -32.68 -33.94 3.62
N ALA D 92 -33.04 -35.11 4.17
CA ALA D 92 -32.38 -35.65 5.35
C ALA D 92 -30.95 -36.16 5.08
N ALA D 93 -30.75 -36.80 3.93
CA ALA D 93 -29.41 -37.18 3.48
C ALA D 93 -28.52 -35.91 3.36
N ILE D 94 -29.03 -34.88 2.69
CA ILE D 94 -28.27 -33.63 2.47
C ILE D 94 -27.93 -32.94 3.79
N VAL D 95 -28.90 -32.89 4.71
CA VAL D 95 -28.70 -32.21 6.00
C VAL D 95 -27.68 -32.96 6.86
N ALA D 96 -27.75 -34.30 6.83
CA ALA D 96 -26.73 -35.10 7.52
C ALA D 96 -25.32 -34.78 6.99
N ALA D 97 -25.17 -34.65 5.66
CA ALA D 97 -23.89 -34.30 5.07
C ALA D 97 -23.37 -32.91 5.48
N CYS D 98 -24.28 -31.92 5.54
CA CYS D 98 -23.89 -30.55 5.94
C CYS D 98 -23.44 -30.59 7.41
N ASP D 99 -24.16 -31.35 8.24
CA ASP D 99 -23.81 -31.41 9.67
C ASP D 99 -22.36 -31.90 9.87
N ASP D 100 -22.01 -32.94 9.10
CA ASP D 100 -20.67 -33.54 9.15
C ASP D 100 -19.62 -32.51 8.84
N ILE D 101 -19.83 -31.76 7.75
CA ILE D 101 -18.89 -30.69 7.37
C ILE D 101 -18.85 -29.59 8.43
N ILE D 102 -20.02 -29.15 8.89
CA ILE D 102 -20.10 -28.14 9.95
C ILE D 102 -19.27 -28.55 11.17
N ASP D 103 -19.27 -29.85 11.46
CA ASP D 103 -18.61 -30.43 12.62
C ASP D 103 -17.13 -30.78 12.35
N GLY D 104 -16.62 -30.46 11.18
CA GLY D 104 -15.20 -30.65 10.92
C GLY D 104 -14.80 -31.86 10.10
N LEU D 105 -15.76 -32.64 9.61
CA LEU D 105 -15.38 -33.77 8.78
C LEU D 105 -15.26 -33.35 7.32
N LEU D 106 -14.53 -34.18 6.54
CA LEU D 106 -14.36 -34.06 5.09
C LEU D 106 -13.62 -32.83 4.61
N MET D 107 -12.90 -32.19 5.54
CA MET D 107 -12.16 -30.96 5.26
C MET D 107 -11.16 -31.18 4.13
N GLU D 108 -10.58 -32.38 4.08
CA GLU D 108 -9.56 -32.71 3.06
C GLU D 108 -10.16 -32.81 1.65
N GLN D 109 -11.49 -32.79 1.54
CA GLN D 109 -12.19 -32.87 0.25
C GLN D 109 -12.36 -31.46 -0.33
N PHE D 110 -12.05 -30.45 0.47
CA PHE D 110 -12.10 -29.06 0.05
C PHE D 110 -10.75 -28.62 -0.43
N VAL D 111 -10.53 -28.87 -1.71
CA VAL D 111 -9.24 -28.88 -2.35
C VAL D 111 -8.99 -27.72 -3.37
N VAL D 112 -10.01 -26.92 -3.69
CA VAL D 112 -9.84 -25.79 -4.64
C VAL D 112 -8.93 -24.68 -4.02
N ASP D 113 -8.02 -24.12 -4.82
CA ASP D 113 -7.09 -23.08 -4.40
C ASP D 113 -7.84 -21.83 -3.97
N VAL D 114 -7.38 -21.17 -2.89
CA VAL D 114 -8.03 -19.96 -2.42
C VAL D 114 -7.94 -18.84 -3.47
N PHE D 115 -6.95 -18.92 -4.35
CA PHE D 115 -6.86 -17.96 -5.47
C PHE D 115 -7.71 -18.24 -6.69
N GLN D 116 -8.59 -19.24 -6.60
CA GLN D 116 -9.51 -19.58 -7.68
C GLN D 116 -10.11 -18.35 -8.34
N GLY D 117 -10.22 -18.37 -9.66
CA GLY D 117 -11.09 -17.41 -10.37
C GLY D 117 -12.51 -17.93 -10.27
N GLY D 118 -13.46 -17.25 -10.92
CA GLY D 118 -14.88 -17.62 -10.90
C GLY D 118 -15.73 -16.98 -9.81
N ALA D 119 -15.16 -15.99 -9.10
CA ALA D 119 -15.94 -15.23 -8.13
C ALA D 119 -16.59 -16.06 -7.00
N GLY D 120 -16.12 -17.29 -6.81
CA GLY D 120 -16.67 -18.17 -5.75
C GLY D 120 -17.38 -19.43 -6.26
N THR D 121 -17.67 -19.46 -7.55
CA THR D 121 -18.32 -20.61 -8.21
C THR D 121 -17.68 -21.96 -7.82
N SER D 122 -16.35 -22.05 -7.90
CA SER D 122 -15.65 -23.29 -7.59
C SER D 122 -15.74 -23.70 -6.13
N SER D 123 -15.88 -22.72 -5.23
CA SER D 123 -16.14 -23.01 -3.82
C SER D 123 -17.55 -23.54 -3.58
N ASN D 124 -18.51 -22.90 -4.21
CA ASN D 124 -19.91 -23.38 -4.25
C ASN D 124 -20.00 -24.83 -4.75
N MET D 125 -19.38 -25.05 -5.89
CA MET D 125 -19.33 -26.39 -6.53
C MET D 125 -18.53 -27.41 -5.77
N ASN D 126 -17.47 -27.03 -5.05
CA ASN D 126 -16.77 -27.99 -4.22
C ASN D 126 -17.74 -28.47 -3.09
N ALA D 127 -18.50 -27.53 -2.52
CA ALA D 127 -19.51 -27.88 -1.50
C ALA D 127 -20.65 -28.76 -2.06
N ASN D 128 -21.19 -28.34 -3.20
CA ASN D 128 -22.29 -29.07 -3.86
C ASN D 128 -21.97 -30.56 -4.10
N GLU D 129 -20.80 -30.81 -4.65
CA GLU D 129 -20.37 -32.17 -4.99
C GLU D 129 -20.04 -33.01 -3.76
N VAL D 130 -19.23 -32.46 -2.85
CA VAL D 130 -18.91 -33.15 -1.59
C VAL D 130 -20.18 -33.51 -0.78
N ILE D 131 -21.09 -32.54 -0.61
CA ILE D 131 -22.35 -32.77 0.12
C ILE D 131 -23.20 -33.78 -0.57
N ALA D 132 -23.31 -33.69 -1.91
CA ALA D 132 -24.05 -34.69 -2.70
C ALA D 132 -23.51 -36.11 -2.45
N ASN D 133 -22.20 -36.26 -2.63
CA ASN D 133 -21.57 -37.55 -2.40
C ASN D 133 -21.57 -38.09 -0.98
N ARG D 134 -21.47 -37.19 0.01
CA ARG D 134 -21.59 -37.59 1.42
C ARG D 134 -23.07 -37.92 1.79
N ALA D 135 -24.01 -37.15 1.26
CA ALA D 135 -25.42 -37.50 1.36
C ALA D 135 -25.68 -38.90 0.75
N LEU D 136 -25.22 -39.12 -0.49
CA LEU D 136 -25.35 -40.44 -1.16
C LEU D 136 -24.90 -41.58 -0.26
N GLU D 137 -23.70 -41.45 0.26
CA GLU D 137 -23.14 -42.37 1.24
C GLU D 137 -24.07 -42.63 2.45
N HIS D 138 -24.65 -41.57 3.05
CA HIS D 138 -25.63 -41.72 4.13
C HIS D 138 -26.86 -42.53 3.69
N LEU D 139 -27.16 -42.49 2.38
CA LEU D 139 -28.23 -43.29 1.79
C LEU D 139 -27.74 -44.64 1.28
N GLY D 140 -26.53 -45.02 1.66
CA GLY D 140 -25.91 -46.26 1.16
C GLY D 140 -25.90 -46.39 -0.35
N ARG D 141 -25.71 -45.28 -1.06
CA ARG D 141 -25.60 -45.28 -2.52
C ARG D 141 -24.15 -44.95 -2.91
N PRO D 142 -23.73 -45.32 -4.13
CA PRO D 142 -22.35 -45.05 -4.53
C PRO D 142 -22.09 -43.59 -4.92
N ARG D 143 -20.81 -43.17 -4.88
CA ARG D 143 -20.44 -41.82 -5.32
C ARG D 143 -20.83 -41.71 -6.78
N GLY D 144 -21.25 -40.51 -7.21
CA GLY D 144 -21.61 -40.28 -8.62
C GLY D 144 -23.05 -40.62 -8.98
N ASP D 145 -23.80 -41.18 -8.04
CA ASP D 145 -25.20 -41.47 -8.28
C ASP D 145 -26.05 -40.20 -8.22
N TYR D 146 -25.84 -39.31 -9.19
CA TYR D 146 -26.48 -38.00 -9.19
C TYR D 146 -27.96 -37.96 -9.57
N GLN D 147 -28.50 -39.03 -10.14
CA GLN D 147 -29.97 -39.12 -10.37
C GLN D 147 -30.70 -39.21 -9.03
N THR D 148 -30.03 -39.78 -8.03
CA THR D 148 -30.52 -39.81 -6.64
C THR D 148 -30.28 -38.51 -5.84
N ILE D 149 -29.02 -38.03 -5.77
CA ILE D 149 -28.70 -36.69 -5.19
C ILE D 149 -27.85 -35.94 -6.19
N HIS D 150 -28.42 -34.86 -6.73
CA HIS D 150 -27.75 -34.12 -7.76
C HIS D 150 -27.06 -32.86 -7.25
N PRO D 151 -25.76 -32.70 -7.55
CA PRO D 151 -25.06 -31.52 -7.01
C PRO D 151 -25.70 -30.19 -7.41
N ASN D 152 -26.19 -30.09 -8.64
CA ASN D 152 -26.76 -28.84 -9.10
C ASN D 152 -28.24 -28.79 -8.79
N ASP D 153 -28.97 -29.85 -9.15
CA ASP D 153 -30.43 -29.84 -9.09
C ASP D 153 -30.95 -29.99 -7.66
N ASP D 154 -30.23 -30.72 -6.83
CA ASP D 154 -30.64 -30.90 -5.45
C ASP D 154 -29.87 -30.03 -4.45
N VAL D 155 -28.56 -30.20 -4.38
CA VAL D 155 -27.78 -29.50 -3.34
C VAL D 155 -27.75 -27.98 -3.64
N ASN D 156 -27.69 -27.63 -4.93
CA ASN D 156 -27.74 -26.23 -5.36
C ASN D 156 -29.13 -25.72 -5.72
N MET D 157 -30.18 -26.45 -5.31
CA MET D 157 -31.56 -26.05 -5.63
C MET D 157 -31.88 -24.67 -5.11
N SER D 158 -32.50 -23.83 -5.96
CA SER D 158 -32.92 -22.46 -5.61
C SER D 158 -31.74 -21.50 -5.33
N GLN D 159 -30.49 -21.88 -5.65
CA GLN D 159 -29.31 -21.08 -5.31
C GLN D 159 -28.47 -20.75 -6.53
N SER D 160 -27.68 -19.70 -6.46
CA SER D 160 -26.58 -19.55 -7.40
C SER D 160 -25.43 -19.08 -6.57
N THR D 161 -24.24 -19.14 -7.16
CA THR D 161 -23.02 -18.65 -6.54
C THR D 161 -23.19 -17.24 -6.02
N ASN D 162 -23.87 -16.41 -6.79
CA ASN D 162 -23.90 -15.00 -6.52
C ASN D 162 -24.74 -14.56 -5.30
N ASP D 163 -25.56 -15.45 -4.76
CA ASP D 163 -26.09 -15.24 -3.41
C ASP D 163 -25.47 -16.21 -2.36
N VAL D 164 -25.16 -17.44 -2.75
CA VAL D 164 -24.58 -18.39 -1.79
C VAL D 164 -23.21 -17.95 -1.25
N TYR D 165 -22.34 -17.50 -2.16
CA TYR D 165 -20.94 -17.25 -1.82
C TYR D 165 -20.76 -16.00 -0.95
N PRO D 166 -21.33 -14.87 -1.37
CA PRO D 166 -21.14 -13.69 -0.52
C PRO D 166 -21.80 -13.87 0.83
N THR D 167 -22.86 -14.67 0.89
CA THR D 167 -23.53 -14.93 2.15
C THR D 167 -22.61 -15.80 3.04
N ALA D 168 -22.09 -16.88 2.47
CA ALA D 168 -21.10 -17.70 3.18
C ALA D 168 -19.85 -16.90 3.59
N VAL D 169 -19.42 -15.94 2.77
CA VAL D 169 -18.25 -15.11 3.13
C VAL D 169 -18.58 -14.27 4.37
N ARG D 170 -19.76 -13.64 4.35
CA ARG D 170 -20.18 -12.85 5.50
C ARG D 170 -20.29 -13.70 6.76
N LEU D 171 -20.80 -14.91 6.61
CA LEU D 171 -20.99 -15.79 7.76
C LEU D 171 -19.66 -16.25 8.38
N ALA D 172 -18.73 -16.61 7.53
CA ALA D 172 -17.41 -17.06 7.91
C ALA D 172 -16.70 -15.99 8.74
N LEU D 173 -16.82 -14.74 8.30
CA LEU D 173 -16.24 -13.62 9.04
C LEU D 173 -16.92 -13.44 10.42
N LEU D 174 -18.25 -13.51 10.44
CA LEU D 174 -19.01 -13.47 11.71
C LEU D 174 -18.60 -14.61 12.68
N LEU D 175 -18.46 -15.83 12.16
CA LEU D 175 -18.05 -16.98 12.99
C LEU D 175 -16.61 -16.88 13.48
N SER D 176 -15.82 -16.02 12.84
CA SER D 176 -14.41 -15.90 13.18
C SER D 176 -14.14 -14.73 14.12
N GLN D 177 -15.17 -13.93 14.40
CA GLN D 177 -15.04 -12.72 15.24
C GLN D 177 -14.58 -13.01 16.65
N ASN D 178 -15.16 -14.03 17.24
CA ASN D 178 -14.96 -14.31 18.63
C ASN D 178 -13.47 -14.63 18.92
N GLN D 179 -12.77 -15.24 17.97
CA GLN D 179 -11.38 -15.58 18.23
C GLN D 179 -10.53 -14.30 18.35
N VAL D 180 -10.80 -13.29 17.51
CA VAL D 180 -10.13 -12.01 17.63
C VAL D 180 -10.50 -11.24 18.91
N GLN D 181 -11.79 -11.23 19.26
CA GLN D 181 -12.24 -10.56 20.47
C GLN D 181 -11.59 -11.12 21.73
N THR D 182 -11.60 -12.45 21.84
CA THR D 182 -10.98 -13.16 22.98
C THR D 182 -9.49 -12.78 23.17
N ALA D 183 -8.74 -12.80 22.06
CA ALA D 183 -7.33 -12.45 22.08
C ALA D 183 -7.10 -10.99 22.49
N LEU D 184 -7.96 -10.09 22.01
CA LEU D 184 -7.82 -8.65 22.29
C LEU D 184 -8.06 -8.42 23.79
N HIS D 185 -9.11 -9.04 24.32
CA HIS D 185 -9.40 -9.03 25.74
C HIS D 185 -8.27 -9.62 26.58
N ARG D 186 -7.73 -10.75 26.15
CA ARG D 186 -6.57 -11.37 26.79
C ARG D 186 -5.35 -10.43 26.83
N LEU D 187 -5.05 -9.77 25.71
CA LEU D 187 -3.89 -8.90 25.67
C LEU D 187 -4.13 -7.65 26.57
N ILE D 188 -5.35 -7.12 26.50
CA ILE D 188 -5.75 -5.97 27.34
C ILE D 188 -5.56 -6.29 28.84
N ALA D 189 -6.04 -7.45 29.27
CA ALA D 189 -5.91 -7.89 30.66
C ALA D 189 -4.45 -7.97 31.03
N ALA D 190 -3.63 -8.55 30.15
CA ALA D 190 -2.21 -8.68 30.40
C ALA D 190 -1.56 -7.31 30.67
N PHE D 191 -1.86 -6.35 29.80
CA PHE D 191 -1.33 -5.01 29.93
C PHE D 191 -1.87 -4.34 31.19
N GLU D 192 -3.16 -4.51 31.50
CA GLU D 192 -3.74 -3.89 32.70
C GLU D 192 -3.04 -4.34 33.97
N ALA D 193 -2.79 -5.64 34.09
CA ALA D 193 -2.12 -6.20 35.26
C ALA D 193 -0.65 -5.71 35.41
N LYS D 194 0.08 -5.54 34.33
CA LYS D 194 1.43 -4.97 34.46
C LYS D 194 1.35 -3.47 34.79
N GLY D 195 0.27 -2.82 34.38
CA GLY D 195 0.08 -1.41 34.71
C GLY D 195 -0.08 -1.25 36.23
N ARG D 196 -0.67 -2.27 36.87
CA ARG D 196 -0.81 -2.25 38.34
C ARG D 196 0.55 -2.63 38.95
N GLU D 197 1.14 -3.72 38.45
CA GLU D 197 2.41 -4.13 38.97
C GLU D 197 3.45 -3.00 38.96
N PHE D 198 3.41 -2.18 37.92
CA PHE D 198 4.42 -1.13 37.71
C PHE D 198 4.02 0.27 38.15
N ALA D 199 2.96 0.37 38.93
CA ALA D 199 2.44 1.68 39.33
C ALA D 199 3.44 2.56 40.12
N THR D 200 4.34 1.96 40.90
CA THR D 200 5.29 2.77 41.68
C THR D 200 6.63 2.97 40.98
N VAL D 201 6.76 2.41 39.77
CA VAL D 201 8.03 2.43 39.02
C VAL D 201 8.21 3.75 38.27
N ILE D 202 8.91 4.70 38.87
CA ILE D 202 9.13 6.00 38.21
C ILE D 202 10.21 5.87 37.14
N LYS D 203 10.08 6.66 36.08
CA LYS D 203 10.97 6.57 34.92
C LYS D 203 10.87 7.84 34.08
N ILE D 204 11.75 8.00 33.10
CA ILE D 204 11.73 9.20 32.27
C ILE D 204 10.87 8.99 31.03
N GLY D 205 9.85 9.83 30.86
CA GLY D 205 9.14 9.96 29.60
C GLY D 205 10.06 10.43 28.50
N ARG D 206 9.80 10.02 27.27
CA ARG D 206 10.65 10.39 26.15
C ARG D 206 9.79 10.82 25.00
N THR D 207 10.03 12.02 24.51
CA THR D 207 9.31 12.59 23.39
C THR D 207 10.27 12.92 22.25
N GLN D 208 9.93 12.50 21.05
CA GLN D 208 10.83 12.63 19.90
C GLN D 208 12.20 11.95 20.23
N LEU D 209 12.13 10.97 21.14
CA LEU D 209 13.28 10.25 21.73
C LEU D 209 14.18 11.07 22.63
N GLN D 210 13.75 12.28 22.98
CA GLN D 210 14.48 13.12 23.94
C GLN D 210 13.91 12.98 25.35
N ASP D 211 14.79 12.93 26.34
CA ASP D 211 14.37 12.83 27.75
C ASP D 211 13.42 13.99 28.01
N ALA D 212 12.27 13.69 28.61
CA ALA D 212 11.19 14.67 28.81
C ALA D 212 10.87 14.84 30.29
N VAL D 213 9.69 14.43 30.74
CA VAL D 213 9.34 14.53 32.16
C VAL D 213 9.07 13.16 32.78
N PRO D 214 9.21 13.03 34.12
CA PRO D 214 8.94 11.71 34.72
C PRO D 214 7.50 11.23 34.56
N ILE D 215 7.35 9.91 34.36
CA ILE D 215 6.06 9.26 34.29
C ILE D 215 6.22 7.95 35.09
N THR D 216 5.20 7.12 35.16
CA THR D 216 5.49 5.77 35.69
C THR D 216 5.46 4.74 34.55
N LEU D 217 6.12 3.60 34.75
CA LEU D 217 6.06 2.50 33.82
C LEU D 217 4.64 1.88 33.85
N GLY D 218 3.98 1.93 35.03
CA GLY D 218 2.59 1.54 35.16
C GLY D 218 1.68 2.28 34.20
N GLN D 219 1.76 3.63 34.20
CA GLN D 219 1.00 4.44 33.29
C GLN D 219 1.30 4.10 31.81
N GLU D 220 2.57 3.88 31.49
CA GLU D 220 2.97 3.44 30.18
C GLU D 220 2.23 2.15 29.77
N PHE D 221 2.17 1.16 30.67
CA PHE D 221 1.54 -0.11 30.32
C PHE D 221 -0.01 -0.03 30.29
N GLU D 222 -0.58 0.85 31.11
CA GLU D 222 -2.01 1.07 31.13
C GLU D 222 -2.45 1.74 29.82
N ALA D 223 -1.61 2.62 29.27
CA ALA D 223 -1.87 3.26 27.98
C ALA D 223 -1.86 2.24 26.85
N PHE D 224 -1.03 1.19 26.94
CA PHE D 224 -1.07 0.12 25.93
C PHE D 224 -2.47 -0.56 26.02
N ALA D 225 -2.92 -0.85 27.22
CA ALA D 225 -4.27 -1.40 27.46
C ALA D 225 -5.37 -0.50 26.95
N ALA D 226 -5.34 0.77 27.37
CA ALA D 226 -6.38 1.75 27.01
C ALA D 226 -6.63 1.86 25.50
N THR D 227 -5.56 1.92 24.70
CA THR D 227 -5.73 2.13 23.25
C THR D 227 -6.41 0.89 22.63
N LEU D 228 -6.12 -0.30 23.18
CA LEU D 228 -6.71 -1.52 22.67
C LEU D 228 -8.18 -1.66 23.06
N ARG D 229 -8.54 -1.24 24.28
CA ARG D 229 -9.95 -1.19 24.69
C ARG D 229 -10.85 -0.45 23.71
N GLU D 230 -10.35 0.62 23.10
CA GLU D 230 -11.10 1.33 22.07
C GLU D 230 -11.49 0.46 20.87
N ASP D 231 -10.71 -0.59 20.61
CA ASP D 231 -10.94 -1.44 19.43
C ASP D 231 -12.00 -2.53 19.59
N THR D 232 -12.26 -2.97 20.83
CA THR D 232 -13.19 -4.06 21.06
C THR D 232 -14.62 -3.72 20.60
N ALA D 233 -15.09 -2.52 20.95
CA ALA D 233 -16.41 -2.08 20.56
C ALA D 233 -16.50 -1.81 19.07
N ARG D 234 -15.48 -1.16 18.51
CA ARG D 234 -15.50 -0.86 17.07
C ARG D 234 -15.50 -2.13 16.23
N LEU D 235 -14.74 -3.13 16.68
CA LEU D 235 -14.69 -4.42 16.02
C LEU D 235 -16.09 -5.10 15.94
N GLU D 236 -16.82 -5.16 17.06
CA GLU D 236 -18.20 -5.72 17.09
C GLU D 236 -19.19 -4.94 16.20
N GLU D 237 -19.13 -3.61 16.29
CA GLU D 237 -20.02 -2.77 15.48
C GLU D 237 -19.77 -2.95 13.98
N VAL D 238 -18.52 -3.02 13.56
CA VAL D 238 -18.21 -3.20 12.14
C VAL D 238 -18.56 -4.63 11.69
N ALA D 239 -18.18 -5.61 12.51
CA ALA D 239 -18.55 -7.02 12.25
C ALA D 239 -20.08 -7.18 12.09
N ALA D 240 -20.87 -6.38 12.82
CA ALA D 240 -22.33 -6.53 12.73
C ALA D 240 -22.91 -6.17 11.34
N LEU D 241 -22.19 -5.35 10.58
CA LEU D 241 -22.55 -5.06 9.18
C LEU D 241 -22.63 -6.36 8.36
N PHE D 242 -21.89 -7.39 8.76
CA PHE D 242 -21.91 -8.65 8.01
C PHE D 242 -23.23 -9.43 8.16
N ARG D 243 -24.11 -9.01 9.09
CA ARG D 243 -25.40 -9.70 9.29
C ARG D 243 -26.43 -9.54 8.16
N GLU D 244 -26.21 -8.55 7.29
CA GLU D 244 -27.13 -8.30 6.20
C GLU D 244 -26.65 -9.09 4.99
N VAL D 245 -27.47 -10.04 4.55
CA VAL D 245 -27.06 -10.94 3.49
C VAL D 245 -28.03 -10.90 2.31
N ASN D 246 -27.56 -11.35 1.15
CA ASN D 246 -28.40 -11.33 -0.07
C ASN D 246 -28.91 -12.72 -0.43
N LEU D 247 -28.77 -13.63 0.52
CA LEU D 247 -29.19 -15.02 0.31
C LEU D 247 -30.61 -15.12 -0.25
N GLY D 248 -30.79 -15.96 -1.26
CA GLY D 248 -32.10 -16.09 -1.91
C GLY D 248 -32.41 -15.02 -2.95
N GLY D 249 -31.44 -14.12 -3.19
CA GLY D 249 -31.57 -13.09 -4.23
C GLY D 249 -31.63 -13.69 -5.63
N THR D 250 -31.05 -14.89 -5.79
CA THR D 250 -31.20 -15.77 -6.96
C THR D 250 -32.67 -16.09 -7.29
N ALA D 251 -33.38 -16.65 -6.31
CA ALA D 251 -34.75 -17.12 -6.45
C ALA D 251 -35.71 -15.94 -6.46
N HIS D 260 -39.90 -14.16 -2.86
CA HIS D 260 -39.32 -13.60 -1.65
C HIS D 260 -39.54 -14.48 -0.41
N ALA D 261 -40.51 -15.40 -0.46
CA ALA D 261 -40.79 -16.33 0.66
C ALA D 261 -39.62 -17.30 0.91
N TYR D 262 -39.11 -17.86 -0.17
CA TYR D 262 -37.96 -18.72 -0.09
C TYR D 262 -36.77 -18.02 0.57
N ALA D 263 -36.49 -16.79 0.11
CA ALA D 263 -35.38 -15.97 0.60
C ALA D 263 -35.47 -15.78 2.09
N GLU D 264 -36.66 -15.39 2.52
CA GLU D 264 -36.95 -15.00 3.89
C GLU D 264 -36.72 -16.22 4.79
N GLN D 265 -37.24 -17.36 4.33
CA GLN D 265 -37.13 -18.59 5.07
C GLN D 265 -35.71 -19.12 5.12
N ALA D 266 -34.97 -19.00 4.01
CA ALA D 266 -33.58 -19.51 4.02
C ALA D 266 -32.75 -18.73 5.05
N ILE D 267 -32.99 -17.43 5.16
CA ILE D 267 -32.30 -16.60 6.13
C ILE D 267 -32.69 -16.94 7.59
N VAL D 268 -33.98 -17.21 7.83
CA VAL D 268 -34.44 -17.68 9.15
C VAL D 268 -33.74 -18.97 9.49
N GLU D 269 -33.65 -19.87 8.52
CA GLU D 269 -32.97 -21.15 8.78
C GLU D 269 -31.50 -20.95 9.03
N LEU D 270 -30.85 -20.11 8.20
CA LEU D 270 -29.40 -19.78 8.40
C LEU D 270 -29.09 -19.08 9.74
N SER D 271 -29.95 -18.15 10.17
CA SER D 271 -29.80 -17.58 11.52
C SER D 271 -29.89 -18.70 12.57
N GLN D 272 -30.82 -19.64 12.40
CA GLN D 272 -30.99 -20.69 13.42
C GLN D 272 -29.80 -21.62 13.46
N ILE D 273 -29.34 -22.02 12.28
CA ILE D 273 -28.25 -22.97 12.19
C ILE D 273 -26.97 -22.34 12.77
N SER D 274 -26.72 -21.07 12.42
CA SER D 274 -25.47 -20.38 12.79
C SER D 274 -25.51 -19.82 14.19
N GLY D 275 -26.72 -19.55 14.70
CA GLY D 275 -26.83 -18.99 16.06
C GLY D 275 -26.65 -17.47 16.06
N ILE D 276 -26.79 -16.87 14.88
CA ILE D 276 -26.58 -15.43 14.72
C ILE D 276 -27.74 -14.83 13.97
N GLU D 277 -28.32 -13.76 14.48
CA GLU D 277 -29.47 -13.17 13.81
C GLU D 277 -29.06 -12.49 12.50
N LEU D 278 -29.52 -13.01 11.38
CA LEU D 278 -29.16 -12.41 10.10
C LEU D 278 -30.37 -11.70 9.53
N LYS D 279 -30.16 -10.82 8.56
CA LYS D 279 -31.27 -10.10 7.90
C LYS D 279 -31.04 -9.99 6.41
N ALA D 280 -32.14 -9.89 5.65
CA ALA D 280 -32.10 -9.63 4.22
C ALA D 280 -31.64 -8.20 3.94
N THR D 281 -30.69 -8.06 3.01
CA THR D 281 -30.42 -6.75 2.42
C THR D 281 -31.72 -6.17 1.83
N GLY D 282 -31.95 -4.88 2.05
CA GLY D 282 -33.10 -4.19 1.44
C GLY D 282 -32.89 -3.86 -0.02
N ASN D 283 -31.66 -3.99 -0.52
CA ASN D 283 -31.35 -3.57 -1.91
C ASN D 283 -30.40 -4.53 -2.56
N LEU D 284 -30.94 -5.42 -3.40
CA LEU D 284 -30.18 -6.50 -4.01
C LEU D 284 -29.24 -6.04 -5.13
N VAL D 285 -29.66 -5.02 -5.88
CA VAL D 285 -28.83 -4.48 -6.94
C VAL D 285 -27.61 -3.77 -6.31
N GLU D 286 -27.80 -3.12 -5.16
CA GLU D 286 -26.65 -2.59 -4.42
C GLU D 286 -25.80 -3.72 -3.87
N ALA D 287 -26.44 -4.72 -3.24
CA ALA D 287 -25.72 -5.82 -2.57
C ALA D 287 -24.85 -6.60 -3.57
N SER D 288 -25.28 -6.62 -4.83
CA SER D 288 -24.64 -7.42 -5.87
C SER D 288 -23.12 -7.22 -5.98
N TRP D 289 -22.67 -5.97 -5.91
CA TRP D 289 -21.21 -5.64 -6.04
C TRP D 289 -20.57 -5.15 -4.78
N ASP D 290 -21.36 -5.05 -3.72
CA ASP D 290 -20.91 -4.29 -2.58
C ASP D 290 -19.87 -4.98 -1.71
N THR D 291 -18.80 -4.25 -1.43
CA THR D 291 -17.66 -4.78 -0.67
C THR D 291 -17.29 -3.80 0.47
N GLY D 292 -18.16 -2.79 0.68
CA GLY D 292 -17.93 -1.76 1.72
C GLY D 292 -17.63 -2.32 3.10
N ALA D 293 -18.43 -3.28 3.57
CA ALA D 293 -18.19 -3.86 4.89
C ALA D 293 -16.81 -4.54 5.01
N PHE D 294 -16.42 -5.27 3.95
CA PHE D 294 -15.06 -5.88 3.87
C PHE D 294 -13.93 -4.88 4.06
N VAL D 295 -14.06 -3.74 3.37
CA VAL D 295 -13.04 -2.70 3.39
C VAL D 295 -13.01 -2.07 4.79
N THR D 296 -14.19 -1.79 5.35
CA THR D 296 -14.25 -1.26 6.69
C THR D 296 -13.69 -2.25 7.69
N PHE D 297 -14.02 -3.51 7.55
CA PHE D 297 -13.48 -4.48 8.52
C PHE D 297 -11.96 -4.65 8.37
N SER D 298 -11.50 -4.81 7.12
CA SER D 298 -10.05 -4.89 6.84
C SER D 298 -9.39 -3.66 7.46
N GLY D 299 -10.07 -2.53 7.38
CA GLY D 299 -9.61 -1.26 7.97
C GLY D 299 -9.44 -1.30 9.48
N ILE D 300 -10.35 -1.94 10.20
CA ILE D 300 -10.15 -2.02 11.65
C ILE D 300 -8.98 -2.99 12.02
N LEU D 301 -8.85 -4.08 11.29
CA LEU D 301 -7.74 -5.00 11.51
C LEU D 301 -6.42 -4.24 11.34
N ARG D 302 -6.37 -3.40 10.29
CA ARG D 302 -5.25 -2.56 9.95
C ARG D 302 -4.96 -1.58 11.09
N ARG D 303 -6.00 -0.99 11.64
CA ARG D 303 -5.86 -0.06 12.74
C ARG D 303 -5.29 -0.78 13.96
N ILE D 304 -5.79 -2.00 14.22
CA ILE D 304 -5.32 -2.77 15.36
C ILE D 304 -3.82 -3.10 15.14
N ALA D 305 -3.46 -3.48 13.92
CA ALA D 305 -2.08 -3.79 13.57
C ALA D 305 -1.16 -2.57 13.75
N VAL D 306 -1.60 -1.40 13.29
CA VAL D 306 -0.78 -0.18 13.51
C VAL D 306 -0.46 0.06 15.02
N LYS D 307 -1.46 -0.10 15.89
CA LYS D 307 -1.28 0.15 17.33
C LYS D 307 -0.38 -0.89 17.95
N LEU D 308 -0.63 -2.14 17.56
CA LEU D 308 0.07 -3.28 18.13
C LEU D 308 1.53 -3.23 17.73
N SER D 309 1.79 -2.82 16.48
CA SER D 309 3.17 -2.77 16.03
C SER D 309 3.95 -1.66 16.78
N LYS D 310 3.30 -0.51 16.97
CA LYS D 310 3.88 0.60 17.76
C LYS D 310 4.21 0.11 19.18
N ILE D 311 3.26 -0.61 19.79
CA ILE D 311 3.46 -1.14 21.13
C ILE D 311 4.61 -2.17 21.14
N ALA D 312 4.64 -3.06 20.15
CA ALA D 312 5.76 -4.00 20.03
C ALA D 312 7.08 -3.25 19.92
N ASN D 313 7.09 -2.19 19.10
CA ASN D 313 8.27 -1.36 18.95
C ASN D 313 8.81 -0.74 20.23
N ASP D 314 7.89 -0.18 21.03
CA ASP D 314 8.14 0.32 22.40
C ASP D 314 8.74 -0.73 23.30
N LEU D 315 8.16 -1.93 23.27
CA LEU D 315 8.68 -3.07 24.09
C LEU D 315 10.12 -3.45 23.71
N ARG D 316 10.39 -3.48 22.41
CA ARG D 316 11.74 -3.78 21.93
C ARG D 316 12.74 -2.66 22.32
N LEU D 317 12.27 -1.42 22.28
CA LEU D 317 13.09 -0.26 22.62
C LEU D 317 13.38 -0.16 24.14
N LEU D 318 12.33 -0.35 24.94
CA LEU D 318 12.47 -0.31 26.40
C LEU D 318 13.30 -1.46 26.95
N SER D 319 13.38 -2.54 26.18
CA SER D 319 14.17 -3.69 26.65
C SER D 319 15.55 -3.75 26.00
N SER D 320 15.92 -2.71 25.25
CA SER D 320 17.25 -2.63 24.63
C SER D 320 18.37 -2.68 25.69
N GLY D 321 19.50 -3.27 25.31
CA GLY D 321 20.66 -3.39 26.21
C GLY D 321 21.29 -4.77 26.20
N PRO D 322 21.62 -5.31 27.39
CA PRO D 322 21.17 -4.77 28.69
C PRO D 322 21.96 -3.58 29.26
N ARG D 323 23.14 -3.29 28.70
CA ARG D 323 23.95 -2.21 29.25
C ARG D 323 23.92 -0.93 28.42
N SER D 324 23.97 -1.05 27.12
CA SER D 324 24.10 0.16 26.31
C SER D 324 22.83 0.55 25.55
N GLY D 325 21.67 0.18 26.08
CA GLY D 325 20.40 0.58 25.46
C GLY D 325 19.62 1.29 26.53
N LEU D 326 18.30 1.18 26.48
CA LEU D 326 17.45 1.76 27.52
C LEU D 326 17.41 0.93 28.81
N GLY D 327 17.24 -0.38 28.67
CA GLY D 327 17.33 -1.31 29.79
C GLY D 327 16.29 -1.15 30.89
N GLU D 328 15.16 -0.55 30.55
CA GLU D 328 14.09 -0.29 31.53
C GLU D 328 13.22 -1.49 31.85
N ILE D 329 13.01 -2.38 30.89
CA ILE D 329 12.33 -3.66 31.18
C ILE D 329 13.11 -4.86 30.68
N ARG D 330 12.78 -6.03 31.21
CA ARG D 330 13.30 -7.30 30.68
C ARG D 330 12.13 -8.15 30.26
N LEU D 331 12.23 -8.68 29.05
CA LEU D 331 11.21 -9.56 28.49
C LEU D 331 11.54 -11.00 28.91
N PRO D 332 10.53 -11.84 29.17
CA PRO D 332 10.91 -13.24 29.49
C PRO D 332 11.66 -13.86 28.32
N ALA D 333 12.65 -14.70 28.61
CA ALA D 333 13.35 -15.41 27.55
C ALA D 333 12.56 -16.66 27.19
N VAL D 334 12.31 -16.84 25.89
CA VAL D 334 11.46 -17.95 25.44
C VAL D 334 12.21 -18.95 24.58
N GLN D 335 13.42 -18.55 24.18
CA GLN D 335 14.34 -19.38 23.42
C GLN D 335 15.68 -19.22 24.12
N PRO D 336 16.51 -20.28 24.12
CA PRO D 336 17.76 -20.23 24.89
C PRO D 336 18.73 -19.21 24.31
N GLY D 337 19.50 -18.56 25.16
CA GLY D 337 20.57 -17.68 24.69
C GLY D 337 21.94 -18.33 24.84
N SER D 338 22.98 -17.62 24.40
CA SER D 338 24.33 -18.13 24.52
C SER D 338 24.83 -17.91 25.94
N SER D 339 25.45 -18.96 26.49
CA SER D 339 26.04 -18.93 27.84
C SER D 339 27.14 -17.87 27.98
N ILE D 340 27.95 -17.70 26.92
CA ILE D 340 28.97 -16.64 26.87
C ILE D 340 28.40 -15.22 26.70
N MET D 341 27.16 -15.12 26.22
CA MET D 341 26.50 -13.81 26.06
C MET D 341 25.28 -13.63 27.01
N PRO D 342 25.50 -13.69 28.35
CA PRO D 342 24.40 -13.53 29.27
C PRO D 342 23.84 -12.12 29.18
N GLY D 343 22.59 -11.95 29.56
CA GLY D 343 21.99 -10.63 29.53
C GLY D 343 21.33 -10.31 28.19
N LYS D 344 21.89 -10.81 27.09
CA LYS D 344 21.31 -10.65 25.75
C LYS D 344 19.95 -11.35 25.71
N VAL D 345 18.89 -10.59 25.47
CA VAL D 345 17.56 -11.17 25.26
C VAL D 345 17.01 -10.51 23.99
N ASN D 346 17.07 -11.24 22.89
CA ASN D 346 16.42 -10.80 21.66
C ASN D 346 14.90 -10.82 21.85
N PRO D 347 14.22 -9.72 21.48
CA PRO D 347 12.77 -9.57 21.81
C PRO D 347 11.92 -10.30 20.79
N VAL D 348 12.05 -11.63 20.77
CA VAL D 348 11.53 -12.40 19.64
C VAL D 348 9.99 -12.41 19.51
N ILE D 349 9.27 -12.38 20.61
CA ILE D 349 7.82 -12.30 20.56
C ILE D 349 7.35 -10.95 19.93
N PRO D 350 7.78 -9.80 20.49
CA PRO D 350 7.45 -8.53 19.82
C PRO D 350 7.86 -8.52 18.33
N GLU D 351 9.02 -9.08 18.00
CA GLU D 351 9.44 -9.09 16.59
C GLU D 351 8.42 -9.86 15.73
N SER D 352 7.90 -10.97 16.26
CA SER D 352 6.96 -11.80 15.49
C SER D 352 5.64 -11.03 15.35
N VAL D 353 5.32 -10.24 16.38
CA VAL D 353 4.15 -9.36 16.33
C VAL D 353 4.33 -8.29 15.25
N ASN D 354 5.50 -7.67 15.20
CA ASN D 354 5.74 -6.67 14.13
C ASN D 354 5.50 -7.31 12.73
N GLN D 355 6.01 -8.51 12.52
CA GLN D 355 5.90 -9.14 11.21
C GLN D 355 4.43 -9.38 10.89
N VAL D 356 3.66 -9.86 11.88
CA VAL D 356 2.23 -10.06 11.64
C VAL D 356 1.54 -8.71 11.26
N CYS D 357 1.88 -7.64 11.98
CA CYS D 357 1.26 -6.36 11.68
C CYS D 357 1.61 -5.85 10.26
N TYR D 358 2.85 -6.06 9.82
CA TYR D 358 3.21 -5.63 8.48
C TYR D 358 2.47 -6.49 7.44
N GLN D 359 2.27 -7.77 7.74
CA GLN D 359 1.46 -8.63 6.89
C GLN D 359 0.01 -8.14 6.77
N VAL D 360 -0.60 -7.80 7.89
CA VAL D 360 -2.00 -7.34 7.93
C VAL D 360 -2.16 -6.03 7.12
N ILE D 361 -1.21 -5.12 7.25
CA ILE D 361 -1.26 -3.85 6.53
C ILE D 361 -1.17 -4.12 5.01
N GLY D 362 -0.31 -5.05 4.62
CA GLY D 362 -0.15 -5.38 3.24
C GLY D 362 -1.39 -6.06 2.68
N ASN D 363 -1.94 -7.02 3.44
CA ASN D 363 -3.20 -7.65 3.12
C ASN D 363 -4.38 -6.69 2.97
N ASP D 364 -4.43 -5.64 3.78
CA ASP D 364 -5.45 -4.61 3.69
C ASP D 364 -5.35 -3.88 2.35
N LEU D 365 -4.13 -3.68 1.85
CA LEU D 365 -3.94 -3.10 0.51
C LEU D 365 -4.47 -4.06 -0.60
N THR D 366 -4.13 -5.33 -0.47
CA THR D 366 -4.71 -6.36 -1.36
C THR D 366 -6.25 -6.28 -1.42
N VAL D 367 -6.88 -6.21 -0.24
CA VAL D 367 -8.34 -6.04 -0.14
C VAL D 367 -8.84 -4.74 -0.81
N THR D 368 -8.13 -3.63 -0.59
CA THR D 368 -8.50 -2.35 -1.18
C THR D 368 -8.52 -2.45 -2.68
N MET D 369 -7.49 -3.07 -3.25
CA MET D 369 -7.40 -3.26 -4.72
C MET D 369 -8.48 -4.15 -5.32
N ALA D 370 -8.72 -5.30 -4.66
CA ALA D 370 -9.83 -6.19 -5.03
C ALA D 370 -11.18 -5.46 -4.99
N ALA D 371 -11.35 -4.63 -3.97
CA ALA D 371 -12.63 -3.99 -3.70
C ALA D 371 -12.88 -2.95 -4.76
N GLU D 372 -11.84 -2.18 -5.06
CA GLU D 372 -11.92 -1.08 -6.02
C GLU D 372 -12.16 -1.63 -7.42
N SER D 373 -11.85 -2.91 -7.61
CA SER D 373 -11.92 -3.51 -8.96
C SER D 373 -13.25 -4.19 -9.34
N GLY D 374 -14.31 -3.95 -8.57
CA GLY D 374 -15.61 -4.54 -8.91
C GLY D 374 -16.12 -3.92 -10.21
N GLN D 375 -16.97 -4.64 -10.93
CA GLN D 375 -17.47 -4.12 -12.20
C GLN D 375 -18.96 -4.37 -12.32
N LEU D 376 -19.71 -3.26 -12.44
CA LEU D 376 -21.14 -3.32 -12.69
C LEU D 376 -21.79 -4.19 -11.57
N GLN D 377 -22.44 -5.30 -11.92
CA GLN D 377 -23.27 -6.06 -10.95
C GLN D 377 -22.53 -7.18 -10.19
N LEU D 378 -21.22 -7.16 -10.18
CA LEU D 378 -20.48 -8.15 -9.39
C LEU D 378 -19.09 -7.64 -9.08
N ASN D 379 -18.60 -7.98 -7.90
CA ASN D 379 -17.16 -7.95 -7.65
C ASN D 379 -16.69 -9.39 -7.83
N ALA D 380 -15.77 -9.59 -8.79
CA ALA D 380 -15.30 -10.94 -9.11
C ALA D 380 -14.26 -11.49 -8.11
N PHE D 381 -13.90 -10.72 -7.10
CA PHE D 381 -12.66 -11.01 -6.34
C PHE D 381 -12.84 -11.31 -4.84
N GLU D 382 -14.06 -11.68 -4.43
CA GLU D 382 -14.35 -12.05 -3.06
C GLU D 382 -13.57 -13.26 -2.51
N PRO D 383 -13.22 -14.27 -3.38
CA PRO D 383 -12.31 -15.34 -2.91
C PRO D 383 -11.01 -14.77 -2.32
N LEU D 384 -10.42 -13.78 -3.02
CA LEU D 384 -9.20 -13.13 -2.56
C LEU D 384 -9.45 -12.32 -1.26
N ILE D 385 -10.51 -11.53 -1.29
CA ILE D 385 -10.91 -10.76 -0.11
C ILE D 385 -11.13 -11.66 1.15
N VAL D 386 -11.96 -12.70 1.04
CA VAL D 386 -12.27 -13.49 2.23
C VAL D 386 -10.99 -14.19 2.70
N TYR D 387 -10.17 -14.67 1.76
CA TYR D 387 -8.91 -15.31 2.11
C TYR D 387 -7.97 -14.40 2.95
N ASN D 388 -7.83 -13.15 2.50
CA ASN D 388 -6.99 -12.16 3.17
C ASN D 388 -7.54 -11.77 4.53
N ILE D 389 -8.85 -11.54 4.64
CA ILE D 389 -9.41 -11.07 5.91
C ILE D 389 -9.37 -12.20 6.98
N LEU D 390 -9.81 -13.41 6.62
CA LEU D 390 -9.66 -14.56 7.55
C LEU D 390 -8.21 -14.82 7.99
N SER D 391 -7.26 -14.75 7.07
CA SER D 391 -5.85 -14.89 7.39
C SER D 391 -5.44 -13.81 8.37
N SER D 392 -5.78 -12.56 8.06
CA SER D 392 -5.39 -11.45 8.92
C SER D 392 -6.02 -11.64 10.32
N MET D 393 -7.28 -12.08 10.37
CA MET D 393 -7.92 -12.34 11.67
C MET D 393 -7.17 -13.39 12.52
N ARG D 394 -6.80 -14.50 11.91
CA ARG D 394 -6.06 -15.59 12.57
C ARG D 394 -4.70 -15.06 13.04
N LEU D 395 -3.96 -14.43 12.13
CA LEU D 395 -2.67 -13.80 12.45
C LEU D 395 -2.74 -12.86 13.63
N LEU D 396 -3.71 -11.96 13.61
CA LEU D 396 -3.84 -10.99 14.70
C LEU D 396 -4.22 -11.62 16.03
N GLY D 397 -5.21 -12.52 16.03
CA GLY D 397 -5.64 -13.20 17.29
C GLY D 397 -4.49 -13.93 17.96
N ARG D 398 -3.73 -14.63 17.15
CA ARG D 398 -2.67 -15.42 17.69
C ARG D 398 -1.49 -14.58 18.15
N ALA D 399 -1.18 -13.53 17.39
CA ALA D 399 -0.14 -12.57 17.77
C ALA D 399 -0.47 -11.91 19.13
N MET D 400 -1.72 -11.49 19.32
CA MET D 400 -2.13 -10.87 20.56
C MET D 400 -2.11 -11.87 21.72
N THR D 401 -2.59 -13.08 21.45
CA THR D 401 -2.52 -14.19 22.41
C THR D 401 -1.07 -14.49 22.87
N ASN D 402 -0.18 -14.66 21.90
CA ASN D 402 1.23 -14.99 22.14
C ASN D 402 1.90 -13.84 22.88
N LEU D 403 1.63 -12.60 22.46
CA LEU D 403 2.20 -11.43 23.12
C LEU D 403 1.83 -11.36 24.60
N ALA D 404 0.56 -11.64 24.90
CA ALA D 404 0.08 -11.61 26.30
C ALA D 404 0.69 -12.75 27.12
N GLU D 405 0.62 -13.97 26.58
CA GLU D 405 0.99 -15.17 27.30
C GLU D 405 2.49 -15.40 27.35
N ARG D 406 3.19 -15.13 26.25
CA ARG D 406 4.59 -15.53 26.19
C ARG D 406 5.57 -14.38 26.41
N CYS D 407 5.05 -13.19 26.68
CA CYS D 407 5.85 -11.98 26.79
C CYS D 407 5.32 -11.04 27.89
N VAL D 408 4.17 -10.39 27.65
CA VAL D 408 3.66 -9.39 28.61
C VAL D 408 3.57 -9.92 30.04
N ASP D 409 2.96 -11.09 30.22
CA ASP D 409 2.76 -11.69 31.54
C ASP D 409 4.09 -11.90 32.33
N GLY D 410 5.21 -12.06 31.66
CA GLY D 410 6.48 -12.23 32.39
C GLY D 410 7.40 -11.01 32.38
N ILE D 411 6.89 -9.85 31.97
CA ILE D 411 7.76 -8.69 31.88
C ILE D 411 8.24 -8.25 33.26
N GLU D 412 9.54 -8.01 33.38
CA GLU D 412 10.11 -7.49 34.60
C GLU D 412 10.53 -6.03 34.39
N ALA D 413 10.38 -5.20 35.41
CA ALA D 413 10.91 -3.84 35.39
C ALA D 413 12.28 -3.85 36.04
N ASN D 414 13.28 -3.26 35.36
CA ASN D 414 14.58 -3.00 36.01
CA ASN D 414 14.56 -3.02 35.99
C ASN D 414 14.38 -1.70 36.74
N VAL D 415 13.92 -1.82 37.98
CA VAL D 415 13.42 -0.66 38.73
C VAL D 415 14.49 0.42 39.00
N GLU D 416 15.72 0.01 39.31
CA GLU D 416 16.70 1.03 39.63
CA GLU D 416 16.81 0.95 39.63
C GLU D 416 17.18 1.72 38.36
N ARG D 417 17.26 1.01 37.24
CA ARG D 417 17.59 1.69 36.00
C ARG D 417 16.48 2.68 35.59
N CYS D 418 15.21 2.31 35.77
CA CYS D 418 14.09 3.24 35.51
C CYS D 418 14.24 4.50 36.38
N ARG D 419 14.54 4.30 37.67
CA ARG D 419 14.68 5.39 38.64
C ARG D 419 15.78 6.38 38.24
N ALA D 420 16.94 5.84 37.90
CA ALA D 420 18.08 6.65 37.50
C ALA D 420 17.74 7.54 36.29
N GLY D 421 17.00 6.99 35.31
CA GLY D 421 16.50 7.83 34.21
C GLY D 421 15.69 9.03 34.69
N ALA D 422 14.76 8.81 35.59
CA ALA D 422 13.90 9.88 36.06
C ALA D 422 14.66 10.94 36.92
N GLU D 423 15.62 10.47 37.73
CA GLU D 423 16.40 11.35 38.62
C GLU D 423 17.44 12.14 37.85
N GLU D 424 17.85 11.62 36.69
CA GLU D 424 18.76 12.33 35.79
C GLU D 424 18.06 13.38 34.89
N SER D 425 16.75 13.53 35.04
CA SER D 425 15.97 14.47 34.23
C SER D 425 16.33 15.94 34.47
N ILE D 426 16.72 16.64 33.40
CA ILE D 426 16.90 18.10 33.48
C ILE D 426 15.58 18.86 33.73
N SER D 427 14.45 18.24 33.40
CA SER D 427 13.13 18.85 33.63
C SER D 427 12.89 19.17 35.11
N LEU D 428 13.59 18.45 35.97
CA LEU D 428 13.47 18.63 37.42
C LEU D 428 13.82 20.04 37.91
N ALA D 429 14.70 20.73 37.16
CA ALA D 429 15.06 22.13 37.44
C ALA D 429 13.84 23.04 37.45
N THR D 430 12.89 22.75 36.57
CA THR D 430 11.67 23.53 36.42
C THR D 430 10.88 23.64 37.74
N ALA D 431 10.91 22.57 38.54
CA ALA D 431 10.29 22.58 39.86
C ALA D 431 10.87 23.66 40.77
N LEU D 432 12.14 23.98 40.57
CA LEU D 432 12.85 24.87 41.48
C LEU D 432 12.48 26.35 41.35
N VAL D 433 11.66 26.67 40.35
CA VAL D 433 11.30 28.05 39.97
C VAL D 433 11.22 29.07 41.12
N PRO D 434 10.56 28.70 42.25
CA PRO D 434 10.69 29.51 43.50
C PRO D 434 12.10 29.51 44.14
N VAL D 435 13.12 29.96 43.38
CA VAL D 435 14.49 30.10 43.87
C VAL D 435 15.39 30.77 42.84
N ALA D 439 14.83 30.50 36.00
CA ALA D 439 15.53 31.77 35.94
C ALA D 439 16.93 31.61 36.50
N ARG D 440 17.03 31.47 37.82
CA ARG D 440 18.26 30.97 38.44
C ARG D 440 18.25 29.45 38.30
N ALA D 441 17.03 28.90 38.19
CA ALA D 441 16.79 27.47 37.95
C ALA D 441 17.46 27.00 36.66
N ALA D 442 17.36 27.82 35.62
CA ALA D 442 18.04 27.59 34.35
C ALA D 442 19.57 27.43 34.49
N GLU D 443 20.15 28.05 35.52
CA GLU D 443 21.60 27.95 35.74
C GLU D 443 21.96 26.62 36.41
N ILE D 444 21.08 26.12 37.28
CA ILE D 444 21.27 24.78 37.87
C ILE D 444 21.17 23.69 36.79
N ALA D 445 20.18 23.85 35.89
CA ALA D 445 19.99 22.97 34.71
C ALA D 445 21.21 22.92 33.78
N LYS D 446 21.73 24.11 33.41
CA LYS D 446 22.98 24.22 32.66
C LYS D 446 24.17 23.52 33.37
N GLN D 447 24.32 23.77 34.67
CA GLN D 447 25.43 23.19 35.45
C GLN D 447 25.34 21.67 35.53
N ALA D 448 24.14 21.15 35.84
CA ALA D 448 23.87 19.70 35.83
C ALA D 448 24.12 19.03 34.46
N LEU D 449 23.66 19.65 33.38
CA LEU D 449 23.88 19.07 32.05
C LEU D 449 25.37 18.81 31.83
N ALA D 450 26.19 19.85 32.01
CA ALA D 450 27.64 19.77 31.73
C ALA D 450 28.40 18.97 32.78
N SER D 451 28.04 19.14 34.05
CA SER D 451 28.70 18.44 35.17
C SER D 451 28.45 16.94 35.21
N GLY D 452 27.35 16.51 34.58
CA GLY D 452 26.95 15.10 34.58
C GLY D 452 26.25 14.63 35.84
N GLN D 453 25.79 15.55 36.67
CA GLN D 453 25.14 15.22 37.94
C GLN D 453 23.62 15.49 37.89
N THR D 454 22.90 14.96 38.87
CA THR D 454 21.46 15.18 38.98
C THR D 454 21.12 16.59 39.49
N VAL D 455 19.89 17.03 39.23
CA VAL D 455 19.40 18.33 39.71
C VAL D 455 19.05 18.28 41.21
N MET D 456 19.02 17.08 41.79
CA MET D 456 18.91 16.96 43.24
C MET D 456 20.28 17.24 43.81
N GLU D 457 21.32 16.78 43.09
CA GLU D 457 22.70 16.91 43.53
C GLU D 457 23.23 18.34 43.44
N VAL D 458 22.84 19.06 42.39
CA VAL D 458 23.34 20.42 42.18
C VAL D 458 22.66 21.44 43.13
N ALA D 459 21.40 21.22 43.45
CA ALA D 459 20.59 22.17 44.24
C ALA D 459 20.91 22.24 45.74
N ILE D 460 21.52 21.18 46.27
CA ILE D 460 22.03 21.22 47.65
C ILE D 460 23.06 22.35 47.73
N SER D 461 23.99 22.35 46.77
CA SER D 461 25.02 23.37 46.62
C SER D 461 24.46 24.66 46.03
CL CL E . -7.51 23.09 4.95
C1 EDO F . -2.14 15.53 -0.77
O1 EDO F . -2.76 14.97 -1.90
C2 EDO F . -0.65 15.36 -0.89
O2 EDO F . -0.35 14.24 -0.07
C1 EDO G . 1.16 14.06 -3.53
O1 EDO G . 0.90 13.39 -4.76
C2 EDO G . 2.33 14.97 -3.85
O2 EDO G . 3.30 14.71 -2.87
CL CL H . 9.82 -21.97 -1.92
C1 EDO I . 1.73 -14.24 2.11
O1 EDO I . 2.13 -12.89 2.00
C2 EDO I . 2.01 -14.94 0.80
O2 EDO I . 1.33 -14.31 -0.27
CL CL J . 8.44 20.29 -11.74
CL CL K . -10.58 -19.86 8.78
C1 EDO L . -15.35 -36.34 -23.49
O1 EDO L . -15.93 -35.13 -22.97
C2 EDO L . -13.83 -36.20 -23.52
O2 EDO L . -13.51 -35.07 -24.39
C1 EDO M . -2.18 -14.44 3.88
O1 EDO M . -1.94 -13.56 4.97
C2 EDO M . -1.72 -13.66 2.66
O2 EDO M . -2.95 -13.18 2.13
#